data_6O8G
#
_entry.id   6O8G
#
_cell.length_a   170.685
_cell.length_b   201.181
_cell.length_c   62.664
_cell.angle_alpha   90.000
_cell.angle_beta   90.000
_cell.angle_gamma   90.000
#
_symmetry.space_group_name_H-M   'P 21 21 2'
#
loop_
_entity.id
_entity.type
_entity.pdbx_description
1 polymer 'UvrABC system protein B'
2 polymer "DNA (5'-D(*TP*CP*TP*CP*CP*AP*TP*CP*GP*CP*GP*CP*TP*AP*C)-3')"
3 polymer "DNA (5'-D(*GP*GP*TP*AP*GP*CP*GP*CP*GP*AP*TP*GP*GP*AP*GP*A)-3')"
4 non-polymer "ADENOSINE-5'-DIPHOSPHATE"
5 non-polymer 'CHLORIDE ION'
6 non-polymer 'SODIUM ION'
7 water water
#
loop_
_entity_poly.entity_id
_entity_poly.type
_entity_poly.pdbx_seq_one_letter_code
_entity_poly.pdbx_strand_id
1 'polypeptide(L)'
;VEGRFQLVAPYEPQGDQPQAIAKLVDGLRRGVKHQTLLGATGTGKTFTISNVIAQVNKPTLVIAHNKTLAGQLYSELKEF
FPHNAVEYFVCYYDYYQPEAYVPQTDTYIEKDAKINDEIDKLRHSATSALFERRDVIIVASVSSIYGLGSPEEYRELVVS
LRVGMEIERNALLRRLVDIQYDRNDIDFRRGTFRVRGDVVEIFPASRDEHSIRVEFFGDEIERIREVDALTGEVLGEREH
VAIFPASHFVTREEKMRLAIQNIEQELEERLAELRAQGKLLEAQRLEQRTRYDLEMMREMGFSSGIENYSRHLALRPPGS
TPYTLLDYFPDDFLIIVDESHVTLPQLRGMYNGDRARKQVLVDHGFRLPSALDNRPLTFEEFEQKINQIIYVSATPGPYE
LEHSPGVVEQIIRPTGLLDPTIDVRPTKGQIDDLIGEIRERVERNERTLVTTLTKKMAEDLTDYLKEAGIKVAYLHSEIK
TLERIEIIRDLRLGKYDVLVGINLLREGLDIPEVSLVAILDADKEGFLRSERSLIQTIGRAARNANGHVIMYADTITKSM
EIAIQETKRRRAIQEEYNRKHGIVPRTVKKEIR
;
A,B,C
2 'polydeoxyribonucleotide' (DT)(DC)(DT)(DC)(DC)(DA)(DT)(DC)(DG)(DC)(DG)(DC)(DT)(DA)(DC) D,F,H
3 'polydeoxyribonucleotide' (DG)(DG)(DT)(DA)(DG)(DC)(DG)(DC)(DG)(DA)(DT)(DG)(DG)(DA)(DG)(DA) E,G,I
#
# COMPACT_ATOMS: atom_id res chain seq x y z
N GLU A 2 -34.09 2.07 2.33
CA GLU A 2 -33.33 1.59 1.14
C GLU A 2 -34.10 1.88 -0.15
N GLY A 3 -34.45 3.17 -0.32
CA GLY A 3 -35.34 3.61 -1.39
C GLY A 3 -34.71 3.79 -2.76
N ARG A 4 -35.41 4.56 -3.60
CA ARG A 4 -35.03 4.77 -4.99
C ARG A 4 -35.18 6.22 -5.42
N PHE A 5 -34.24 6.69 -6.22
CA PHE A 5 -34.30 8.06 -6.69
C PHE A 5 -35.46 8.22 -7.65
N GLN A 6 -36.27 9.25 -7.41
CA GLN A 6 -37.34 9.63 -8.31
C GLN A 6 -37.08 11.04 -8.83
N LEU A 7 -36.59 11.11 -10.05
CA LEU A 7 -36.31 12.38 -10.72
C LEU A 7 -37.59 13.13 -11.10
N VAL A 8 -37.70 14.36 -10.61
CA VAL A 8 -38.87 15.20 -10.85
C VAL A 8 -38.48 16.44 -11.65
N ALA A 9 -38.78 16.42 -12.94
CA ALA A 9 -38.50 17.54 -13.84
C ALA A 9 -39.66 17.80 -14.79
N PRO A 10 -40.01 19.09 -15.00
CA PRO A 10 -41.05 19.42 -15.97
C PRO A 10 -40.60 19.23 -17.43
N TYR A 11 -39.33 18.91 -17.64
CA TYR A 11 -38.79 18.64 -18.97
C TYR A 11 -38.00 17.34 -18.99
N GLU A 12 -37.66 16.90 -20.20
CA GLU A 12 -36.87 15.69 -20.43
C GLU A 12 -35.58 16.03 -21.17
N PRO A 13 -34.58 15.13 -21.13
CA PRO A 13 -33.28 15.42 -21.74
C PRO A 13 -33.37 15.92 -23.17
N GLN A 14 -32.66 17.00 -23.45
CA GLN A 14 -32.61 17.60 -24.79
C GLN A 14 -31.18 17.90 -25.20
N GLY A 15 -31.00 18.38 -26.43
CA GLY A 15 -29.68 18.71 -26.94
C GLY A 15 -28.84 17.46 -27.13
N ASP A 16 -27.67 17.44 -26.52
CA ASP A 16 -26.83 16.24 -26.53
C ASP A 16 -26.71 15.68 -25.12
N GLN A 17 -27.71 15.94 -24.29
CA GLN A 17 -27.85 15.32 -22.98
C GLN A 17 -28.12 13.80 -23.05
N PRO A 18 -28.97 13.35 -24.01
CA PRO A 18 -29.16 11.91 -24.12
C PRO A 18 -27.85 11.14 -24.29
N GLN A 19 -27.05 11.53 -25.26
CA GLN A 19 -25.79 10.83 -25.52
C GLN A 19 -24.82 10.97 -24.34
N ALA A 20 -24.90 12.07 -23.60
CA ALA A 20 -24.03 12.30 -22.47
C ALA A 20 -24.44 11.46 -21.26
N ILE A 21 -25.73 11.49 -20.95
CA ILE A 21 -26.33 10.65 -19.89
C ILE A 21 -26.07 9.16 -20.12
N ALA A 22 -26.26 8.71 -21.36
CA ALA A 22 -26.12 7.31 -21.73
C ALA A 22 -24.68 6.80 -21.71
N LYS A 23 -23.72 7.61 -22.14
CA LYS A 23 -22.31 7.22 -22.12
C LYS A 23 -21.75 7.15 -20.70
N LEU A 24 -22.19 8.07 -19.85
CA LEU A 24 -21.80 8.07 -18.44
C LEU A 24 -22.39 6.85 -17.72
N VAL A 25 -23.68 6.61 -17.91
CA VAL A 25 -24.34 5.46 -17.30
C VAL A 25 -23.73 4.16 -17.79
N ASP A 26 -23.35 4.10 -19.07
CA ASP A 26 -22.74 2.89 -19.62
C ASP A 26 -21.40 2.61 -18.94
N GLY A 27 -20.58 3.64 -18.81
CA GLY A 27 -19.26 3.52 -18.18
C GLY A 27 -19.33 3.13 -16.71
N LEU A 28 -20.31 3.66 -16.00
CA LEU A 28 -20.52 3.26 -14.61
C LEU A 28 -20.90 1.80 -14.49
N ARG A 29 -21.77 1.34 -15.39
CA ARG A 29 -22.21 -0.07 -15.40
C ARG A 29 -21.16 -1.02 -15.95
N ARG A 30 -20.20 -0.49 -16.70
CA ARG A 30 -18.99 -1.24 -17.11
C ARG A 30 -17.84 -1.11 -16.10
N GLY A 31 -18.12 -0.55 -14.93
CA GLY A 31 -17.11 -0.43 -13.86
C GLY A 31 -15.96 0.52 -14.13
N VAL A 32 -16.17 1.50 -14.99
CA VAL A 32 -15.13 2.49 -15.30
C VAL A 32 -14.96 3.38 -14.07
N LYS A 33 -13.73 3.48 -13.57
CA LYS A 33 -13.46 4.20 -12.33
C LYS A 33 -13.52 5.71 -12.54
N HIS A 34 -12.82 6.20 -13.56
CA HIS A 34 -12.74 7.63 -13.85
C HIS A 34 -13.42 8.00 -15.15
N GLN A 35 -14.25 9.04 -15.09
CA GLN A 35 -14.93 9.57 -16.25
C GLN A 35 -14.97 11.08 -16.17
N THR A 36 -14.90 11.75 -17.32
CA THR A 36 -14.98 13.21 -17.41
C THR A 36 -16.15 13.66 -18.28
N LEU A 37 -17.02 14.50 -17.73
CA LEU A 37 -18.02 15.19 -18.50
C LEU A 37 -17.49 16.57 -18.88
N LEU A 38 -17.05 16.73 -20.13
CA LEU A 38 -16.64 18.03 -20.69
C LEU A 38 -17.88 18.77 -21.16
N GLY A 39 -18.49 19.50 -20.26
CA GLY A 39 -19.78 20.13 -20.51
C GLY A 39 -19.68 21.64 -20.51
N ALA A 40 -19.95 22.24 -21.66
CA ALA A 40 -19.90 23.68 -21.80
C ALA A 40 -20.89 24.32 -20.85
N THR A 41 -20.59 25.54 -20.43
CA THR A 41 -21.48 26.29 -19.57
C THR A 41 -22.83 26.45 -20.26
N GLY A 42 -23.91 26.44 -19.49
CA GLY A 42 -25.26 26.63 -20.03
C GLY A 42 -25.94 25.39 -20.59
N THR A 43 -25.17 24.34 -20.90
CA THR A 43 -25.76 23.03 -21.19
C THR A 43 -26.20 22.51 -19.83
N GLY A 44 -27.32 21.80 -19.75
CA GLY A 44 -27.90 21.47 -18.42
C GLY A 44 -27.17 20.40 -17.61
N LYS A 45 -26.06 20.78 -16.99
CA LYS A 45 -25.15 19.81 -16.35
C LYS A 45 -25.68 19.19 -15.05
N THR A 46 -26.33 19.98 -14.21
CA THR A 46 -26.93 19.47 -12.99
C THR A 46 -28.10 18.55 -13.30
N PHE A 47 -28.84 18.87 -14.36
CA PHE A 47 -29.89 17.98 -14.84
C PHE A 47 -29.31 16.73 -15.48
N THR A 48 -28.24 16.88 -16.24
CA THR A 48 -27.56 15.73 -16.84
C THR A 48 -27.11 14.75 -15.76
N ILE A 49 -26.38 15.26 -14.78
CA ILE A 49 -25.88 14.46 -13.67
C ILE A 49 -27.02 13.83 -12.87
N SER A 50 -28.07 14.61 -12.60
CA SER A 50 -29.27 14.11 -11.91
C SER A 50 -29.87 12.89 -12.59
N ASN A 51 -29.80 12.86 -13.92
CA ASN A 51 -30.27 11.71 -14.70
C ASN A 51 -29.39 10.48 -14.52
N VAL A 52 -28.07 10.69 -14.53
CA VAL A 52 -27.11 9.61 -14.29
C VAL A 52 -27.33 9.00 -12.89
N ILE A 53 -27.38 9.86 -11.87
CA ILE A 53 -27.60 9.44 -10.48
C ILE A 53 -28.87 8.59 -10.32
N ALA A 54 -29.96 9.01 -10.98
CA ALA A 54 -31.23 8.28 -10.94
C ALA A 54 -31.13 6.91 -11.61
N GLN A 55 -30.36 6.81 -12.68
CA GLN A 55 -30.29 5.58 -13.47
C GLN A 55 -29.37 4.49 -12.89
N VAL A 56 -28.38 4.89 -12.10
CA VAL A 56 -27.56 3.91 -11.38
C VAL A 56 -28.01 3.74 -9.92
N ASN A 57 -28.78 4.71 -9.42
CA ASN A 57 -29.35 4.62 -8.09
C ASN A 57 -28.31 4.21 -7.04
N LYS A 58 -27.25 5.01 -6.95
CA LYS A 58 -26.22 4.82 -5.93
C LYS A 58 -26.23 6.01 -5.00
N PRO A 59 -25.84 5.82 -3.73
CA PRO A 59 -25.58 7.01 -2.91
C PRO A 59 -24.39 7.76 -3.50
N THR A 60 -24.55 9.07 -3.71
CA THR A 60 -23.54 9.83 -4.42
C THR A 60 -23.12 11.05 -3.63
N LEU A 61 -21.81 11.32 -3.71
CA LEU A 61 -21.22 12.46 -3.06
C LEU A 61 -20.83 13.45 -4.12
N VAL A 62 -21.30 14.68 -4.02
CA VAL A 62 -20.87 15.70 -4.98
C VAL A 62 -20.05 16.74 -4.22
N ILE A 63 -18.83 16.95 -4.70
CA ILE A 63 -17.90 17.89 -4.08
C ILE A 63 -17.76 19.16 -4.95
N ALA A 64 -17.99 20.32 -4.33
CA ALA A 64 -17.79 21.62 -4.97
C ALA A 64 -16.61 22.41 -4.32
N HIS A 65 -16.01 23.31 -5.10
CA HIS A 65 -14.83 24.06 -4.65
C HIS A 65 -15.17 25.30 -3.83
N ASN A 66 -16.43 25.73 -3.88
CA ASN A 66 -16.92 26.76 -2.96
C ASN A 66 -18.41 26.64 -2.68
N LYS A 67 -18.82 27.36 -1.64
CA LYS A 67 -20.13 27.16 -1.04
C LYS A 67 -21.27 27.86 -1.75
N THR A 68 -20.98 28.91 -2.49
CA THR A 68 -22.00 29.54 -3.33
C THR A 68 -22.48 28.53 -4.38
N LEU A 69 -21.54 27.84 -5.00
CA LEU A 69 -21.87 26.75 -5.93
C LEU A 69 -22.51 25.57 -5.19
N ALA A 70 -21.89 25.15 -4.09
CA ALA A 70 -22.42 24.07 -3.28
C ALA A 70 -23.89 24.31 -2.91
N GLY A 71 -24.17 25.52 -2.41
CA GLY A 71 -25.53 25.90 -2.04
C GLY A 71 -26.49 25.91 -3.22
N GLN A 72 -26.01 26.32 -4.39
CA GLN A 72 -26.80 26.31 -5.62
C GLN A 72 -27.13 24.88 -6.05
N LEU A 73 -26.12 24.03 -6.09
CA LEU A 73 -26.28 22.61 -6.43
C LEU A 73 -27.25 21.92 -5.48
N TYR A 74 -27.16 22.27 -4.21
CA TYR A 74 -27.99 21.65 -3.17
C TYR A 74 -29.47 22.03 -3.37
N SER A 75 -29.72 23.31 -3.62
CA SER A 75 -31.08 23.80 -3.80
C SER A 75 -31.71 23.20 -5.03
N GLU A 76 -30.95 23.16 -6.13
CA GLU A 76 -31.36 22.51 -7.37
C GLU A 76 -31.62 21.01 -7.23
N LEU A 77 -30.74 20.30 -6.51
CA LEU A 77 -30.91 18.86 -6.35
C LEU A 77 -32.08 18.50 -5.44
N LYS A 78 -32.41 19.36 -4.47
CA LYS A 78 -33.66 19.17 -3.71
C LYS A 78 -34.89 19.31 -4.60
N GLU A 79 -34.81 20.17 -5.60
CA GLU A 79 -35.89 20.37 -6.56
C GLU A 79 -36.09 19.11 -7.40
N PHE A 80 -35.02 18.67 -8.06
CA PHE A 80 -35.07 17.47 -8.91
C PHE A 80 -35.44 16.17 -8.18
N PHE A 81 -35.16 16.10 -6.88
CA PHE A 81 -35.36 14.87 -6.09
C PHE A 81 -36.10 15.18 -4.79
N PRO A 82 -37.37 15.62 -4.89
CA PRO A 82 -38.07 16.12 -3.72
C PRO A 82 -38.38 15.06 -2.65
N HIS A 83 -38.62 13.81 -3.05
CA HIS A 83 -38.91 12.73 -2.08
C HIS A 83 -37.70 11.85 -1.75
N ASN A 84 -36.51 12.36 -1.99
CA ASN A 84 -35.27 11.66 -1.67
C ASN A 84 -34.43 12.47 -0.70
N ALA A 85 -33.43 11.83 -0.13
CA ALA A 85 -32.59 12.45 0.88
C ALA A 85 -31.49 13.25 0.20
N VAL A 86 -31.70 14.55 0.07
CA VAL A 86 -30.67 15.42 -0.47
C VAL A 86 -30.10 16.24 0.68
N GLU A 87 -28.81 16.07 0.92
CA GLU A 87 -28.14 16.58 2.11
C GLU A 87 -27.03 17.57 1.75
N TYR A 88 -26.48 18.22 2.77
CA TYR A 88 -25.50 19.29 2.60
C TYR A 88 -24.45 19.19 3.73
N PHE A 89 -23.20 18.95 3.34
CA PHE A 89 -22.10 18.72 4.27
C PHE A 89 -20.95 19.67 3.98
N VAL A 90 -21.05 20.87 4.54
CA VAL A 90 -20.01 21.89 4.47
C VAL A 90 -19.78 22.36 5.90
N CYS A 91 -19.00 23.40 6.09
CA CYS A 91 -18.95 24.01 7.42
C CYS A 91 -19.07 25.54 7.36
N TYR A 92 -18.91 26.16 8.52
CA TYR A 92 -19.55 27.44 8.87
C TYR A 92 -19.32 28.58 7.86
N TYR A 93 -20.41 29.25 7.51
CA TYR A 93 -20.36 30.48 6.71
C TYR A 93 -21.64 31.29 6.81
N ASP A 94 -21.50 32.60 6.56
CA ASP A 94 -22.59 33.57 6.78
C ASP A 94 -23.15 34.18 5.48
N TYR A 95 -23.65 33.32 4.59
CA TYR A 95 -24.51 33.74 3.49
C TYR A 95 -25.40 32.54 3.10
N TYR A 96 -26.26 32.17 4.05
CA TYR A 96 -26.98 30.87 4.13
C TYR A 96 -26.13 29.87 4.91
N LYS A 114 -30.29 31.12 14.19
CA LYS A 114 -28.85 30.98 13.94
C LYS A 114 -28.55 30.41 12.56
N ILE A 115 -27.28 30.49 12.19
CA ILE A 115 -26.75 29.93 10.94
C ILE A 115 -25.74 28.81 11.24
N ASN A 116 -24.98 28.97 12.31
CA ASN A 116 -23.97 27.99 12.74
C ASN A 116 -24.57 26.63 13.10
N ASP A 117 -25.70 26.66 13.80
CA ASP A 117 -26.38 25.43 14.22
C ASP A 117 -27.18 24.79 13.10
N GLU A 118 -27.74 25.60 12.22
CA GLU A 118 -28.32 25.08 10.97
C GLU A 118 -27.33 24.19 10.19
N ILE A 119 -26.05 24.55 10.18
CA ILE A 119 -25.04 23.83 9.41
C ILE A 119 -24.53 22.57 10.13
N ASP A 120 -24.41 22.64 11.46
CA ASP A 120 -24.09 21.45 12.23
C ASP A 120 -25.24 20.44 12.15
N LYS A 121 -26.48 20.93 12.06
CA LYS A 121 -27.65 20.08 11.92
C LYS A 121 -27.65 19.31 10.63
N LEU A 122 -27.37 20.00 9.53
CA LEU A 122 -27.29 19.37 8.22
C LEU A 122 -26.15 18.33 8.12
N ARG A 123 -25.04 18.58 8.80
CA ARG A 123 -23.93 17.61 8.81
C ARG A 123 -24.34 16.30 9.46
N HIS A 124 -25.09 16.38 10.56
CA HIS A 124 -25.59 15.19 11.24
C HIS A 124 -26.74 14.55 10.46
N SER A 125 -27.52 15.39 9.80
CA SER A 125 -28.58 14.92 8.91
C SER A 125 -27.99 14.18 7.70
N ALA A 126 -26.78 14.57 7.29
CA ALA A 126 -26.09 13.93 6.18
C ALA A 126 -25.59 12.54 6.54
N THR A 127 -24.86 12.45 7.63
CA THR A 127 -24.26 11.19 8.08
C THR A 127 -25.29 10.17 8.56
N SER A 128 -26.36 10.62 9.20
CA SER A 128 -27.40 9.70 9.66
C SER A 128 -28.18 9.13 8.47
N ALA A 129 -28.49 9.97 7.50
CA ALA A 129 -29.17 9.54 6.28
C ALA A 129 -28.49 8.37 5.54
N LEU A 130 -27.17 8.29 5.61
CA LEU A 130 -26.42 7.23 4.93
C LEU A 130 -26.67 5.83 5.48
N PHE A 131 -26.97 5.76 6.76
CA PHE A 131 -27.24 4.49 7.41
C PHE A 131 -28.72 4.14 7.47
N GLU A 132 -29.58 5.12 7.19
CA GLU A 132 -31.02 4.95 7.21
C GLU A 132 -31.62 4.59 5.86
N ARG A 133 -30.96 4.97 4.77
CA ARG A 133 -31.53 4.82 3.44
C ARG A 133 -30.50 4.93 2.33
N ARG A 134 -30.91 4.44 1.16
CA ARG A 134 -30.05 4.23 -0.01
C ARG A 134 -30.08 5.42 -0.98
N ASP A 135 -31.24 6.07 -1.08
CA ASP A 135 -31.44 7.23 -1.95
C ASP A 135 -30.92 8.54 -1.32
N VAL A 136 -29.59 8.64 -1.22
CA VAL A 136 -28.95 9.81 -0.60
C VAL A 136 -28.02 10.54 -1.55
N ILE A 137 -28.15 11.86 -1.61
CA ILE A 137 -27.18 12.71 -2.31
C ILE A 137 -26.66 13.74 -1.31
N ILE A 138 -25.34 13.80 -1.15
CA ILE A 138 -24.72 14.76 -0.25
C ILE A 138 -23.84 15.71 -1.05
N VAL A 139 -24.21 16.99 -1.01
CA VAL A 139 -23.43 18.03 -1.62
C VAL A 139 -22.45 18.50 -0.55
N ALA A 140 -21.18 18.58 -0.89
CA ALA A 140 -20.15 18.85 0.11
C ALA A 140 -19.05 19.76 -0.38
N SER A 141 -18.39 20.41 0.56
CA SER A 141 -17.13 21.10 0.30
C SER A 141 -15.99 20.09 0.52
N VAL A 142 -14.75 20.58 0.55
CA VAL A 142 -13.61 19.74 0.94
C VAL A 142 -13.60 19.33 2.42
N SER A 143 -14.53 19.86 3.23
CA SER A 143 -14.77 19.32 4.57
C SER A 143 -15.05 17.81 4.52
N SER A 144 -15.51 17.33 3.36
CA SER A 144 -15.75 15.91 3.11
C SER A 144 -14.52 15.01 3.25
N ILE A 145 -13.32 15.56 3.08
CA ILE A 145 -12.08 14.79 3.30
C ILE A 145 -11.39 15.13 4.62
N TYR A 146 -12.06 15.86 5.50
CA TYR A 146 -11.53 16.08 6.84
C TYR A 146 -11.94 14.98 7.79
N GLY A 147 -11.16 14.82 8.85
CA GLY A 147 -11.29 13.70 9.77
C GLY A 147 -12.59 13.67 10.54
N LEU A 148 -13.22 12.49 10.60
CA LEU A 148 -14.31 12.21 11.52
C LEU A 148 -13.94 11.00 12.37
N GLY A 149 -14.80 10.66 13.33
CA GLY A 149 -14.66 9.41 14.05
C GLY A 149 -15.17 8.24 13.21
N SER A 150 -14.84 7.02 13.65
CA SER A 150 -15.25 5.82 12.92
C SER A 150 -16.74 5.83 12.62
N PRO A 151 -17.11 5.56 11.36
CA PRO A 151 -18.51 5.38 11.03
C PRO A 151 -19.12 4.09 11.61
N GLU A 152 -18.26 3.14 12.00
CA GLU A 152 -18.71 1.90 12.64
C GLU A 152 -19.21 2.18 14.05
N GLU A 153 -18.38 2.88 14.84
CA GLU A 153 -18.78 3.28 16.20
C GLU A 153 -20.06 4.12 16.16
N TYR A 154 -20.11 5.06 15.23
CA TYR A 154 -21.26 5.95 15.05
C TYR A 154 -22.55 5.16 14.79
N ARG A 155 -22.48 4.14 13.94
CA ARG A 155 -23.66 3.33 13.60
C ARG A 155 -24.06 2.33 14.69
N GLU A 156 -23.08 1.69 15.32
CA GLU A 156 -23.38 0.69 16.34
C GLU A 156 -23.82 1.30 17.67
N LEU A 157 -23.54 2.59 17.87
CA LEU A 157 -23.98 3.30 19.09
C LEU A 157 -25.35 3.95 18.91
N VAL A 158 -25.94 3.79 17.73
CA VAL A 158 -27.29 4.28 17.47
C VAL A 158 -28.30 3.64 18.40
N VAL A 159 -29.12 4.46 19.05
CA VAL A 159 -30.20 3.97 19.90
C VAL A 159 -31.46 3.72 19.06
N SER A 160 -31.73 2.45 18.82
CA SER A 160 -32.87 2.02 18.03
C SER A 160 -34.07 1.68 18.92
N LEU A 161 -35.11 2.52 18.88
CA LEU A 161 -36.25 2.40 19.80
C LEU A 161 -37.50 1.90 19.10
N ARG A 162 -38.13 0.90 19.70
CA ARG A 162 -39.34 0.26 19.16
C ARG A 162 -40.38 0.21 20.27
N VAL A 163 -41.67 0.26 19.90
CA VAL A 163 -42.75 0.12 20.89
C VAL A 163 -42.82 -1.31 21.42
N GLY A 164 -43.09 -1.45 22.71
CA GLY A 164 -43.19 -2.75 23.36
C GLY A 164 -41.84 -3.43 23.52
N MET A 165 -40.80 -2.61 23.60
CA MET A 165 -39.43 -3.07 23.70
C MET A 165 -39.06 -3.17 25.18
N GLU A 166 -38.39 -4.26 25.54
CA GLU A 166 -37.92 -4.45 26.92
C GLU A 166 -36.63 -3.68 27.15
N ILE A 167 -36.75 -2.46 27.67
CA ILE A 167 -35.58 -1.64 27.96
C ILE A 167 -35.82 -0.76 29.19
N GLU A 168 -34.78 -0.61 30.00
CA GLU A 168 -34.87 0.18 31.22
C GLU A 168 -34.61 1.65 30.90
N ARG A 169 -35.48 2.52 31.39
CA ARG A 169 -35.28 3.99 31.31
C ARG A 169 -33.89 4.36 31.84
N ASN A 170 -33.53 3.64 32.88
CA ASN A 170 -32.18 3.47 33.39
C ASN A 170 -31.07 3.45 32.31
N ALA A 171 -31.13 2.46 31.42
CA ALA A 171 -30.05 2.19 30.48
C ALA A 171 -30.15 3.06 29.22
N LEU A 172 -31.36 3.47 28.86
CA LEU A 172 -31.58 4.42 27.76
C LEU A 172 -30.81 5.72 27.97
N LEU A 173 -31.01 6.31 29.15
CA LEU A 173 -30.32 7.53 29.56
C LEU A 173 -28.79 7.37 29.66
N ARG A 174 -28.33 6.20 30.09
CA ARG A 174 -26.90 5.88 30.08
C ARG A 174 -26.36 6.01 28.64
N ARG A 175 -27.10 5.47 27.68
CA ARG A 175 -26.68 5.45 26.29
C ARG A 175 -26.64 6.85 25.66
N LEU A 176 -27.69 7.63 25.90
CA LEU A 176 -27.80 8.97 25.33
C LEU A 176 -26.64 9.88 25.74
N VAL A 177 -26.28 9.84 27.01
CA VAL A 177 -25.16 10.63 27.52
C VAL A 177 -23.86 10.24 26.83
N ASP A 178 -23.67 8.95 26.58
CA ASP A 178 -22.45 8.44 25.98
C ASP A 178 -22.37 8.72 24.49
N ILE A 179 -23.52 8.99 23.86
CA ILE A 179 -23.52 9.49 22.47
C ILE A 179 -23.75 11.01 22.40
N GLN A 180 -23.38 11.70 23.48
CA GLN A 180 -23.22 13.16 23.51
C GLN A 180 -24.49 14.00 23.53
N TYR A 181 -25.61 13.45 23.99
CA TYR A 181 -26.78 14.28 24.28
C TYR A 181 -26.66 14.78 25.71
N ASP A 182 -26.90 16.07 25.92
CA ASP A 182 -26.84 16.66 27.26
C ASP A 182 -28.21 16.67 27.92
N ARG A 183 -28.27 16.22 29.16
CA ARG A 183 -29.48 16.35 29.96
C ARG A 183 -29.74 17.84 30.13
N ASN A 184 -30.97 18.27 29.84
CA ASN A 184 -31.31 19.69 29.96
C ASN A 184 -32.83 19.97 29.99
N ASP A 185 -33.38 20.00 31.20
CA ASP A 185 -34.82 20.16 31.41
C ASP A 185 -35.38 21.54 31.03
N ILE A 186 -34.52 22.56 30.99
CA ILE A 186 -35.00 23.93 30.81
C ILE A 186 -34.82 24.41 29.37
N ASP A 187 -33.57 24.54 28.92
CA ASP A 187 -33.31 24.99 27.55
C ASP A 187 -33.24 23.79 26.62
N PHE A 188 -34.42 23.31 26.22
CA PHE A 188 -34.55 22.12 25.40
C PHE A 188 -34.30 22.48 23.95
N ARG A 189 -33.07 22.26 23.50
CA ARG A 189 -32.63 22.50 22.11
C ARG A 189 -32.10 21.20 21.49
N ARG A 190 -31.68 21.25 20.23
CA ARG A 190 -31.17 20.04 19.55
C ARG A 190 -29.89 19.51 20.19
N GLY A 191 -29.75 18.19 20.19
CA GLY A 191 -28.63 17.51 20.84
C GLY A 191 -28.79 17.41 22.35
N THR A 192 -29.98 17.68 22.86
CA THR A 192 -30.27 17.54 24.29
C THR A 192 -31.49 16.64 24.49
N PHE A 193 -31.71 16.27 25.75
CA PHE A 193 -32.90 15.52 26.15
C PHE A 193 -33.37 15.97 27.52
N ARG A 194 -34.67 15.81 27.79
CA ARG A 194 -35.23 16.14 29.10
C ARG A 194 -36.22 15.09 29.59
N VAL A 195 -36.34 14.97 30.91
CA VAL A 195 -37.11 13.90 31.53
C VAL A 195 -38.11 14.43 32.57
N ARG A 196 -39.40 14.24 32.30
CA ARG A 196 -40.47 14.65 33.22
C ARG A 196 -41.36 13.46 33.59
N GLY A 197 -41.13 12.90 34.78
CA GLY A 197 -41.86 11.73 35.23
C GLY A 197 -41.45 10.52 34.43
N ASP A 198 -42.37 9.98 33.63
CA ASP A 198 -42.12 8.78 32.82
C ASP A 198 -41.87 9.09 31.34
N VAL A 199 -41.76 10.37 30.98
CA VAL A 199 -41.47 10.74 29.58
C VAL A 199 -40.06 11.31 29.40
N VAL A 200 -39.23 10.56 28.67
CA VAL A 200 -37.93 11.03 28.21
C VAL A 200 -38.13 11.68 26.85
N GLU A 201 -37.90 12.98 26.75
CA GLU A 201 -38.02 13.68 25.47
C GLU A 201 -36.64 13.94 24.88
N ILE A 202 -36.50 13.71 23.58
CA ILE A 202 -35.21 13.73 22.90
C ILE A 202 -35.24 14.67 21.69
N PHE A 203 -34.19 15.47 21.54
CA PHE A 203 -34.06 16.36 20.39
C PHE A 203 -32.85 15.93 19.52
N PRO A 204 -33.10 15.11 18.49
CA PRO A 204 -32.02 14.63 17.63
C PRO A 204 -31.17 15.74 17.04
N ALA A 205 -29.87 15.46 16.88
CA ALA A 205 -28.93 16.44 16.33
C ALA A 205 -29.13 16.73 14.84
N SER A 206 -29.95 15.93 14.19
CA SER A 206 -30.24 16.08 12.77
C SER A 206 -31.50 16.89 12.50
N ARG A 207 -32.24 17.25 13.55
CA ARG A 207 -33.51 17.97 13.42
C ARG A 207 -33.40 19.35 14.06
N ASP A 208 -34.15 20.31 13.52
CA ASP A 208 -34.21 21.66 14.08
C ASP A 208 -35.58 21.99 14.69
N GLU A 209 -36.62 21.26 14.26
CA GLU A 209 -37.98 21.55 14.69
C GLU A 209 -38.70 20.40 15.41
N HIS A 210 -38.40 19.15 15.03
CA HIS A 210 -39.12 18.00 15.57
C HIS A 210 -38.30 17.20 16.58
N SER A 211 -38.88 16.97 17.75
CA SER A 211 -38.26 16.18 18.81
C SER A 211 -39.02 14.87 18.97
N ILE A 212 -38.49 14.00 19.82
CA ILE A 212 -39.08 12.68 20.04
C ILE A 212 -39.51 12.54 21.50
N ARG A 213 -40.75 12.09 21.70
CA ARG A 213 -41.29 11.83 23.03
C ARG A 213 -41.33 10.32 23.24
N VAL A 214 -40.73 9.83 24.33
CA VAL A 214 -40.63 8.39 24.59
C VAL A 214 -41.17 8.04 26.00
N GLU A 215 -42.37 7.47 26.03
CA GLU A 215 -43.11 7.31 27.30
C GLU A 215 -42.97 5.90 27.85
N PHE A 216 -42.46 5.81 29.07
CA PHE A 216 -42.15 4.53 29.72
C PHE A 216 -43.27 4.04 30.64
N PHE A 217 -43.33 2.72 30.83
CA PHE A 217 -44.11 2.12 31.90
C PHE A 217 -43.32 0.91 32.41
N GLY A 218 -42.60 1.11 33.52
CA GLY A 218 -41.64 0.13 33.99
C GLY A 218 -40.46 0.07 33.04
N ASP A 219 -40.12 -1.13 32.59
CA ASP A 219 -39.06 -1.34 31.61
C ASP A 219 -39.65 -1.64 30.23
N GLU A 220 -40.65 -0.86 29.85
CA GLU A 220 -41.29 -1.04 28.56
C GLU A 220 -41.72 0.30 27.99
N ILE A 221 -41.50 0.47 26.69
CA ILE A 221 -41.93 1.67 25.98
C ILE A 221 -43.36 1.46 25.52
N GLU A 222 -44.27 2.31 25.98
CA GLU A 222 -45.68 2.19 25.60
C GLU A 222 -46.02 3.00 24.35
N ARG A 223 -45.36 4.15 24.17
CA ARG A 223 -45.55 4.95 22.96
C ARG A 223 -44.37 5.86 22.59
N ILE A 224 -44.30 6.19 21.30
CA ILE A 224 -43.26 7.04 20.71
C ILE A 224 -43.94 8.05 19.80
N ARG A 225 -43.69 9.33 20.03
CA ARG A 225 -44.38 10.43 19.33
C ARG A 225 -43.41 11.44 18.72
N GLU A 226 -43.66 11.80 17.46
CA GLU A 226 -42.95 12.91 16.83
C GLU A 226 -43.66 14.20 17.23
N VAL A 227 -42.87 15.19 17.66
CA VAL A 227 -43.42 16.37 18.35
C VAL A 227 -42.70 17.63 17.93
N ASP A 228 -43.45 18.71 17.75
CA ASP A 228 -42.88 20.03 17.59
C ASP A 228 -42.31 20.46 18.94
N ALA A 229 -40.98 20.58 19.02
CA ALA A 229 -40.29 20.79 20.29
C ALA A 229 -40.68 22.10 20.96
N LEU A 230 -40.98 23.12 20.17
CA LEU A 230 -41.33 24.43 20.68
C LEU A 230 -42.73 24.45 21.31
N THR A 231 -43.75 24.10 20.51
CA THR A 231 -45.16 24.27 20.88
C THR A 231 -45.80 23.05 21.53
N GLY A 232 -45.14 21.90 21.46
CA GLY A 232 -45.67 20.66 22.04
C GLY A 232 -46.74 20.00 21.17
N GLU A 233 -47.02 20.60 20.03
CA GLU A 233 -48.00 20.08 19.09
C GLU A 233 -47.57 18.68 18.66
N VAL A 234 -48.28 17.65 19.13
CA VAL A 234 -48.02 16.29 18.71
C VAL A 234 -48.27 16.22 17.21
N LEU A 235 -47.28 15.74 16.47
CA LEU A 235 -47.34 15.69 15.01
C LEU A 235 -47.78 14.33 14.49
N GLY A 236 -47.54 13.28 15.28
CA GLY A 236 -47.92 11.93 14.89
C GLY A 236 -47.19 10.85 15.65
N GLU A 237 -47.50 9.61 15.30
CA GLU A 237 -46.95 8.43 15.97
C GLU A 237 -45.79 7.86 15.20
N ARG A 238 -45.06 6.97 15.87
CA ARG A 238 -43.93 6.27 15.30
C ARG A 238 -43.91 4.86 15.85
N GLU A 239 -43.76 3.89 14.95
CA GLU A 239 -43.63 2.49 15.35
C GLU A 239 -42.22 2.34 15.92
N HIS A 240 -41.24 2.79 15.15
CA HIS A 240 -39.86 2.82 15.59
C HIS A 240 -39.18 4.15 15.28
N VAL A 241 -38.05 4.38 15.93
CA VAL A 241 -37.27 5.57 15.69
C VAL A 241 -35.82 5.27 16.04
N ALA A 242 -34.89 5.72 15.19
CA ALA A 242 -33.46 5.54 15.43
C ALA A 242 -32.90 6.87 15.83
N ILE A 243 -32.17 6.90 16.94
CA ILE A 243 -31.56 8.12 17.44
C ILE A 243 -30.06 8.01 17.24
N PHE A 244 -29.52 8.82 16.36
CA PHE A 244 -28.08 8.80 16.07
C PHE A 244 -27.34 9.69 17.04
N PRO A 245 -26.01 9.47 17.20
CA PRO A 245 -25.21 10.28 18.12
C PRO A 245 -25.18 11.75 17.76
N ALA A 246 -24.98 12.59 18.76
CA ALA A 246 -24.95 14.04 18.58
C ALA A 246 -23.54 14.56 18.32
N SER A 247 -22.62 13.65 18.01
CA SER A 247 -21.25 13.99 17.67
C SER A 247 -20.74 12.93 16.73
N HIS A 248 -19.83 13.30 15.84
CA HIS A 248 -19.21 12.32 14.93
C HIS A 248 -17.95 11.74 15.53
N PHE A 249 -17.55 12.22 16.71
CA PHE A 249 -16.37 11.67 17.38
C PHE A 249 -16.74 10.94 18.66
N VAL A 250 -17.72 10.05 18.56
CA VAL A 250 -18.24 9.34 19.72
C VAL A 250 -17.47 8.05 19.94
N THR A 251 -17.16 7.75 21.21
CA THR A 251 -16.62 6.45 21.60
C THR A 251 -17.35 5.88 22.81
N ARG A 252 -17.17 4.59 23.06
CA ARG A 252 -17.78 3.91 24.20
C ARG A 252 -17.12 4.38 25.50
N GLU A 253 -17.91 4.48 26.57
CA GLU A 253 -17.39 4.86 27.88
C GLU A 253 -16.37 3.84 28.34
N GLU A 254 -16.59 2.59 27.96
CA GLU A 254 -15.65 1.50 28.21
C GLU A 254 -14.22 1.88 27.78
N LYS A 255 -14.09 2.55 26.64
CA LYS A 255 -12.78 2.92 26.06
C LYS A 255 -12.19 4.23 26.59
N MET A 256 -13.03 5.05 27.23
CA MET A 256 -12.59 6.34 27.75
C MET A 256 -11.59 6.21 28.89
N ARG A 257 -11.72 5.14 29.66
CA ARG A 257 -10.85 4.94 30.82
C ARG A 257 -9.39 4.79 30.40
N LEU A 258 -9.14 4.01 29.35
CA LEU A 258 -7.78 3.83 28.83
C LEU A 258 -7.32 5.03 28.00
N ALA A 259 -8.26 5.65 27.28
CA ALA A 259 -7.96 6.79 26.43
C ALA A 259 -7.41 7.96 27.23
N ILE A 260 -8.06 8.26 28.36
CA ILE A 260 -7.63 9.34 29.22
C ILE A 260 -6.24 9.08 29.81
N GLN A 261 -5.94 7.82 30.11
CA GLN A 261 -4.60 7.43 30.54
C GLN A 261 -3.56 7.73 29.47
N ASN A 262 -3.86 7.34 28.25
CA ASN A 262 -2.92 7.51 27.13
C ASN A 262 -2.68 8.96 26.77
N ILE A 263 -3.68 9.80 27.01
CA ILE A 263 -3.54 11.25 26.82
C ILE A 263 -2.72 11.87 27.96
N GLU A 264 -2.95 11.39 29.18
CA GLU A 264 -2.17 11.84 30.34
C GLU A 264 -0.71 11.49 30.17
N GLN A 265 -0.44 10.28 29.71
CA GLN A 265 0.91 9.81 29.42
C GLN A 265 1.57 10.63 28.30
N GLU A 266 0.80 10.92 27.25
CA GLU A 266 1.27 11.75 26.14
C GLU A 266 1.61 13.17 26.65
N LEU A 267 0.82 13.65 27.60
CA LEU A 267 0.99 15.01 28.14
C LEU A 267 2.31 15.19 28.89
N GLU A 268 2.57 14.31 29.84
CA GLU A 268 3.78 14.38 30.65
C GLU A 268 5.04 14.27 29.79
N GLU A 269 5.03 13.33 28.85
CA GLU A 269 6.14 13.20 27.89
C GLU A 269 6.39 14.49 27.13
N ARG A 270 5.30 15.08 26.65
CA ARG A 270 5.38 16.35 25.93
C ARG A 270 5.84 17.51 26.82
N LEU A 271 5.31 17.62 28.04
CA LEU A 271 5.76 18.67 28.97
C LEU A 271 7.24 18.56 29.31
N ALA A 272 7.75 17.33 29.40
CA ALA A 272 9.18 17.11 29.58
C ALA A 272 9.98 17.60 28.36
N GLU A 273 9.47 17.35 27.15
CA GLU A 273 10.12 17.85 25.94
C GLU A 273 10.25 19.37 26.02
N LEU A 274 9.18 20.03 26.41
CA LEU A 274 9.15 21.50 26.44
C LEU A 274 10.09 22.08 27.51
N ARG A 275 10.03 21.55 28.73
CA ARG A 275 10.93 21.95 29.83
C ARG A 275 12.41 21.74 29.51
N ALA A 276 12.71 20.68 28.77
CA ALA A 276 14.09 20.35 28.37
C ALA A 276 14.63 21.25 27.24
N GLN A 277 13.78 22.12 26.73
CA GLN A 277 14.17 23.15 25.76
C GLN A 277 13.81 24.52 26.33
N GLY A 278 13.65 24.61 27.64
CA GLY A 278 13.16 25.84 28.27
C GLY A 278 11.65 25.94 28.13
N LYS A 279 11.19 26.78 27.21
CA LYS A 279 9.77 26.86 26.84
C LYS A 279 8.79 26.61 27.98
N LEU A 280 8.95 27.35 29.08
CA LEU A 280 8.10 27.20 30.26
C LEU A 280 6.70 27.78 30.04
N LEU A 281 6.62 28.84 29.24
CA LEU A 281 5.35 29.46 28.89
C LEU A 281 4.47 28.53 28.04
N GLU A 282 5.12 27.75 27.18
CA GLU A 282 4.44 26.80 26.31
C GLU A 282 3.94 25.59 27.10
N ALA A 283 4.77 25.10 28.02
CA ALA A 283 4.40 23.97 28.87
C ALA A 283 3.21 24.30 29.78
N GLN A 284 3.20 25.49 30.35
CA GLN A 284 2.09 25.93 31.19
C GLN A 284 0.82 26.06 30.38
N ARG A 285 0.96 26.58 29.16
CA ARG A 285 -0.16 26.72 28.23
C ARG A 285 -0.79 25.38 27.88
N LEU A 286 0.08 24.44 27.49
CA LEU A 286 -0.34 23.10 27.11
C LEU A 286 -1.02 22.38 28.28
N GLU A 287 -0.41 22.46 29.46
CA GLU A 287 -0.90 21.76 30.65
C GLU A 287 -2.28 22.28 31.05
N GLN A 288 -2.39 23.59 31.15
CA GLN A 288 -3.65 24.19 31.53
C GLN A 288 -4.78 23.66 30.65
N ARG A 289 -4.56 23.70 29.33
CA ARG A 289 -5.57 23.34 28.34
C ARG A 289 -5.92 21.85 28.33
N THR A 290 -4.91 21.01 28.38
CA THR A 290 -5.11 19.58 28.32
C THR A 290 -5.86 19.09 29.56
N ARG A 291 -5.49 19.64 30.72
CA ARG A 291 -6.16 19.29 31.98
C ARG A 291 -7.64 19.63 31.95
N TYR A 292 -7.97 20.82 31.43
CA TYR A 292 -9.36 21.23 31.31
C TYR A 292 -10.15 20.27 30.42
N ASP A 293 -9.57 19.89 29.29
CA ASP A 293 -10.20 18.93 28.40
C ASP A 293 -10.34 17.57 29.09
N LEU A 294 -9.34 17.20 29.90
CA LEU A 294 -9.38 15.95 30.65
C LEU A 294 -10.43 15.93 31.76
N GLU A 295 -10.56 17.06 32.46
CA GLU A 295 -11.62 17.22 33.45
C GLU A 295 -12.99 17.00 32.79
N MET A 296 -13.18 17.56 31.60
CA MET A 296 -14.44 17.39 30.87
C MET A 296 -14.64 15.96 30.34
N MET A 297 -13.57 15.26 30.03
CA MET A 297 -13.66 13.89 29.53
C MET A 297 -14.06 12.89 30.63
N ARG A 298 -13.81 13.25 31.88
CA ARG A 298 -14.24 12.44 33.03
C ARG A 298 -15.65 12.81 33.51
N GLU A 299 -16.19 13.92 33.00
CA GLU A 299 -17.59 14.27 33.25
C GLU A 299 -18.48 13.55 32.25
N MET A 300 -18.39 13.96 30.98
CA MET A 300 -19.25 13.43 29.92
C MET A 300 -18.46 12.59 28.94
N GLY A 301 -17.48 13.20 28.29
CA GLY A 301 -16.72 12.57 27.21
C GLY A 301 -16.27 13.52 26.12
N PHE A 302 -17.06 14.57 25.88
CA PHE A 302 -16.70 15.60 24.90
C PHE A 302 -15.87 16.72 25.54
N SER A 303 -15.47 17.68 24.72
CA SER A 303 -14.76 18.88 25.16
C SER A 303 -14.84 19.96 24.07
N SER A 304 -14.08 21.03 24.22
CA SER A 304 -14.03 22.10 23.22
C SER A 304 -13.50 21.58 21.89
N GLY A 305 -12.23 21.18 21.87
CA GLY A 305 -11.55 20.71 20.65
C GLY A 305 -11.33 19.21 20.68
N ILE A 306 -12.43 18.47 20.80
CA ILE A 306 -12.41 17.01 20.97
C ILE A 306 -11.78 16.28 19.77
N GLU A 307 -11.91 16.86 18.59
CA GLU A 307 -11.40 16.27 17.34
C GLU A 307 -9.89 16.00 17.41
N ASN A 308 -9.18 16.80 18.20
CA ASN A 308 -7.73 16.67 18.34
C ASN A 308 -7.24 15.48 19.16
N TYR A 309 -8.15 14.82 19.89
CA TYR A 309 -7.81 13.62 20.63
C TYR A 309 -8.31 12.34 19.95
N SER A 310 -8.60 12.42 18.65
CA SER A 310 -9.18 11.29 17.90
C SER A 310 -8.34 10.01 17.92
N ARG A 311 -7.02 10.13 17.84
CA ARG A 311 -6.15 8.97 17.94
C ARG A 311 -6.44 8.25 19.25
N HIS A 312 -6.24 8.97 20.35
CA HIS A 312 -6.36 8.39 21.69
C HIS A 312 -7.78 7.89 21.98
N LEU A 313 -8.79 8.64 21.56
CA LEU A 313 -10.19 8.24 21.79
C LEU A 313 -10.55 6.95 21.04
N ALA A 314 -10.14 6.87 19.78
CA ALA A 314 -10.37 5.66 18.98
C ALA A 314 -9.32 4.56 19.22
N LEU A 315 -8.32 4.85 20.06
CA LEU A 315 -7.29 3.87 20.47
C LEU A 315 -6.51 3.30 19.27
N ARG A 316 -6.40 4.09 18.21
CA ARG A 316 -5.88 3.59 16.95
C ARG A 316 -4.37 3.74 16.86
N PRO A 317 -3.73 2.98 15.96
CA PRO A 317 -2.30 3.12 15.75
C PRO A 317 -1.95 4.56 15.39
N PRO A 318 -0.89 5.10 16.01
CA PRO A 318 -0.44 6.44 15.65
C PRO A 318 -0.09 6.59 14.17
N GLY A 319 -0.32 7.78 13.62
CA GLY A 319 -0.12 8.06 12.20
C GLY A 319 -1.09 7.33 11.26
N SER A 320 -2.28 7.01 11.76
CA SER A 320 -3.26 6.27 10.97
C SER A 320 -3.89 7.17 9.91
N THR A 321 -4.46 6.56 8.87
CA THR A 321 -5.29 7.28 7.93
C THR A 321 -6.60 7.62 8.65
N PRO A 322 -7.00 8.90 8.62
CA PRO A 322 -8.25 9.25 9.27
C PRO A 322 -9.50 8.69 8.57
N TYR A 323 -10.57 8.57 9.34
CA TYR A 323 -11.88 8.29 8.79
C TYR A 323 -12.47 9.61 8.26
N THR A 324 -13.16 9.55 7.13
CA THR A 324 -13.79 10.74 6.58
C THR A 324 -15.24 10.42 6.21
N LEU A 325 -15.94 11.45 5.74
CA LEU A 325 -17.27 11.31 5.17
C LEU A 325 -17.34 10.22 4.11
N LEU A 326 -16.27 10.02 3.35
CA LEU A 326 -16.22 8.97 2.32
C LEU A 326 -16.42 7.56 2.89
N ASP A 327 -15.97 7.35 4.13
CA ASP A 327 -16.12 6.08 4.82
C ASP A 327 -17.54 5.82 5.32
N TYR A 328 -18.28 6.90 5.58
CA TYR A 328 -19.69 6.79 5.98
C TYR A 328 -20.56 6.32 4.80
N PHE A 329 -20.08 6.57 3.59
CA PHE A 329 -20.75 6.07 2.39
C PHE A 329 -20.55 4.57 2.30
N PRO A 330 -21.52 3.85 1.71
CA PRO A 330 -21.27 2.47 1.35
C PRO A 330 -20.10 2.36 0.37
N ASP A 331 -19.62 1.15 0.19
CA ASP A 331 -18.47 0.90 -0.68
C ASP A 331 -18.78 1.14 -2.16
N ASP A 332 -20.05 0.98 -2.56
CA ASP A 332 -20.43 1.11 -3.98
C ASP A 332 -20.93 2.51 -4.36
N PHE A 333 -20.47 3.52 -3.65
CA PHE A 333 -20.87 4.91 -3.89
C PHE A 333 -20.24 5.55 -5.12
N LEU A 334 -20.83 6.67 -5.52
CA LEU A 334 -20.38 7.48 -6.67
C LEU A 334 -19.95 8.87 -6.19
N ILE A 335 -18.87 9.38 -6.76
CA ILE A 335 -18.43 10.74 -6.49
C ILE A 335 -18.59 11.61 -7.75
N ILE A 336 -19.21 12.77 -7.59
CA ILE A 336 -19.27 13.80 -8.61
C ILE A 336 -18.39 14.98 -8.16
N VAL A 337 -17.30 15.24 -8.89
CA VAL A 337 -16.47 16.43 -8.64
C VAL A 337 -16.89 17.60 -9.54
N ASP A 338 -17.59 18.58 -8.96
CA ASP A 338 -18.01 19.78 -9.69
C ASP A 338 -16.84 20.76 -9.85
N GLU A 339 -16.73 21.37 -11.02
CA GLU A 339 -15.60 22.25 -11.36
C GLU A 339 -14.24 21.61 -11.04
N SER A 340 -14.01 20.42 -11.59
CA SER A 340 -12.91 19.57 -11.19
C SER A 340 -11.52 20.19 -11.39
N HIS A 341 -11.41 21.05 -12.40
CA HIS A 341 -10.14 21.72 -12.71
C HIS A 341 -9.66 22.61 -11.56
N VAL A 342 -10.61 23.09 -10.77
CA VAL A 342 -10.31 23.86 -9.55
C VAL A 342 -10.43 23.05 -8.25
N THR A 343 -11.42 22.16 -8.18
CA THR A 343 -11.69 21.41 -6.96
C THR A 343 -10.60 20.37 -6.67
N LEU A 344 -10.06 19.74 -7.70
CA LEU A 344 -9.02 18.72 -7.49
C LEU A 344 -7.72 19.31 -6.91
N PRO A 345 -7.23 20.42 -7.46
CA PRO A 345 -6.10 21.10 -6.83
C PRO A 345 -6.36 21.61 -5.41
N GLN A 346 -7.60 21.95 -5.11
CA GLN A 346 -7.98 22.33 -3.75
C GLN A 346 -7.77 21.14 -2.80
N LEU A 347 -8.39 20.01 -3.13
CA LEU A 347 -8.24 18.78 -2.36
C LEU A 347 -6.78 18.42 -2.12
N ARG A 348 -5.99 18.46 -3.18
CA ARG A 348 -4.60 17.98 -3.17
C ARG A 348 -3.72 18.74 -2.17
N GLY A 349 -3.93 20.04 -2.03
CA GLY A 349 -3.07 20.85 -1.20
C GLY A 349 -3.51 21.00 0.25
N MET A 350 -4.56 20.30 0.64
CA MET A 350 -5.15 20.50 1.95
C MET A 350 -4.27 19.91 3.07
N TYR A 351 -3.72 18.72 2.86
CA TYR A 351 -2.92 18.05 3.88
C TYR A 351 -1.66 18.83 4.30
N ASN A 352 -0.82 19.19 3.33
CA ASN A 352 0.44 19.89 3.62
C ASN A 352 0.20 21.21 4.35
N GLY A 353 -0.80 21.94 3.89
CA GLY A 353 -1.20 23.17 4.56
C GLY A 353 -1.59 22.93 6.01
N ASP A 354 -2.35 21.86 6.22
CA ASP A 354 -2.86 21.50 7.54
C ASP A 354 -1.72 21.07 8.47
N ARG A 355 -0.88 20.14 8.01
CA ARG A 355 0.32 19.71 8.73
C ARG A 355 1.16 20.90 9.21
N ALA A 356 1.24 21.95 8.38
CA ALA A 356 2.08 23.10 8.69
C ALA A 356 1.45 23.98 9.78
N ARG A 357 0.15 24.25 9.64
CA ARG A 357 -0.57 25.07 10.63
C ARG A 357 -0.66 24.35 11.98
N LYS A 358 -0.74 23.03 11.94
CA LYS A 358 -0.84 22.23 13.15
C LYS A 358 0.52 22.13 13.83
N GLN A 359 1.59 22.08 13.04
CA GLN A 359 2.93 21.96 13.58
C GLN A 359 3.34 23.20 14.40
N VAL A 360 2.90 24.38 13.97
CA VAL A 360 3.19 25.60 14.74
C VAL A 360 2.44 25.59 16.10
N LEU A 361 1.25 25.00 16.13
CA LEU A 361 0.49 24.86 17.36
C LEU A 361 1.16 23.92 18.37
N VAL A 362 1.67 22.79 17.88
CA VAL A 362 2.40 21.84 18.73
C VAL A 362 3.67 22.47 19.30
N ASP A 363 4.39 23.24 18.49
CA ASP A 363 5.64 23.90 18.91
C ASP A 363 5.42 25.02 19.93
N HIS A 364 4.23 25.60 19.93
CA HIS A 364 3.85 26.67 20.85
C HIS A 364 2.95 26.20 22.00
N GLY A 365 2.83 24.89 22.17
CA GLY A 365 2.10 24.34 23.30
C GLY A 365 0.61 24.57 23.29
N PHE A 366 0.03 24.74 22.11
CA PHE A 366 -1.43 24.82 22.00
C PHE A 366 -2.02 23.42 21.87
N ARG A 367 -1.22 22.45 21.43
CA ARG A 367 -1.70 21.10 21.22
C ARG A 367 -0.63 20.06 21.42
N LEU A 368 -1.07 18.83 21.70
CA LEU A 368 -0.19 17.68 21.78
C LEU A 368 0.19 17.28 20.35
N PRO A 369 1.35 16.62 20.17
CA PRO A 369 1.71 16.05 18.86
C PRO A 369 0.70 15.04 18.26
N SER A 370 -0.07 14.37 19.10
CA SER A 370 -1.11 13.44 18.61
C SER A 370 -2.21 14.17 17.83
N ALA A 371 -2.26 15.51 17.97
CA ALA A 371 -3.20 16.33 17.23
C ALA A 371 -2.92 16.36 15.71
N LEU A 372 -1.73 15.93 15.30
CA LEU A 372 -1.41 15.80 13.87
C LEU A 372 -2.20 14.70 13.15
N ASP A 373 -2.66 13.70 13.91
CA ASP A 373 -3.51 12.65 13.36
C ASP A 373 -4.95 13.10 13.05
N ASN A 374 -5.35 14.24 13.63
CA ASN A 374 -6.60 14.90 13.28
C ASN A 374 -6.34 15.82 12.12
N ARG A 375 -6.58 15.29 10.91
CA ARG A 375 -6.14 15.94 9.67
C ARG A 375 -6.98 15.51 8.46
N PRO A 376 -6.91 16.29 7.38
CA PRO A 376 -7.53 15.86 6.14
C PRO A 376 -6.70 14.82 5.40
N LEU A 377 -7.36 14.06 4.52
CA LEU A 377 -6.68 13.04 3.71
C LEU A 377 -5.63 13.63 2.78
N THR A 378 -4.61 12.84 2.48
CA THR A 378 -3.71 13.13 1.38
C THR A 378 -4.43 12.77 0.10
N PHE A 379 -3.98 13.31 -1.02
CA PHE A 379 -4.61 13.02 -2.29
C PHE A 379 -4.54 11.53 -2.65
N GLU A 380 -3.40 10.91 -2.34
CA GLU A 380 -3.23 9.47 -2.52
C GLU A 380 -4.25 8.66 -1.69
N GLU A 381 -4.41 9.01 -0.42
CA GLU A 381 -5.42 8.41 0.45
C GLU A 381 -6.82 8.59 -0.11
N PHE A 382 -7.10 9.79 -0.63
CA PHE A 382 -8.38 10.10 -1.26
C PHE A 382 -8.65 9.21 -2.47
N GLU A 383 -7.66 9.11 -3.36
CA GLU A 383 -7.70 8.21 -4.54
C GLU A 383 -8.16 6.80 -4.18
N GLN A 384 -7.57 6.23 -3.12
CA GLN A 384 -7.86 4.84 -2.74
C GLN A 384 -9.25 4.63 -2.15
N LYS A 385 -9.87 5.70 -1.67
CA LYS A 385 -11.23 5.63 -1.14
C LYS A 385 -12.29 5.81 -2.23
N ILE A 386 -11.86 6.18 -3.43
CA ILE A 386 -12.77 6.29 -4.58
C ILE A 386 -13.18 4.92 -5.09
N ASN A 387 -14.48 4.74 -5.27
CA ASN A 387 -15.01 3.60 -6.00
C ASN A 387 -15.14 3.99 -7.46
N GLN A 388 -16.07 4.90 -7.75
CA GLN A 388 -16.29 5.40 -9.10
C GLN A 388 -16.53 6.91 -9.04
N ILE A 389 -15.90 7.64 -9.96
CA ILE A 389 -15.93 9.09 -9.92
C ILE A 389 -16.20 9.72 -11.29
N ILE A 390 -16.93 10.84 -11.29
CA ILE A 390 -17.18 11.60 -12.51
C ILE A 390 -16.75 13.04 -12.32
N TYR A 391 -15.81 13.49 -13.15
CA TYR A 391 -15.33 14.86 -13.10
C TYR A 391 -16.19 15.74 -13.99
N VAL A 392 -16.62 16.89 -13.50
CA VAL A 392 -17.46 17.78 -14.30
C VAL A 392 -16.82 19.16 -14.40
N SER A 393 -16.45 19.53 -15.63
CA SER A 393 -15.79 20.79 -15.89
C SER A 393 -15.96 21.20 -17.36
N ALA A 394 -16.14 22.49 -17.62
CA ALA A 394 -16.07 23.02 -18.98
C ALA A 394 -14.63 23.04 -19.48
N THR A 395 -13.68 22.98 -18.55
CA THR A 395 -12.26 23.06 -18.85
C THR A 395 -11.49 22.13 -17.92
N PRO A 396 -11.61 20.81 -18.12
CA PRO A 396 -11.03 19.86 -17.18
C PRO A 396 -9.51 19.87 -17.15
N GLY A 397 -8.97 19.70 -15.94
CA GLY A 397 -7.52 19.65 -15.72
C GLY A 397 -6.88 18.34 -16.16
N PRO A 398 -5.53 18.30 -16.18
CA PRO A 398 -4.75 17.17 -16.72
C PRO A 398 -4.99 15.83 -16.01
N TYR A 399 -5.23 15.87 -14.71
CA TYR A 399 -5.52 14.65 -13.94
C TYR A 399 -6.76 13.97 -14.49
N GLU A 400 -7.81 14.76 -14.67
CA GLU A 400 -9.09 14.24 -15.15
C GLU A 400 -8.94 13.56 -16.51
N LEU A 401 -8.25 14.24 -17.43
CA LEU A 401 -8.06 13.72 -18.79
C LEU A 401 -7.15 12.51 -18.80
N GLU A 402 -6.10 12.54 -17.99
CA GLU A 402 -5.14 11.44 -17.96
C GLU A 402 -5.80 10.11 -17.57
N HIS A 403 -6.65 10.14 -16.56
CA HIS A 403 -7.27 8.92 -16.00
C HIS A 403 -8.57 8.45 -16.68
N SER A 404 -9.28 9.38 -17.31
CA SER A 404 -10.54 9.06 -18.00
C SER A 404 -10.32 8.52 -19.42
N PRO A 405 -11.18 7.59 -19.87
CA PRO A 405 -11.09 7.05 -21.23
C PRO A 405 -11.76 8.01 -22.21
N GLY A 406 -11.00 8.99 -22.70
CA GLY A 406 -11.58 10.06 -23.49
C GLY A 406 -12.45 10.94 -22.63
N VAL A 407 -13.35 11.69 -23.27
CA VAL A 407 -14.25 12.59 -22.56
C VAL A 407 -15.66 12.45 -23.11
N VAL A 408 -16.64 12.70 -22.27
CA VAL A 408 -18.02 12.75 -22.70
C VAL A 408 -18.36 14.20 -22.94
N GLU A 409 -18.42 14.59 -24.21
CA GLU A 409 -18.58 15.99 -24.58
C GLU A 409 -20.05 16.38 -24.59
N GLN A 410 -20.39 17.47 -23.92
CA GLN A 410 -21.75 18.02 -23.92
C GLN A 410 -21.73 19.51 -24.28
N ILE A 411 -21.96 19.82 -25.56
CA ILE A 411 -21.81 21.21 -26.08
C ILE A 411 -23.08 21.84 -26.66
N ILE A 412 -24.02 21.03 -27.12
CA ILE A 412 -25.30 21.56 -27.59
C ILE A 412 -26.17 21.87 -26.38
N ARG A 413 -26.39 23.16 -26.15
CA ARG A 413 -27.26 23.63 -25.09
C ARG A 413 -28.72 23.32 -25.42
N PRO A 414 -29.54 23.07 -24.40
CA PRO A 414 -30.94 22.75 -24.66
C PRO A 414 -31.72 23.92 -25.24
N THR A 415 -31.30 25.14 -24.91
CA THR A 415 -31.94 26.36 -25.40
C THR A 415 -31.46 26.78 -26.79
N GLY A 416 -30.39 26.14 -27.27
CA GLY A 416 -29.84 26.46 -28.59
C GLY A 416 -29.00 27.74 -28.62
N LEU A 417 -28.90 28.43 -27.50
CA LEU A 417 -28.00 29.57 -27.36
C LEU A 417 -26.61 29.18 -27.83
N LEU A 418 -25.96 30.10 -28.56
CA LEU A 418 -24.64 29.84 -29.15
C LEU A 418 -23.49 30.30 -28.25
N ASP A 419 -22.32 29.72 -28.46
CA ASP A 419 -21.09 30.28 -27.89
C ASP A 419 -20.84 31.60 -28.58
N PRO A 420 -20.31 32.59 -27.85
CA PRO A 420 -20.17 33.93 -28.39
C PRO A 420 -19.10 34.07 -29.48
N THR A 421 -19.18 35.16 -30.24
CA THR A 421 -18.09 35.59 -31.13
C THR A 421 -16.99 36.31 -30.33
N ILE A 422 -15.76 36.21 -30.82
CA ILE A 422 -14.59 36.79 -30.14
C ILE A 422 -13.76 37.64 -31.10
N ASP A 423 -13.84 38.96 -30.96
CA ASP A 423 -12.89 39.88 -31.61
C ASP A 423 -11.63 40.06 -30.77
N VAL A 424 -10.50 40.22 -31.44
CA VAL A 424 -9.25 40.65 -30.80
C VAL A 424 -8.97 42.10 -31.23
N ARG A 425 -8.70 42.98 -30.27
CA ARG A 425 -8.48 44.40 -30.56
C ARG A 425 -7.21 44.94 -29.94
N PRO A 426 -6.61 45.97 -30.55
CA PRO A 426 -5.37 46.49 -29.99
C PRO A 426 -5.62 47.26 -28.70
N THR A 427 -4.59 47.35 -27.87
CA THR A 427 -4.70 48.01 -26.58
C THR A 427 -4.74 49.53 -26.71
N LYS A 428 -4.18 50.05 -27.80
CA LYS A 428 -4.17 51.49 -28.04
C LYS A 428 -5.59 52.01 -28.23
N GLY A 429 -5.97 52.96 -27.39
CA GLY A 429 -7.31 53.53 -27.39
C GLY A 429 -8.36 52.54 -26.96
N GLN A 430 -7.97 51.60 -26.10
CA GLN A 430 -8.86 50.50 -25.70
C GLN A 430 -10.03 50.93 -24.83
N ILE A 431 -9.76 51.84 -23.90
CA ILE A 431 -10.79 52.32 -22.98
C ILE A 431 -11.88 53.09 -23.72
N ASP A 432 -11.47 53.99 -24.61
CA ASP A 432 -12.42 54.74 -25.43
C ASP A 432 -13.20 53.83 -26.39
N ASP A 433 -12.54 52.77 -26.88
CA ASP A 433 -13.22 51.77 -27.71
C ASP A 433 -14.29 51.06 -26.89
N LEU A 434 -13.90 50.69 -25.67
CA LEU A 434 -14.78 50.00 -24.74
C LEU A 434 -15.93 50.89 -24.31
N ILE A 435 -15.64 52.15 -23.98
CA ILE A 435 -16.69 53.10 -23.62
C ILE A 435 -17.75 53.20 -24.73
N GLY A 436 -17.28 53.27 -25.97
CA GLY A 436 -18.19 53.32 -27.11
C GLY A 436 -19.02 52.05 -27.23
N GLU A 437 -18.36 50.93 -26.97
CA GLU A 437 -18.98 49.62 -27.06
C GLU A 437 -20.02 49.41 -25.96
N ILE A 438 -19.74 49.91 -24.77
CA ILE A 438 -20.70 49.87 -23.66
C ILE A 438 -21.94 50.68 -23.99
N ARG A 439 -21.74 51.86 -24.58
CA ARG A 439 -22.85 52.78 -24.87
C ARG A 439 -23.86 52.16 -25.84
N GLU A 440 -23.37 51.44 -26.85
CA GLU A 440 -24.26 50.70 -27.73
C GLU A 440 -25.16 49.74 -26.93
N ARG A 441 -24.58 49.02 -25.98
CA ARG A 441 -25.31 48.01 -25.19
C ARG A 441 -26.34 48.63 -24.25
N VAL A 442 -26.05 49.82 -23.75
CA VAL A 442 -27.01 50.56 -22.92
C VAL A 442 -28.29 50.86 -23.72
N GLU A 443 -28.10 51.25 -24.99
CA GLU A 443 -29.22 51.60 -25.88
C GLU A 443 -30.04 50.39 -26.26
N ARG A 444 -29.42 49.21 -26.28
CA ARG A 444 -30.13 47.96 -26.52
C ARG A 444 -30.58 47.28 -25.22
N ASN A 445 -30.49 48.00 -24.11
CA ASN A 445 -30.85 47.46 -22.80
C ASN A 445 -30.10 46.16 -22.51
N GLU A 446 -28.77 46.22 -22.62
CA GLU A 446 -27.91 45.07 -22.40
C GLU A 446 -26.76 45.45 -21.48
N ARG A 447 -26.23 44.47 -20.77
CA ARG A 447 -25.21 44.69 -19.75
C ARG A 447 -23.84 44.30 -20.26
N THR A 448 -22.82 44.67 -19.48
CA THR A 448 -21.44 44.44 -19.86
C THR A 448 -20.61 44.02 -18.64
N LEU A 449 -19.65 43.13 -18.88
CA LEU A 449 -18.72 42.70 -17.84
C LEU A 449 -17.31 42.96 -18.31
N VAL A 450 -16.48 43.57 -17.47
CA VAL A 450 -15.08 43.80 -17.82
C VAL A 450 -14.17 43.10 -16.81
N THR A 451 -13.10 42.47 -17.29
CA THR A 451 -12.08 41.90 -16.41
C THR A 451 -10.74 42.60 -16.57
N THR A 452 -10.16 42.99 -15.43
CA THR A 452 -8.82 43.59 -15.39
C THR A 452 -7.92 42.67 -14.57
N LEU A 453 -6.70 43.13 -14.26
CA LEU A 453 -5.71 42.29 -13.58
C LEU A 453 -5.63 42.43 -12.06
N THR A 454 -6.00 43.59 -11.53
CA THR A 454 -5.93 43.82 -10.09
C THR A 454 -7.18 44.50 -9.57
N LYS A 455 -7.32 44.52 -8.24
CA LYS A 455 -8.38 45.25 -7.56
C LYS A 455 -8.20 46.74 -7.78
N LYS A 456 -6.96 47.21 -7.70
CA LYS A 456 -6.68 48.63 -7.91
C LYS A 456 -7.15 49.10 -9.28
N MET A 457 -6.72 48.38 -10.31
CA MET A 457 -7.13 48.69 -11.69
C MET A 457 -8.65 48.63 -11.86
N ALA A 458 -9.29 47.68 -11.19
CA ALA A 458 -10.75 47.54 -11.22
C ALA A 458 -11.46 48.75 -10.60
N GLU A 459 -10.94 49.24 -9.50
CA GLU A 459 -11.50 50.42 -8.84
C GLU A 459 -11.20 51.70 -9.63
N ASP A 460 -9.98 51.81 -10.15
CA ASP A 460 -9.57 52.94 -10.99
C ASP A 460 -10.42 53.03 -12.26
N LEU A 461 -10.70 51.89 -12.86
CA LEU A 461 -11.50 51.85 -14.08
C LEU A 461 -12.93 52.20 -13.79
N THR A 462 -13.44 51.70 -12.66
CA THR A 462 -14.82 51.96 -12.25
C THR A 462 -15.03 53.46 -12.00
N ASP A 463 -14.06 54.11 -11.38
CA ASP A 463 -14.07 55.58 -11.28
C ASP A 463 -14.16 56.23 -12.67
N TYR A 464 -13.24 55.86 -13.56
CA TYR A 464 -13.15 56.49 -14.88
C TYR A 464 -14.43 56.33 -15.72
N LEU A 465 -15.12 55.21 -15.52
CA LEU A 465 -16.39 54.97 -16.21
C LEU A 465 -17.53 55.77 -15.59
N LYS A 466 -17.53 55.91 -14.26
CA LYS A 466 -18.49 56.78 -13.56
C LYS A 466 -18.37 58.23 -14.04
N GLU A 467 -17.13 58.67 -14.24
CA GLU A 467 -16.86 60.00 -14.78
C GLU A 467 -17.47 60.18 -16.17
N ALA A 468 -17.44 59.12 -16.99
CA ALA A 468 -17.92 59.19 -18.38
C ALA A 468 -19.43 58.92 -18.54
N GLY A 469 -20.18 59.05 -17.45
CA GLY A 469 -21.63 58.94 -17.49
C GLY A 469 -22.13 57.52 -17.65
N ILE A 470 -21.38 56.57 -17.11
CA ILE A 470 -21.76 55.15 -17.18
C ILE A 470 -22.06 54.67 -15.78
N LYS A 471 -23.13 53.90 -15.64
CA LYS A 471 -23.53 53.35 -14.35
C LYS A 471 -22.75 52.04 -14.12
N VAL A 472 -21.79 52.10 -13.19
CA VAL A 472 -20.79 51.07 -13.07
C VAL A 472 -20.43 50.80 -11.61
N ALA A 473 -20.06 49.55 -11.33
CA ALA A 473 -19.64 49.17 -9.99
C ALA A 473 -18.63 48.04 -10.09
N TYR A 474 -17.73 47.95 -9.10
CA TYR A 474 -16.72 46.89 -9.10
C TYR A 474 -17.12 45.70 -8.24
N LEU A 475 -16.43 44.59 -8.46
CA LEU A 475 -16.76 43.32 -7.82
C LEU A 475 -15.46 42.56 -7.62
N HIS A 476 -14.99 42.50 -6.37
CA HIS A 476 -13.83 41.69 -6.03
C HIS A 476 -13.82 41.22 -4.57
N SER A 477 -12.87 40.34 -4.25
CA SER A 477 -12.87 39.57 -2.99
C SER A 477 -12.98 40.38 -1.68
N GLU A 478 -12.53 41.63 -1.70
CA GLU A 478 -12.71 42.53 -0.54
C GLU A 478 -14.18 42.77 -0.18
N ILE A 479 -15.06 42.71 -1.18
CA ILE A 479 -16.49 42.88 -0.95
C ILE A 479 -17.06 41.58 -0.39
N LYS A 480 -17.82 41.70 0.70
CA LYS A 480 -18.40 40.53 1.37
C LYS A 480 -19.58 39.94 0.59
N THR A 481 -19.73 38.63 0.69
CA THR A 481 -20.62 37.85 -0.17
C THR A 481 -22.03 38.40 -0.22
N LEU A 482 -22.56 38.79 0.93
CA LEU A 482 -23.91 39.33 1.01
C LEU A 482 -24.09 40.54 0.06
N GLU A 483 -23.11 41.45 0.07
CA GLU A 483 -23.16 42.63 -0.78
C GLU A 483 -22.93 42.31 -2.26
N ARG A 484 -22.26 41.21 -2.54
CA ARG A 484 -22.09 40.77 -3.93
C ARG A 484 -23.43 40.40 -4.57
N ILE A 485 -24.25 39.65 -3.82
CA ILE A 485 -25.59 39.29 -4.27
C ILE A 485 -26.35 40.54 -4.71
N GLU A 486 -26.25 41.59 -3.90
CA GLU A 486 -26.90 42.87 -4.21
C GLU A 486 -26.39 43.42 -5.55
N ILE A 487 -25.08 43.52 -5.70
CA ILE A 487 -24.48 44.07 -6.92
C ILE A 487 -24.86 43.24 -8.15
N ILE A 488 -24.86 41.91 -8.03
CA ILE A 488 -25.26 41.04 -9.14
C ILE A 488 -26.74 41.25 -9.49
N ARG A 489 -27.57 41.51 -8.49
CA ARG A 489 -28.99 41.79 -8.71
C ARG A 489 -29.17 43.15 -9.37
N ASP A 490 -28.41 44.14 -8.90
CA ASP A 490 -28.50 45.49 -9.43
C ASP A 490 -28.11 45.54 -10.90
N LEU A 491 -27.07 44.81 -11.28
CA LEU A 491 -26.71 44.71 -12.69
C LEU A 491 -27.88 44.13 -13.48
N ARG A 492 -28.48 43.05 -12.99
CA ARG A 492 -29.62 42.42 -13.65
C ARG A 492 -30.84 43.34 -13.78
N LEU A 493 -31.12 44.11 -12.74
CA LEU A 493 -32.27 45.04 -12.74
C LEU A 493 -32.04 46.29 -13.60
N GLY A 494 -30.81 46.51 -14.05
CA GLY A 494 -30.46 47.68 -14.86
C GLY A 494 -30.04 48.90 -14.04
N LYS A 495 -29.85 48.72 -12.74
CA LYS A 495 -29.34 49.80 -11.88
C LYS A 495 -27.91 50.12 -12.27
N TYR A 496 -27.09 49.08 -12.39
CA TYR A 496 -25.79 49.18 -13.03
C TYR A 496 -25.89 48.67 -14.46
N ASP A 497 -25.07 49.21 -15.36
CA ASP A 497 -24.94 48.72 -16.73
C ASP A 497 -23.72 47.82 -16.88
N VAL A 498 -22.67 48.12 -16.12
CA VAL A 498 -21.38 47.46 -16.24
C VAL A 498 -20.90 46.97 -14.88
N LEU A 499 -20.19 45.84 -14.88
CA LEU A 499 -19.47 45.34 -13.73
C LEU A 499 -18.02 45.09 -14.07
N VAL A 500 -17.11 45.61 -13.25
CA VAL A 500 -15.68 45.44 -13.49
C VAL A 500 -15.13 44.55 -12.39
N GLY A 501 -14.56 43.42 -12.77
CA GLY A 501 -13.97 42.50 -11.82
C GLY A 501 -12.61 42.06 -12.29
N ILE A 502 -12.10 41.03 -11.64
CA ILE A 502 -10.85 40.40 -12.00
C ILE A 502 -11.12 38.94 -12.25
N ASN A 503 -11.46 38.21 -11.19
CA ASN A 503 -11.52 36.76 -11.20
C ASN A 503 -12.77 36.20 -10.49
N LEU A 504 -13.84 36.99 -10.43
CA LEU A 504 -15.14 36.53 -9.95
C LEU A 504 -16.16 36.41 -11.09
N LEU A 505 -15.76 36.84 -12.29
CA LEU A 505 -16.61 36.72 -13.47
C LEU A 505 -16.27 35.39 -14.10
N ARG A 506 -16.70 34.33 -13.42
CA ARG A 506 -16.10 33.01 -13.54
C ARG A 506 -17.15 31.90 -13.42
N GLU A 507 -16.68 30.70 -13.10
CA GLU A 507 -17.55 29.60 -12.69
C GLU A 507 -18.81 30.05 -11.95
N GLY A 508 -19.97 29.77 -12.54
CA GLY A 508 -21.27 29.93 -11.85
C GLY A 508 -21.91 31.31 -11.84
N LEU A 509 -21.35 32.27 -12.57
CA LEU A 509 -21.96 33.59 -12.71
C LEU A 509 -22.89 33.60 -13.95
N ASP A 510 -24.16 33.30 -13.72
CA ASP A 510 -25.15 33.16 -14.79
C ASP A 510 -26.00 34.42 -14.91
N ILE A 511 -25.64 35.30 -15.84
CA ILE A 511 -26.36 36.56 -16.03
C ILE A 511 -26.74 36.71 -17.50
N PRO A 512 -28.00 36.37 -17.85
CA PRO A 512 -28.41 36.39 -19.27
C PRO A 512 -28.57 37.79 -19.89
N GLU A 513 -28.65 38.83 -19.06
CA GLU A 513 -28.75 40.21 -19.55
C GLU A 513 -27.41 40.73 -20.14
N VAL A 514 -26.31 40.10 -19.74
CA VAL A 514 -24.99 40.43 -20.28
C VAL A 514 -24.83 39.98 -21.72
N SER A 515 -24.55 40.92 -22.61
CA SER A 515 -24.24 40.61 -24.01
C SER A 515 -22.77 40.89 -24.37
N LEU A 516 -22.01 41.48 -23.46
CA LEU A 516 -20.63 41.83 -23.75
C LEU A 516 -19.68 41.48 -22.62
N VAL A 517 -18.61 40.78 -22.95
CA VAL A 517 -17.53 40.53 -22.03
C VAL A 517 -16.26 41.15 -22.61
N ALA A 518 -15.63 42.03 -21.84
CA ALA A 518 -14.40 42.70 -22.27
C ALA A 518 -13.23 42.20 -21.44
N ILE A 519 -12.27 41.55 -22.09
CA ILE A 519 -11.10 41.04 -21.39
C ILE A 519 -9.93 41.97 -21.66
N LEU A 520 -9.59 42.80 -20.68
CA LEU A 520 -8.41 43.65 -20.76
C LEU A 520 -7.17 42.88 -20.36
N ASP A 521 -6.03 43.27 -20.92
CA ASP A 521 -4.77 42.56 -20.73
C ASP A 521 -4.94 41.06 -20.98
N ALA A 522 -5.45 40.73 -22.17
CA ALA A 522 -5.72 39.33 -22.52
C ALA A 522 -4.46 38.51 -22.82
N ASP A 523 -3.36 39.20 -23.08
CA ASP A 523 -2.07 38.56 -23.38
C ASP A 523 -1.16 38.44 -22.16
N LYS A 524 -1.66 38.74 -20.97
CA LYS A 524 -0.82 38.75 -19.77
C LYS A 524 -0.87 37.40 -19.07
N GLU A 525 -0.26 36.43 -19.72
CA GLU A 525 -0.39 35.02 -19.37
C GLU A 525 -0.14 34.73 -17.89
N GLY A 526 -0.78 33.67 -17.41
CA GLY A 526 -0.81 33.33 -15.98
C GLY A 526 -2.20 32.81 -15.64
N PHE A 527 -2.46 32.56 -14.36
CA PHE A 527 -3.74 31.97 -13.95
C PHE A 527 -4.94 32.85 -14.24
N LEU A 528 -4.73 34.15 -14.34
CA LEU A 528 -5.81 35.07 -14.68
C LEU A 528 -6.12 35.07 -16.18
N ARG A 529 -5.15 34.68 -17.01
CA ARG A 529 -5.32 34.71 -18.46
C ARG A 529 -4.87 33.40 -19.15
N SER A 530 -5.22 32.26 -18.58
CA SER A 530 -4.85 30.99 -19.14
C SER A 530 -5.97 30.46 -20.01
N GLU A 531 -5.66 29.42 -20.78
CA GLU A 531 -6.67 28.67 -21.55
C GLU A 531 -7.92 28.47 -20.72
N ARG A 532 -7.72 27.92 -19.53
CA ARG A 532 -8.79 27.53 -18.61
C ARG A 532 -9.64 28.75 -18.18
N SER A 533 -8.99 29.76 -17.61
CA SER A 533 -9.71 30.93 -17.11
C SER A 533 -10.34 31.77 -18.22
N LEU A 534 -9.69 31.86 -19.37
CA LEU A 534 -10.27 32.56 -20.52
C LEU A 534 -11.60 31.92 -20.97
N ILE A 535 -11.61 30.59 -21.16
CA ILE A 535 -12.82 29.89 -21.61
C ILE A 535 -13.93 30.10 -20.60
N GLN A 536 -13.56 30.07 -19.33
CA GLN A 536 -14.50 30.26 -18.24
C GLN A 536 -15.11 31.66 -18.26
N THR A 537 -14.28 32.66 -18.55
CA THR A 537 -14.74 34.04 -18.66
C THR A 537 -15.59 34.24 -19.91
N ILE A 538 -15.14 33.69 -21.02
CA ILE A 538 -15.88 33.75 -22.28
C ILE A 538 -17.29 33.21 -22.07
N GLY A 539 -17.40 32.17 -21.26
CA GLY A 539 -18.68 31.53 -20.95
C GLY A 539 -19.75 32.44 -20.37
N ARG A 540 -19.36 33.54 -19.73
CA ARG A 540 -20.33 34.49 -19.17
C ARG A 540 -21.15 35.20 -20.23
N ALA A 541 -20.74 35.10 -21.50
CA ALA A 541 -21.47 35.72 -22.60
C ALA A 541 -22.24 34.70 -23.46
N ALA A 542 -22.34 33.46 -22.97
CA ALA A 542 -23.00 32.38 -23.69
C ALA A 542 -24.47 32.24 -23.30
N ARG A 543 -24.89 32.97 -22.26
CA ARG A 543 -26.29 32.98 -21.84
C ARG A 543 -27.12 34.08 -22.51
N ASN A 544 -26.61 34.63 -23.60
CA ASN A 544 -27.31 35.66 -24.34
C ASN A 544 -27.20 35.38 -25.82
N ALA A 545 -28.25 35.73 -26.55
CA ALA A 545 -28.39 35.36 -27.96
C ALA A 545 -27.49 36.21 -28.87
N ASN A 546 -27.10 37.39 -28.40
CA ASN A 546 -26.18 38.27 -29.12
C ASN A 546 -24.83 38.34 -28.42
N GLY A 547 -24.50 37.28 -27.71
CA GLY A 547 -23.33 37.26 -26.86
C GLY A 547 -22.09 37.51 -27.66
N HIS A 548 -21.25 38.40 -27.15
CA HIS A 548 -20.03 38.77 -27.82
C HIS A 548 -18.94 39.06 -26.81
N VAL A 549 -17.71 38.72 -27.18
CA VAL A 549 -16.53 38.85 -26.32
C VAL A 549 -15.47 39.66 -27.06
N ILE A 550 -14.84 40.60 -26.36
CA ILE A 550 -13.71 41.35 -26.92
C ILE A 550 -12.47 41.17 -26.07
N MET A 551 -11.39 40.70 -26.67
CA MET A 551 -10.10 40.60 -26.02
C MET A 551 -9.19 41.72 -26.51
N TYR A 552 -8.87 42.64 -25.62
CA TYR A 552 -7.92 43.70 -25.91
C TYR A 552 -6.51 43.18 -25.69
N ALA A 553 -5.72 43.13 -26.76
CA ALA A 553 -4.35 42.65 -26.72
C ALA A 553 -3.61 42.94 -28.02
N ASP A 554 -2.30 43.14 -27.89
CA ASP A 554 -1.44 43.36 -29.05
C ASP A 554 -0.88 42.07 -29.63
N THR A 555 -0.97 40.98 -28.87
CA THR A 555 -0.58 39.67 -29.36
C THR A 555 -1.61 38.63 -28.99
N ILE A 556 -1.67 37.56 -29.79
CA ILE A 556 -2.49 36.40 -29.49
C ILE A 556 -1.60 35.34 -28.84
N THR A 557 -1.74 35.19 -27.52
CA THR A 557 -0.95 34.21 -26.79
C THR A 557 -1.44 32.80 -27.09
N LYS A 558 -0.61 31.82 -26.77
CA LYS A 558 -0.96 30.41 -26.91
C LYS A 558 -2.29 30.11 -26.22
N SER A 559 -2.53 30.73 -25.07
CA SER A 559 -3.79 30.57 -24.33
C SER A 559 -4.95 31.17 -25.12
N MET A 560 -4.77 32.39 -25.61
CA MET A 560 -5.80 33.06 -26.40
C MET A 560 -6.14 32.26 -27.65
N GLU A 561 -5.11 31.70 -28.27
CA GLU A 561 -5.26 30.90 -29.47
C GLU A 561 -6.21 29.75 -29.20
N ILE A 562 -5.90 28.96 -28.16
CA ILE A 562 -6.71 27.79 -27.80
C ILE A 562 -8.15 28.18 -27.45
N ALA A 563 -8.30 29.26 -26.69
CA ALA A 563 -9.63 29.74 -26.28
C ALA A 563 -10.49 30.20 -27.46
N ILE A 564 -9.89 30.97 -28.36
CA ILE A 564 -10.59 31.39 -29.58
C ILE A 564 -10.93 30.16 -30.41
N GLN A 565 -9.95 29.28 -30.58
CA GLN A 565 -10.10 28.08 -31.39
C GLN A 565 -11.24 27.19 -30.89
N GLU A 566 -11.28 26.93 -29.57
CA GLU A 566 -12.29 26.05 -29.00
C GLU A 566 -13.68 26.66 -29.04
N THR A 567 -13.74 27.97 -28.83
CA THR A 567 -15.02 28.68 -28.87
C THR A 567 -15.60 28.75 -30.29
N LYS A 568 -14.71 28.79 -31.28
CA LYS A 568 -15.10 28.85 -32.68
C LYS A 568 -15.67 27.50 -33.12
N ARG A 569 -15.00 26.42 -32.71
CA ARG A 569 -15.50 25.06 -32.93
C ARG A 569 -16.90 24.86 -32.33
N ARG A 570 -17.10 25.29 -31.09
CA ARG A 570 -18.40 25.10 -30.43
C ARG A 570 -19.54 25.90 -31.10
N ARG A 571 -19.25 27.13 -31.52
CA ARG A 571 -20.28 27.94 -32.19
C ARG A 571 -20.69 27.31 -33.52
N ALA A 572 -19.69 26.89 -34.30
CA ALA A 572 -19.92 26.26 -35.60
C ALA A 572 -20.74 24.98 -35.47
N ILE A 573 -20.31 24.09 -34.58
CA ILE A 573 -21.05 22.85 -34.30
C ILE A 573 -22.46 23.14 -33.79
N GLN A 574 -22.61 24.14 -32.93
CA GLN A 574 -23.92 24.47 -32.39
C GLN A 574 -24.82 25.02 -33.50
N GLU A 575 -24.25 25.86 -34.36
CA GLU A 575 -24.95 26.38 -35.54
C GLU A 575 -25.41 25.26 -36.47
N GLU A 576 -24.56 24.23 -36.60
CA GLU A 576 -24.88 23.09 -37.43
C GLU A 576 -26.10 22.34 -36.89
N TYR A 577 -26.18 22.22 -35.57
CA TYR A 577 -27.32 21.61 -34.91
C TYR A 577 -28.59 22.45 -35.13
N ASN A 578 -28.52 23.73 -34.81
CA ASN A 578 -29.71 24.61 -34.87
C ASN A 578 -30.43 24.67 -36.22
N ARG A 579 -29.70 24.60 -37.31
CA ARG A 579 -30.31 24.57 -38.65
C ARG A 579 -30.99 23.22 -38.93
N LYS A 580 -30.44 22.14 -38.40
CA LYS A 580 -31.02 20.80 -38.54
C LYS A 580 -32.36 20.63 -37.81
N HIS A 581 -32.43 21.14 -36.59
CA HIS A 581 -33.51 20.83 -35.65
C HIS A 581 -34.52 21.97 -35.46
N GLY A 582 -34.54 22.92 -36.38
CA GLY A 582 -35.55 23.98 -36.36
C GLY A 582 -35.38 24.96 -35.22
N GLY B 3 -29.10 -5.08 9.95
CA GLY B 3 -28.12 -6.20 10.01
C GLY B 3 -27.71 -6.52 11.43
N ARG B 4 -28.53 -7.34 12.10
CA ARG B 4 -28.26 -7.72 13.49
C ARG B 4 -28.43 -9.22 13.70
N PHE B 5 -27.56 -9.78 14.54
CA PHE B 5 -27.58 -11.20 14.86
C PHE B 5 -28.74 -11.52 15.80
N GLN B 6 -29.29 -12.72 15.63
CA GLN B 6 -30.42 -13.21 16.41
C GLN B 6 -30.10 -14.62 16.86
N LEU B 7 -29.57 -14.72 18.07
CA LEU B 7 -29.19 -16.02 18.63
C LEU B 7 -30.44 -16.82 18.98
N VAL B 8 -30.41 -18.11 18.64
CA VAL B 8 -31.52 -19.02 18.90
C VAL B 8 -30.97 -20.30 19.49
N ALA B 9 -31.42 -20.63 20.70
CA ALA B 9 -31.11 -21.92 21.32
C ALA B 9 -32.13 -22.28 22.39
N PRO B 10 -32.37 -23.59 22.60
CA PRO B 10 -33.25 -23.99 23.68
C PRO B 10 -32.75 -23.55 25.07
N TYR B 11 -31.45 -23.64 25.28
CA TYR B 11 -30.85 -23.42 26.61
C TYR B 11 -30.38 -21.98 26.81
N GLU B 12 -29.99 -21.66 28.04
CA GLU B 12 -29.48 -20.36 28.42
C GLU B 12 -28.05 -20.53 28.97
N PRO B 13 -27.25 -19.45 28.99
CA PRO B 13 -25.89 -19.56 29.53
C PRO B 13 -25.87 -20.15 30.93
N GLN B 14 -25.20 -21.29 31.07
CA GLN B 14 -25.15 -22.01 32.33
C GLN B 14 -23.69 -22.13 32.77
N GLY B 15 -23.48 -22.57 34.00
CA GLY B 15 -22.11 -22.69 34.54
C GLY B 15 -21.41 -21.34 34.60
N ASP B 16 -20.14 -21.31 34.21
CA ASP B 16 -19.39 -20.04 34.16
C ASP B 16 -19.28 -19.48 32.74
N GLN B 17 -20.27 -19.79 31.92
CA GLN B 17 -20.39 -19.16 30.61
C GLN B 17 -20.65 -17.64 30.71
N PRO B 18 -21.59 -17.21 31.58
CA PRO B 18 -21.94 -15.78 31.60
C PRO B 18 -20.74 -14.87 31.90
N GLN B 19 -19.98 -15.20 32.94
CA GLN B 19 -18.73 -14.47 33.23
C GLN B 19 -17.75 -14.47 32.03
N ALA B 20 -17.67 -15.59 31.31
CA ALA B 20 -16.79 -15.68 30.15
C ALA B 20 -17.31 -14.79 29.02
N ILE B 21 -18.61 -14.85 28.78
CA ILE B 21 -19.28 -14.03 27.77
C ILE B 21 -19.09 -12.55 28.09
N ALA B 22 -19.48 -12.17 29.30
CA ALA B 22 -19.37 -10.79 29.77
C ALA B 22 -17.93 -10.26 29.74
N LYS B 23 -16.95 -11.10 30.03
CA LYS B 23 -15.54 -10.67 30.06
C LYS B 23 -14.96 -10.43 28.67
N LEU B 24 -15.37 -11.27 27.70
CA LEU B 24 -14.89 -11.17 26.32
C LEU B 24 -15.54 -10.02 25.58
N VAL B 25 -16.86 -9.87 25.76
CA VAL B 25 -17.59 -8.74 25.20
C VAL B 25 -17.01 -7.43 25.73
N ASP B 26 -16.86 -7.36 27.04
CA ASP B 26 -16.19 -6.23 27.69
C ASP B 26 -14.80 -5.96 27.11
N GLY B 27 -14.01 -7.02 26.92
CA GLY B 27 -12.69 -6.90 26.31
C GLY B 27 -12.73 -6.28 24.91
N LEU B 28 -13.64 -6.79 24.09
CA LEU B 28 -13.84 -6.27 22.74
C LEU B 28 -14.29 -4.81 22.77
N ARG B 29 -15.27 -4.50 23.61
CA ARG B 29 -15.76 -3.12 23.74
C ARG B 29 -14.73 -2.12 24.30
N ARG B 30 -13.72 -2.61 25.02
CA ARG B 30 -12.60 -1.76 25.45
C ARG B 30 -11.50 -1.72 24.38
N GLY B 31 -11.78 -2.30 23.23
CA GLY B 31 -10.85 -2.28 22.10
C GLY B 31 -9.61 -3.12 22.30
N VAL B 32 -9.71 -4.16 23.12
CA VAL B 32 -8.57 -5.04 23.34
C VAL B 32 -8.38 -5.87 22.08
N LYS B 33 -7.18 -5.82 21.52
CA LYS B 33 -6.89 -6.49 20.26
C LYS B 33 -6.96 -8.01 20.44
N HIS B 34 -6.13 -8.53 21.33
CA HIS B 34 -5.97 -9.97 21.55
C HIS B 34 -6.65 -10.46 22.82
N GLN B 35 -7.47 -11.52 22.69
CA GLN B 35 -8.03 -12.22 23.83
C GLN B 35 -8.01 -13.74 23.64
N THR B 36 -7.95 -14.46 24.76
CA THR B 36 -7.89 -15.91 24.76
C THR B 36 -8.97 -16.49 25.67
N LEU B 37 -9.75 -17.40 25.12
CA LEU B 37 -10.76 -18.12 25.87
C LEU B 37 -10.20 -19.49 26.23
N LEU B 38 -9.76 -19.65 27.47
CA LEU B 38 -9.27 -20.92 28.02
C LEU B 38 -10.45 -21.77 28.42
N GLY B 39 -10.99 -22.50 27.46
CA GLY B 39 -12.20 -23.28 27.65
C GLY B 39 -11.93 -24.76 27.64
N ALA B 40 -12.14 -25.40 28.79
CA ALA B 40 -12.00 -26.85 28.90
C ALA B 40 -12.94 -27.51 27.92
N THR B 41 -12.52 -28.65 27.38
CA THR B 41 -13.38 -29.41 26.47
C THR B 41 -14.66 -29.78 27.21
N GLY B 42 -15.78 -29.66 26.51
CA GLY B 42 -17.09 -30.01 27.06
C GLY B 42 -17.89 -28.82 27.56
N THR B 43 -17.19 -27.81 28.09
CA THR B 43 -17.84 -26.53 28.40
C THR B 43 -18.26 -25.95 27.05
N GLY B 44 -19.49 -25.46 26.95
CA GLY B 44 -20.03 -25.08 25.64
C GLY B 44 -19.37 -23.85 25.03
N LYS B 45 -18.22 -24.05 24.40
CA LYS B 45 -17.45 -22.96 23.79
C LYS B 45 -18.12 -22.37 22.55
N THR B 46 -18.75 -23.24 21.75
CA THR B 46 -19.44 -22.80 20.55
C THR B 46 -20.58 -21.88 20.95
N PHE B 47 -21.30 -22.25 22.00
CA PHE B 47 -22.38 -21.41 22.52
C PHE B 47 -21.82 -20.14 23.15
N THR B 48 -20.80 -20.28 24.01
CA THR B 48 -20.13 -19.14 24.64
C THR B 48 -19.69 -18.09 23.62
N ILE B 49 -19.04 -18.56 22.56
CA ILE B 49 -18.56 -17.70 21.50
C ILE B 49 -19.73 -17.10 20.72
N SER B 50 -20.70 -17.94 20.36
CA SER B 50 -21.89 -17.46 19.67
C SER B 50 -22.60 -16.31 20.41
N ASN B 51 -22.58 -16.36 21.74
CA ASN B 51 -23.15 -15.27 22.55
C ASN B 51 -22.32 -13.99 22.40
N VAL B 52 -21.00 -14.12 22.51
CA VAL B 52 -20.09 -13.00 22.28
C VAL B 52 -20.36 -12.36 20.92
N ILE B 53 -20.62 -13.19 19.91
CA ILE B 53 -20.89 -12.72 18.54
C ILE B 53 -22.24 -12.00 18.46
N ALA B 54 -23.25 -12.52 19.14
CA ALA B 54 -24.60 -11.96 19.11
C ALA B 54 -24.69 -10.57 19.75
N GLN B 55 -23.83 -10.32 20.74
CA GLN B 55 -23.83 -9.04 21.44
C GLN B 55 -23.06 -7.94 20.71
N VAL B 56 -21.93 -8.26 20.09
CA VAL B 56 -21.09 -7.23 19.44
C VAL B 56 -21.48 -6.91 18.00
N ASN B 57 -22.23 -7.82 17.37
CA ASN B 57 -22.70 -7.63 16.00
C ASN B 57 -21.62 -7.11 15.06
N LYS B 58 -20.56 -7.89 14.88
CA LYS B 58 -19.54 -7.61 13.88
C LYS B 58 -19.48 -8.80 12.93
N PRO B 59 -19.18 -8.54 11.65
CA PRO B 59 -18.93 -9.67 10.76
C PRO B 59 -17.71 -10.42 11.25
N THR B 60 -17.88 -11.70 11.54
CA THR B 60 -16.82 -12.51 12.13
C THR B 60 -16.28 -13.56 11.16
N LEU B 61 -14.99 -13.83 11.28
CA LEU B 61 -14.38 -14.99 10.63
C LEU B 61 -13.91 -16.00 11.68
N VAL B 62 -14.45 -17.22 11.61
CA VAL B 62 -14.01 -18.33 12.47
C VAL B 62 -13.02 -19.18 11.68
N ILE B 63 -11.79 -19.31 12.18
CA ILE B 63 -10.76 -20.11 11.49
C ILE B 63 -10.55 -21.42 12.24
N ALA B 64 -10.69 -22.53 11.53
CA ALA B 64 -10.47 -23.87 12.07
C ALA B 64 -9.28 -24.57 11.41
N HIS B 65 -8.74 -25.58 12.10
CA HIS B 65 -7.53 -26.26 11.65
C HIS B 65 -7.76 -27.46 10.72
N ASN B 66 -8.96 -28.04 10.75
CA ASN B 66 -9.32 -29.06 9.77
C ASN B 66 -10.79 -28.95 9.39
N LYS B 67 -11.10 -29.28 8.15
CA LYS B 67 -12.43 -29.03 7.59
C LYS B 67 -13.52 -29.82 8.30
N THR B 68 -13.16 -31.00 8.78
CA THR B 68 -14.09 -31.83 9.54
C THR B 68 -14.60 -31.05 10.76
N LEU B 69 -13.67 -30.51 11.55
CA LEU B 69 -14.04 -29.71 12.72
C LEU B 69 -14.68 -28.38 12.31
N ALA B 70 -14.21 -27.80 11.21
CA ALA B 70 -14.80 -26.58 10.64
C ALA B 70 -16.24 -26.81 10.19
N GLY B 71 -16.47 -27.93 9.51
CA GLY B 71 -17.81 -28.31 9.07
C GLY B 71 -18.81 -28.46 10.20
N GLN B 72 -18.36 -29.00 11.33
CA GLN B 72 -19.22 -29.16 12.49
C GLN B 72 -19.64 -27.81 13.08
N LEU B 73 -18.66 -26.92 13.25
CA LEU B 73 -18.92 -25.54 13.65
C LEU B 73 -19.86 -24.85 12.67
N TYR B 74 -19.69 -25.12 11.38
CA TYR B 74 -20.54 -24.53 10.36
C TYR B 74 -21.99 -24.93 10.57
N SER B 75 -22.24 -26.22 10.71
CA SER B 75 -23.58 -26.74 10.93
C SER B 75 -24.17 -26.24 12.25
N GLU B 76 -23.35 -26.22 13.30
CA GLU B 76 -23.78 -25.75 14.61
C GLU B 76 -24.15 -24.26 14.62
N LEU B 77 -23.35 -23.43 13.96
CA LEU B 77 -23.63 -21.99 13.85
C LEU B 77 -24.78 -21.68 12.89
N LYS B 78 -25.09 -22.60 11.98
CA LYS B 78 -26.32 -22.50 11.18
C LYS B 78 -27.57 -22.69 12.03
N GLU B 79 -27.48 -23.50 13.08
CA GLU B 79 -28.59 -23.68 14.02
C GLU B 79 -28.77 -22.43 14.88
N PHE B 80 -27.67 -21.96 15.46
CA PHE B 80 -27.69 -20.80 16.37
C PHE B 80 -28.11 -19.51 15.67
N PHE B 81 -27.79 -19.38 14.40
CA PHE B 81 -28.17 -18.22 13.62
C PHE B 81 -28.82 -18.64 12.31
N PRO B 82 -30.14 -18.95 12.35
CA PRO B 82 -30.87 -19.41 11.16
C PRO B 82 -31.38 -18.27 10.27
N HIS B 83 -31.58 -17.09 10.85
CA HIS B 83 -32.05 -15.92 10.10
C HIS B 83 -30.90 -15.03 9.65
N ASN B 84 -29.68 -15.34 10.08
CA ASN B 84 -28.50 -14.58 9.67
C ASN B 84 -27.69 -15.36 8.63
N ALA B 85 -26.60 -14.77 8.16
CA ALA B 85 -25.80 -15.40 7.11
C ALA B 85 -24.62 -16.19 7.71
N VAL B 86 -24.77 -17.51 7.75
CA VAL B 86 -23.66 -18.40 8.09
C VAL B 86 -23.12 -19.05 6.81
N GLU B 87 -21.83 -18.88 6.57
CA GLU B 87 -21.21 -19.33 5.33
C GLU B 87 -19.97 -20.19 5.62
N TYR B 88 -19.47 -20.82 4.58
CA TYR B 88 -18.41 -21.84 4.68
C TYR B 88 -17.39 -21.65 3.57
N PHE B 89 -16.13 -21.41 3.97
CA PHE B 89 -15.03 -21.10 3.03
C PHE B 89 -13.81 -22.01 3.22
N VAL B 90 -13.82 -23.17 2.56
CA VAL B 90 -12.70 -24.12 2.57
C VAL B 90 -12.35 -24.45 1.12
N CYS B 91 -11.32 -25.26 0.93
CA CYS B 91 -10.96 -25.76 -0.41
C CYS B 91 -11.52 -27.15 -0.61
N TYR B 92 -11.32 -27.70 -1.80
CA TYR B 92 -11.94 -28.96 -2.22
C TYR B 92 -11.60 -30.14 -1.30
N TYR B 93 -12.62 -30.95 -0.96
CA TYR B 93 -12.45 -32.11 -0.10
C TYR B 93 -13.66 -33.04 -0.13
N ILE B 115 -18.98 -33.02 -5.09
CA ILE B 115 -19.29 -31.76 -4.43
C ILE B 115 -18.10 -30.79 -4.39
N ASN B 116 -17.49 -30.59 -5.55
CA ASN B 116 -16.56 -29.48 -5.74
C ASN B 116 -17.32 -28.30 -6.32
N ASP B 117 -18.48 -28.59 -6.89
CA ASP B 117 -19.48 -27.57 -7.20
C ASP B 117 -19.98 -26.95 -5.90
N GLU B 118 -20.26 -27.79 -4.92
CA GLU B 118 -20.75 -27.38 -3.59
C GLU B 118 -19.80 -26.45 -2.86
N ILE B 119 -18.53 -26.83 -2.77
CA ILE B 119 -17.51 -26.03 -2.08
C ILE B 119 -17.26 -24.72 -2.80
N ASP B 120 -17.19 -24.79 -4.13
CA ASP B 120 -17.02 -23.60 -4.95
C ASP B 120 -18.24 -22.68 -4.76
N LYS B 121 -19.44 -23.23 -4.84
CA LYS B 121 -20.65 -22.46 -4.60
C LYS B 121 -20.63 -21.76 -3.24
N LEU B 122 -20.23 -22.47 -2.20
CA LEU B 122 -20.23 -21.90 -0.86
C LEU B 122 -19.17 -20.81 -0.68
N ARG B 123 -18.07 -20.92 -1.41
CA ARG B 123 -17.04 -19.88 -1.42
C ARG B 123 -17.62 -18.57 -1.95
N HIS B 124 -18.39 -18.65 -3.04
CA HIS B 124 -19.06 -17.47 -3.59
C HIS B 124 -20.18 -16.95 -2.70
N SER B 125 -20.83 -17.84 -1.97
CA SER B 125 -21.86 -17.46 -1.03
C SER B 125 -21.28 -16.64 0.12
N ALA B 126 -20.06 -16.98 0.53
CA ALA B 126 -19.35 -16.26 1.59
C ALA B 126 -18.99 -14.83 1.16
N THR B 127 -18.26 -14.71 0.05
CA THR B 127 -17.81 -13.41 -0.44
C THR B 127 -18.98 -12.49 -0.80
N SER B 128 -19.99 -13.03 -1.45
CA SER B 128 -21.15 -12.22 -1.81
C SER B 128 -21.89 -11.77 -0.55
N ALA B 129 -22.04 -12.65 0.44
CA ALA B 129 -22.71 -12.29 1.69
C ALA B 129 -22.06 -11.07 2.37
N LEU B 130 -20.73 -10.99 2.29
CA LEU B 130 -19.98 -9.92 2.94
C LEU B 130 -20.32 -8.54 2.38
N PHE B 131 -20.68 -8.49 1.11
CA PHE B 131 -20.99 -7.23 0.43
C PHE B 131 -22.48 -6.87 0.46
N GLU B 132 -23.31 -7.79 0.88
CA GLU B 132 -24.76 -7.60 0.91
C GLU B 132 -25.30 -7.26 2.29
N ARG B 133 -24.53 -7.56 3.32
CA ARG B 133 -25.04 -7.47 4.68
C ARG B 133 -23.91 -7.52 5.70
N ARG B 134 -24.25 -7.20 6.94
CA ARG B 134 -23.27 -7.17 8.04
C ARG B 134 -23.29 -8.44 8.88
N ASP B 135 -24.50 -8.91 9.17
CA ASP B 135 -24.70 -10.10 10.01
C ASP B 135 -24.25 -11.42 9.35
N VAL B 136 -22.94 -11.53 9.12
CA VAL B 136 -22.37 -12.68 8.44
C VAL B 136 -21.29 -13.32 9.32
N ILE B 137 -21.36 -14.66 9.46
CA ILE B 137 -20.29 -15.45 10.07
C ILE B 137 -19.76 -16.40 9.01
N ILE B 138 -18.44 -16.40 8.80
CA ILE B 138 -17.80 -17.34 7.89
C ILE B 138 -16.94 -18.33 8.69
N VAL B 139 -17.12 -19.61 8.41
CA VAL B 139 -16.26 -20.65 8.94
C VAL B 139 -15.27 -20.99 7.85
N ALA B 140 -13.99 -20.84 8.14
CA ALA B 140 -12.97 -21.00 7.13
C ALA B 140 -11.82 -21.88 7.63
N SER B 141 -11.07 -22.44 6.69
CA SER B 141 -9.82 -23.11 6.97
C SER B 141 -8.70 -22.12 6.67
N VAL B 142 -7.44 -22.56 6.67
CA VAL B 142 -6.33 -21.66 6.30
C VAL B 142 -6.46 -21.11 4.88
N SER B 143 -7.38 -21.65 4.10
CA SER B 143 -7.76 -21.02 2.84
C SER B 143 -8.08 -19.53 3.02
N SER B 144 -8.50 -19.16 4.24
CA SER B 144 -8.74 -17.76 4.59
C SER B 144 -7.55 -16.82 4.32
N ILE B 145 -6.32 -17.30 4.49
CA ILE B 145 -5.12 -16.51 4.21
C ILE B 145 -4.50 -16.79 2.84
N TYR B 146 -5.14 -17.63 2.05
CA TYR B 146 -4.61 -18.00 0.75
C TYR B 146 -4.99 -17.00 -0.33
N GLY B 147 -4.29 -17.12 -1.46
CA GLY B 147 -4.37 -16.15 -2.55
C GLY B 147 -5.74 -16.05 -3.19
N LEU B 148 -6.16 -14.82 -3.45
CA LEU B 148 -7.48 -14.53 -4.00
C LEU B 148 -7.38 -13.24 -4.82
N GLY B 149 -8.35 -13.02 -5.71
CA GLY B 149 -8.40 -11.78 -6.49
C GLY B 149 -8.90 -10.63 -5.64
N SER B 150 -8.76 -9.41 -6.16
CA SER B 150 -9.10 -8.21 -5.42
C SER B 150 -10.60 -8.08 -5.09
N PRO B 151 -10.94 -7.70 -3.84
CA PRO B 151 -12.33 -7.50 -3.44
C PRO B 151 -12.94 -6.25 -4.06
N GLU B 152 -12.08 -5.25 -4.27
CA GLU B 152 -12.42 -4.05 -5.02
C GLU B 152 -12.96 -4.47 -6.38
N GLU B 153 -12.16 -5.23 -7.12
CA GLU B 153 -12.53 -5.69 -8.45
C GLU B 153 -13.79 -6.58 -8.46
N TYR B 154 -13.82 -7.52 -7.52
CA TYR B 154 -14.97 -8.41 -7.34
C TYR B 154 -16.26 -7.59 -7.11
N ARG B 155 -16.20 -6.65 -6.18
CA ARG B 155 -17.37 -5.85 -5.84
C ARG B 155 -17.76 -4.83 -6.93
N GLU B 156 -16.75 -4.18 -7.52
CA GLU B 156 -17.00 -3.13 -8.51
C GLU B 156 -17.68 -3.66 -9.78
N LEU B 157 -17.39 -4.92 -10.13
CA LEU B 157 -17.96 -5.55 -11.32
C LEU B 157 -19.35 -6.17 -11.10
N VAL B 158 -19.92 -6.00 -9.91
CA VAL B 158 -21.28 -6.47 -9.61
C VAL B 158 -22.28 -5.84 -10.58
N VAL B 159 -23.08 -6.68 -11.25
CA VAL B 159 -24.23 -6.13 -12.00
C VAL B 159 -25.43 -6.00 -11.07
N SER B 160 -26.02 -4.80 -11.06
CA SER B 160 -27.10 -4.47 -10.15
C SER B 160 -28.40 -4.24 -10.91
N LEU B 161 -29.51 -4.72 -10.36
CA LEU B 161 -30.80 -4.68 -11.05
C LEU B 161 -31.91 -4.25 -10.11
N ARG B 162 -32.73 -3.33 -10.61
CA ARG B 162 -33.91 -2.80 -9.94
C ARG B 162 -35.12 -3.03 -10.83
N VAL B 163 -36.30 -3.09 -10.22
CA VAL B 163 -37.53 -2.96 -11.00
C VAL B 163 -37.66 -1.49 -11.37
N GLY B 164 -38.16 -1.21 -12.58
CA GLY B 164 -38.23 0.16 -13.08
C GLY B 164 -36.98 0.60 -13.83
N MET B 165 -35.88 -0.08 -13.59
CA MET B 165 -34.61 0.19 -14.25
C MET B 165 -34.74 0.26 -15.76
N GLU B 166 -34.04 1.22 -16.37
CA GLU B 166 -33.92 1.28 -17.83
C GLU B 166 -32.57 0.65 -18.19
N ILE B 167 -32.61 -0.41 -19.00
CA ILE B 167 -31.39 -1.11 -19.40
C ILE B 167 -31.66 -1.95 -20.63
N GLU B 168 -30.79 -1.82 -21.64
CA GLU B 168 -30.89 -2.64 -22.84
C GLU B 168 -30.52 -4.06 -22.46
N ARG B 169 -31.33 -5.01 -22.92
CA ARG B 169 -31.16 -6.43 -22.58
C ARG B 169 -29.80 -6.94 -23.04
N ASN B 170 -29.42 -6.53 -24.24
CA ASN B 170 -28.11 -6.85 -24.79
C ASN B 170 -26.96 -6.33 -23.91
N ALA B 171 -27.19 -5.19 -23.26
CA ALA B 171 -26.23 -4.61 -22.31
C ALA B 171 -26.04 -5.49 -21.08
N LEU B 172 -27.15 -5.94 -20.50
CA LEU B 172 -27.14 -6.87 -19.37
C LEU B 172 -26.34 -8.12 -19.69
N LEU B 173 -26.59 -8.70 -20.87
CA LEU B 173 -25.95 -9.96 -21.27
C LEU B 173 -24.45 -9.80 -21.51
N ARG B 174 -24.05 -8.67 -22.09
CA ARG B 174 -22.62 -8.40 -22.28
C ARG B 174 -21.88 -8.33 -20.95
N ARG B 175 -22.55 -7.75 -19.95
CA ARG B 175 -21.93 -7.59 -18.63
C ARG B 175 -21.86 -8.92 -17.87
N LEU B 176 -22.88 -9.76 -18.03
CA LEU B 176 -22.87 -11.09 -17.40
C LEU B 176 -21.76 -11.97 -17.97
N VAL B 177 -21.63 -11.99 -19.29
CA VAL B 177 -20.56 -12.77 -19.92
C VAL B 177 -19.18 -12.32 -19.44
N ASP B 178 -18.98 -11.01 -19.33
CA ASP B 178 -17.69 -10.46 -18.91
C ASP B 178 -17.35 -10.70 -17.42
N ILE B 179 -18.36 -11.00 -16.62
CA ILE B 179 -18.13 -11.45 -15.22
C ILE B 179 -18.25 -12.98 -15.07
N GLN B 180 -17.89 -13.69 -16.14
CA GLN B 180 -17.67 -15.13 -16.14
C GLN B 180 -18.92 -16.03 -16.02
N TYR B 181 -20.09 -15.48 -16.33
CA TYR B 181 -21.29 -16.30 -16.55
C TYR B 181 -21.36 -16.68 -18.03
N ASP B 182 -21.85 -17.90 -18.31
CA ASP B 182 -22.01 -18.36 -19.70
C ASP B 182 -23.47 -18.44 -20.06
N ARG B 183 -23.74 -18.33 -21.36
CA ARG B 183 -25.09 -18.52 -21.86
C ARG B 183 -25.32 -20.01 -22.05
N ASN B 184 -26.36 -20.54 -21.42
CA ASN B 184 -26.72 -21.95 -21.58
C ASN B 184 -28.23 -22.12 -21.43
N ASP B 185 -28.90 -22.30 -22.57
CA ASP B 185 -30.36 -22.43 -22.60
C ASP B 185 -30.83 -23.81 -22.15
N ILE B 186 -30.12 -24.85 -22.59
CA ILE B 186 -30.50 -26.24 -22.25
C ILE B 186 -30.12 -26.61 -20.80
N ASP B 187 -28.84 -26.78 -20.53
CA ASP B 187 -28.36 -27.21 -19.21
C ASP B 187 -28.18 -26.00 -18.29
N PHE B 188 -29.30 -25.42 -17.87
CA PHE B 188 -29.32 -24.23 -17.02
C PHE B 188 -28.93 -24.57 -15.58
N ARG B 189 -27.63 -24.56 -15.33
CA ARG B 189 -27.07 -24.89 -14.01
C ARG B 189 -26.56 -23.63 -13.29
N ARG B 190 -25.82 -23.82 -12.21
CA ARG B 190 -25.23 -22.72 -11.45
C ARG B 190 -24.15 -22.02 -12.27
N GLY B 191 -24.12 -20.69 -12.17
CA GLY B 191 -23.07 -19.87 -12.81
C GLY B 191 -23.31 -19.58 -14.28
N THR B 192 -24.58 -19.57 -14.68
CA THR B 192 -24.95 -19.33 -16.08
C THR B 192 -26.31 -18.62 -16.18
N PHE B 193 -26.59 -18.14 -17.38
CA PHE B 193 -27.86 -17.46 -17.67
C PHE B 193 -28.47 -18.00 -18.95
N ARG B 194 -29.78 -17.79 -19.05
CA ARG B 194 -30.60 -18.27 -20.16
C ARG B 194 -31.50 -17.11 -20.56
N VAL B 195 -31.80 -17.02 -21.84
CA VAL B 195 -32.81 -16.06 -22.34
C VAL B 195 -33.88 -16.79 -23.16
N ARG B 196 -35.13 -16.40 -22.95
CA ARG B 196 -36.23 -16.87 -23.78
C ARG B 196 -37.42 -15.92 -23.68
N GLY B 197 -37.79 -15.35 -24.82
CA GLY B 197 -38.84 -14.35 -24.88
C GLY B 197 -38.41 -13.03 -24.26
N ASP B 198 -39.31 -12.43 -23.47
CA ASP B 198 -38.99 -11.19 -22.75
C ASP B 198 -38.52 -11.48 -21.31
N VAL B 199 -37.82 -12.60 -21.12
CA VAL B 199 -37.37 -13.02 -19.81
C VAL B 199 -35.88 -13.36 -19.84
N VAL B 200 -35.15 -12.87 -18.85
CA VAL B 200 -33.75 -13.27 -18.62
C VAL B 200 -33.61 -13.95 -17.27
N GLU B 201 -33.25 -15.23 -17.28
CA GLU B 201 -33.04 -16.00 -16.06
C GLU B 201 -31.56 -16.14 -15.78
N ILE B 202 -31.18 -15.96 -14.53
CA ILE B 202 -29.78 -16.01 -14.13
C ILE B 202 -29.62 -16.91 -12.92
N PHE B 203 -28.61 -17.77 -12.96
CA PHE B 203 -28.34 -18.71 -11.86
C PHE B 203 -27.06 -18.25 -11.19
N PRO B 204 -27.17 -17.50 -10.08
CA PRO B 204 -25.96 -16.92 -9.48
C PRO B 204 -24.92 -17.96 -9.05
N ALA B 205 -23.65 -17.63 -9.22
CA ALA B 205 -22.56 -18.51 -8.80
C ALA B 205 -22.64 -18.82 -7.31
N SER B 206 -23.21 -17.87 -6.58
CA SER B 206 -23.43 -17.96 -5.15
C SER B 206 -24.44 -19.03 -4.75
N ARG B 207 -25.29 -19.45 -5.69
CA ARG B 207 -26.53 -20.13 -5.32
C ARG B 207 -26.71 -21.54 -5.86
N ASP B 208 -27.57 -22.22 -5.12
CA ASP B 208 -27.66 -23.66 -5.03
C ASP B 208 -28.70 -24.18 -6.03
N GLU B 209 -29.95 -23.86 -5.75
CA GLU B 209 -31.09 -24.22 -6.57
C GLU B 209 -32.10 -23.05 -6.69
N HIS B 210 -31.66 -21.83 -6.40
CA HIS B 210 -32.49 -20.64 -6.56
C HIS B 210 -31.90 -19.76 -7.65
N SER B 211 -32.62 -19.62 -8.75
CA SER B 211 -32.21 -18.75 -9.85
C SER B 211 -33.01 -17.47 -9.82
N ILE B 212 -32.52 -16.45 -10.52
CA ILE B 212 -33.22 -15.17 -10.65
C ILE B 212 -33.90 -15.09 -12.01
N ARG B 213 -35.11 -14.52 -12.02
CA ARG B 213 -35.92 -14.36 -13.21
C ARG B 213 -36.23 -12.88 -13.40
N VAL B 214 -35.76 -12.31 -14.51
CA VAL B 214 -35.93 -10.90 -14.83
C VAL B 214 -36.87 -10.76 -16.03
N GLU B 215 -37.98 -10.06 -15.86
CA GLU B 215 -38.95 -9.86 -16.94
C GLU B 215 -38.87 -8.43 -17.46
N PHE B 216 -38.81 -8.30 -18.78
CA PHE B 216 -38.68 -7.00 -19.42
C PHE B 216 -39.94 -6.59 -20.17
N PHE B 217 -40.29 -5.31 -20.11
CA PHE B 217 -41.19 -4.71 -21.10
C PHE B 217 -40.41 -3.69 -21.89
N GLY B 218 -39.93 -4.10 -23.05
CA GLY B 218 -39.03 -3.28 -23.84
C GLY B 218 -37.67 -3.20 -23.17
N ASP B 219 -37.28 -1.99 -22.79
CA ASP B 219 -36.00 -1.74 -22.11
C ASP B 219 -36.17 -1.57 -20.59
N GLU B 220 -37.41 -1.62 -20.12
CA GLU B 220 -37.70 -1.46 -18.71
C GLU B 220 -37.91 -2.81 -18.06
N ILE B 221 -37.35 -2.98 -16.86
CA ILE B 221 -37.56 -4.18 -16.06
C ILE B 221 -38.91 -4.09 -15.36
N GLU B 222 -39.79 -5.04 -15.64
CA GLU B 222 -41.14 -5.05 -15.09
C GLU B 222 -41.14 -5.70 -13.71
N ARG B 223 -40.51 -6.86 -13.59
CA ARG B 223 -40.39 -7.53 -12.29
C ARG B 223 -39.18 -8.46 -12.16
N ILE B 224 -38.81 -8.72 -10.91
CA ILE B 224 -37.73 -9.63 -10.56
C ILE B 224 -38.27 -10.66 -9.57
N ARG B 225 -38.04 -11.95 -9.84
CA ARG B 225 -38.53 -13.03 -8.98
C ARG B 225 -37.42 -14.00 -8.64
N GLU B 226 -37.39 -14.46 -7.39
CA GLU B 226 -36.54 -15.58 -7.01
C GLU B 226 -37.34 -16.86 -7.25
N VAL B 227 -36.77 -17.77 -8.02
CA VAL B 227 -37.48 -18.96 -8.50
C VAL B 227 -36.61 -20.20 -8.29
N ASP B 228 -37.23 -21.29 -7.86
CA ASP B 228 -36.57 -22.58 -7.76
C ASP B 228 -36.28 -23.05 -9.18
N ALA B 229 -35.01 -23.29 -9.48
CA ALA B 229 -34.56 -23.45 -10.86
C ALA B 229 -35.04 -24.75 -11.50
N LEU B 230 -34.75 -25.86 -10.85
CA LEU B 230 -35.04 -27.18 -11.41
C LEU B 230 -36.56 -27.42 -11.54
N THR B 231 -37.30 -27.15 -10.47
CA THR B 231 -38.77 -27.33 -10.50
C THR B 231 -39.49 -26.18 -11.23
N GLY B 232 -39.08 -24.93 -10.98
CA GLY B 232 -39.64 -23.76 -11.67
C GLY B 232 -40.61 -22.90 -10.85
N GLU B 233 -40.88 -23.29 -9.61
CA GLU B 233 -41.83 -22.59 -8.73
C GLU B 233 -41.24 -21.30 -8.18
N VAL B 234 -42.13 -20.40 -7.76
CA VAL B 234 -41.79 -19.02 -7.42
C VAL B 234 -41.79 -18.80 -5.90
N LEU B 235 -40.70 -18.27 -5.36
CA LEU B 235 -40.60 -17.98 -3.92
C LEU B 235 -41.24 -16.64 -3.57
N GLY B 236 -40.60 -15.55 -4.00
CA GLY B 236 -41.05 -14.19 -3.68
C GLY B 236 -40.51 -13.16 -4.64
N GLU B 237 -41.17 -12.00 -4.70
CA GLU B 237 -40.76 -10.92 -5.59
C GLU B 237 -39.66 -10.06 -4.98
N ARG B 238 -38.71 -9.66 -5.81
CA ARG B 238 -37.58 -8.82 -5.41
C ARG B 238 -37.68 -7.44 -6.06
N GLU B 239 -37.47 -6.40 -5.27
CA GLU B 239 -37.35 -5.04 -5.80
C GLU B 239 -35.99 -4.87 -6.46
N HIS B 240 -34.99 -5.56 -5.95
CA HIS B 240 -33.64 -5.46 -6.46
C HIS B 240 -32.81 -6.69 -6.14
N VAL B 241 -31.75 -6.89 -6.92
CA VAL B 241 -30.84 -8.01 -6.69
C VAL B 241 -29.48 -7.67 -7.27
N ALA B 242 -28.42 -8.19 -6.64
CA ALA B 242 -27.05 -7.92 -7.06
C ALA B 242 -26.35 -9.20 -7.47
N ILE B 243 -26.00 -9.32 -8.74
CA ILE B 243 -25.32 -10.51 -9.24
C ILE B 243 -23.82 -10.27 -9.17
N PHE B 244 -23.15 -11.03 -8.32
CA PHE B 244 -21.70 -10.94 -8.19
C PHE B 244 -21.04 -11.82 -9.22
N PRO B 245 -19.77 -11.56 -9.55
CA PRO B 245 -19.12 -12.38 -10.57
C PRO B 245 -19.04 -13.87 -10.23
N ALA B 246 -18.73 -14.66 -11.25
CA ALA B 246 -18.67 -16.12 -11.15
C ALA B 246 -17.23 -16.60 -10.97
N SER B 247 -16.34 -15.70 -10.60
CA SER B 247 -14.96 -16.06 -10.29
C SER B 247 -14.37 -14.98 -9.39
N HIS B 248 -13.54 -15.39 -8.45
CA HIS B 248 -12.89 -14.44 -7.56
C HIS B 248 -11.67 -13.79 -8.21
N PHE B 249 -11.24 -14.32 -9.34
CA PHE B 249 -10.14 -13.77 -10.12
C PHE B 249 -10.63 -13.13 -11.42
N VAL B 250 -11.64 -12.28 -11.33
CA VAL B 250 -12.15 -11.58 -12.51
C VAL B 250 -11.57 -10.16 -12.57
N THR B 251 -11.17 -9.73 -13.75
CA THR B 251 -10.64 -8.38 -13.97
C THR B 251 -11.19 -7.79 -15.26
N ARG B 252 -11.27 -6.46 -15.30
CA ARG B 252 -11.88 -5.74 -16.39
C ARG B 252 -11.25 -6.02 -17.75
N GLU B 253 -12.00 -5.68 -18.79
CA GLU B 253 -11.58 -5.84 -20.19
C GLU B 253 -10.37 -4.97 -20.51
N GLU B 254 -10.32 -3.77 -19.90
CA GLU B 254 -9.19 -2.87 -20.06
C GLU B 254 -7.91 -3.48 -19.52
N LYS B 255 -7.97 -3.95 -18.28
CA LYS B 255 -6.80 -4.51 -17.60
C LYS B 255 -6.27 -5.78 -18.25
N MET B 256 -7.15 -6.55 -18.87
CA MET B 256 -6.77 -7.82 -19.50
C MET B 256 -5.70 -7.70 -20.60
N ARG B 257 -5.86 -6.72 -21.47
CA ARG B 257 -4.88 -6.46 -22.53
C ARG B 257 -3.57 -5.94 -21.95
N LEU B 258 -3.68 -4.97 -21.05
CA LEU B 258 -2.53 -4.39 -20.37
C LEU B 258 -1.79 -5.41 -19.50
N ALA B 259 -2.51 -6.42 -19.02
CA ALA B 259 -1.91 -7.52 -18.28
C ALA B 259 -0.99 -8.35 -19.20
N ILE B 260 -1.52 -8.77 -20.34
CA ILE B 260 -0.77 -9.61 -21.28
C ILE B 260 0.48 -8.88 -21.78
N GLN B 261 0.38 -7.56 -21.91
CA GLN B 261 1.52 -6.72 -22.29
C GLN B 261 2.67 -6.86 -21.29
N ASN B 262 2.36 -6.68 -20.01
CA ASN B 262 3.33 -6.83 -18.93
C ASN B 262 3.76 -8.29 -18.67
N ILE B 263 2.87 -9.24 -18.97
CA ILE B 263 3.15 -10.66 -18.76
C ILE B 263 4.22 -11.15 -19.74
N GLU B 264 4.00 -10.87 -21.02
CA GLU B 264 4.96 -11.26 -22.06
C GLU B 264 6.25 -10.46 -21.95
N GLN B 265 6.15 -9.24 -21.43
CA GLN B 265 7.30 -8.38 -21.14
C GLN B 265 8.15 -8.91 -19.99
N GLU B 266 7.51 -9.53 -19.00
CA GLU B 266 8.24 -10.23 -17.93
C GLU B 266 8.73 -11.60 -18.41
N LEU B 267 7.93 -12.26 -19.24
CA LEU B 267 8.31 -13.54 -19.85
C LEU B 267 9.60 -13.41 -20.66
N GLU B 268 9.72 -12.31 -21.41
CA GLU B 268 10.94 -12.04 -22.19
C GLU B 268 12.17 -11.86 -21.32
N GLU B 269 12.04 -11.09 -20.25
CA GLU B 269 13.13 -10.89 -19.28
C GLU B 269 13.54 -12.23 -18.64
N ARG B 270 12.55 -13.08 -18.38
CA ARG B 270 12.77 -14.38 -17.75
C ARG B 270 13.35 -15.42 -18.73
N LEU B 271 12.81 -15.44 -19.94
CA LEU B 271 13.32 -16.33 -20.98
C LEU B 271 14.79 -16.03 -21.26
N ALA B 272 15.13 -14.74 -21.20
CA ALA B 272 16.51 -14.27 -21.37
C ALA B 272 17.46 -14.75 -20.27
N GLU B 273 16.98 -14.80 -19.04
CA GLU B 273 17.79 -15.32 -17.92
C GLU B 273 17.88 -16.86 -17.90
N LEU B 274 16.88 -17.56 -18.46
CA LEU B 274 16.93 -19.03 -18.54
C LEU B 274 17.90 -19.51 -19.60
N ARG B 275 17.76 -18.96 -20.81
CA ARG B 275 18.69 -19.25 -21.91
C ARG B 275 20.14 -18.90 -21.54
N ALA B 276 20.31 -17.86 -20.73
CA ALA B 276 21.62 -17.41 -20.24
C ALA B 276 22.31 -18.36 -19.24
N GLN B 277 21.59 -19.38 -18.78
CA GLN B 277 22.14 -20.42 -17.89
C GLN B 277 22.07 -21.82 -18.54
N GLY B 278 21.95 -21.87 -19.87
CA GLY B 278 21.65 -23.12 -20.56
C GLY B 278 20.15 -23.30 -20.56
N LYS B 279 19.68 -24.29 -19.79
CA LYS B 279 18.23 -24.48 -19.53
C LYS B 279 17.34 -24.18 -20.75
N LEU B 280 17.47 -25.01 -21.78
CA LEU B 280 16.65 -24.89 -22.99
C LEU B 280 15.34 -25.68 -22.86
N LEU B 281 15.41 -26.82 -22.18
CA LEU B 281 14.21 -27.61 -21.88
C LEU B 281 13.26 -26.82 -20.97
N GLU B 282 13.83 -26.05 -20.06
CA GLU B 282 13.05 -25.26 -19.09
C GLU B 282 12.45 -23.99 -19.69
N ALA B 283 13.10 -23.44 -20.72
CA ALA B 283 12.58 -22.29 -21.44
C ALA B 283 11.43 -22.68 -22.39
N GLN B 284 11.58 -23.82 -23.06
CA GLN B 284 10.54 -24.34 -23.97
C GLN B 284 9.27 -24.69 -23.17
N ARG B 285 9.46 -25.36 -22.04
CA ARG B 285 8.36 -25.70 -21.13
C ARG B 285 7.58 -24.47 -20.69
N LEU B 286 8.30 -23.48 -20.18
CA LEU B 286 7.73 -22.19 -19.79
C LEU B 286 6.98 -21.50 -20.93
N GLU B 287 7.65 -21.35 -22.07
CA GLU B 287 7.07 -20.69 -23.23
C GLU B 287 5.79 -21.40 -23.69
N GLN B 288 5.89 -22.71 -23.93
CA GLN B 288 4.75 -23.51 -24.37
C GLN B 288 3.51 -23.31 -23.48
N ARG B 289 3.72 -23.30 -22.17
CA ARG B 289 2.62 -23.17 -21.21
C ARG B 289 2.05 -21.76 -21.17
N THR B 290 2.94 -20.79 -20.97
CA THR B 290 2.55 -19.38 -20.89
C THR B 290 1.80 -18.90 -22.14
N ARG B 291 2.20 -19.39 -23.32
CA ARG B 291 1.54 -19.02 -24.58
C ARG B 291 0.10 -19.54 -24.63
N TYR B 292 -0.08 -20.81 -24.23
CA TYR B 292 -1.42 -21.40 -24.19
C TYR B 292 -2.36 -20.62 -23.28
N ASP B 293 -1.89 -20.31 -22.08
CA ASP B 293 -2.66 -19.51 -21.11
C ASP B 293 -2.93 -18.10 -21.63
N LEU B 294 -2.04 -17.57 -22.46
CA LEU B 294 -2.22 -16.25 -23.07
C LEU B 294 -3.24 -16.22 -24.21
N GLU B 295 -3.46 -17.37 -24.85
CA GLU B 295 -4.47 -17.46 -25.90
C GLU B 295 -5.87 -17.56 -25.33
N MET B 296 -6.04 -18.29 -24.24
CA MET B 296 -7.34 -18.38 -23.55
C MET B 296 -7.72 -17.06 -22.85
N MET B 297 -6.74 -16.21 -22.58
CA MET B 297 -6.99 -14.88 -22.02
C MET B 297 -7.54 -13.90 -23.06
N ARG B 298 -7.02 -13.99 -24.28
CA ARG B 298 -7.51 -13.15 -25.39
C ARG B 298 -8.93 -13.53 -25.80
N GLU B 299 -9.18 -14.83 -25.94
CA GLU B 299 -10.50 -15.34 -26.26
C GLU B 299 -11.45 -15.23 -25.05
N MET B 300 -11.33 -16.16 -24.10
CA MET B 300 -12.20 -16.18 -22.92
C MET B 300 -11.56 -15.23 -21.89
N GLY B 301 -11.87 -15.40 -20.61
CA GLY B 301 -11.29 -14.54 -19.57
C GLY B 301 -10.54 -15.27 -18.46
N PHE B 302 -10.11 -16.50 -18.73
CA PHE B 302 -9.42 -17.31 -17.72
C PHE B 302 -8.72 -18.53 -18.31
N SER B 303 -8.15 -19.36 -17.43
CA SER B 303 -7.57 -20.65 -17.80
C SER B 303 -7.87 -21.66 -16.70
N SER B 304 -7.41 -22.90 -16.87
CA SER B 304 -7.52 -23.93 -15.82
C SER B 304 -6.86 -23.48 -14.51
N GLY B 305 -5.82 -22.64 -14.63
CA GLY B 305 -5.13 -22.07 -13.47
C GLY B 305 -4.77 -20.61 -13.65
N ILE B 306 -5.80 -19.77 -13.78
CA ILE B 306 -5.64 -18.31 -13.85
C ILE B 306 -4.92 -17.75 -12.63
N GLU B 307 -5.13 -18.39 -11.49
CA GLU B 307 -4.61 -17.98 -10.19
C GLU B 307 -3.14 -17.54 -10.19
N ASN B 308 -2.30 -18.24 -10.95
CA ASN B 308 -0.85 -17.97 -10.97
C ASN B 308 -0.44 -16.66 -11.63
N TYR B 309 -1.30 -16.13 -12.51
CA TYR B 309 -1.04 -14.85 -13.15
C TYR B 309 -1.66 -13.69 -12.39
N SER B 310 -2.37 -13.98 -11.29
CA SER B 310 -3.23 -13.00 -10.62
C SER B 310 -2.56 -11.67 -10.23
N ARG B 311 -1.24 -11.67 -10.03
CA ARG B 311 -0.54 -10.44 -9.69
C ARG B 311 -0.48 -9.48 -10.89
N HIS B 312 -0.20 -10.04 -12.08
CA HIS B 312 -0.25 -9.29 -13.33
C HIS B 312 -1.67 -8.80 -13.65
N LEU B 313 -2.63 -9.72 -13.59
CA LEU B 313 -4.05 -9.42 -13.77
C LEU B 313 -4.54 -8.20 -12.97
N ALA B 314 -3.99 -8.02 -11.77
CA ALA B 314 -4.39 -6.93 -10.87
C ALA B 314 -3.56 -5.64 -11.02
N LEU B 315 -2.52 -5.69 -11.84
CA LEU B 315 -1.65 -4.53 -12.12
C LEU B 315 -1.02 -3.97 -10.84
N ARG B 316 -0.12 -4.75 -10.25
CA ARG B 316 0.57 -4.35 -9.02
C ARG B 316 2.06 -4.68 -9.09
N PRO B 317 2.87 -4.05 -8.22
CA PRO B 317 4.31 -4.30 -8.21
C PRO B 317 4.67 -5.67 -7.63
N PRO B 318 5.84 -6.21 -8.01
CA PRO B 318 6.25 -7.52 -7.49
C PRO B 318 6.41 -7.56 -5.96
N GLY B 319 6.27 -8.75 -5.39
CA GLY B 319 6.32 -8.95 -3.95
C GLY B 319 5.25 -8.20 -3.17
N SER B 320 4.07 -8.05 -3.75
CA SER B 320 2.97 -7.33 -3.09
C SER B 320 2.15 -8.28 -2.22
N THR B 321 1.63 -7.74 -1.11
CA THR B 321 0.80 -8.50 -0.18
C THR B 321 -0.51 -8.93 -0.86
N PRO B 322 -0.69 -10.24 -1.11
CA PRO B 322 -1.87 -10.71 -1.85
C PRO B 322 -3.17 -10.41 -1.15
N TYR B 323 -4.23 -10.25 -1.93
CA TYR B 323 -5.57 -10.09 -1.36
C TYR B 323 -6.08 -11.47 -0.95
N THR B 324 -6.73 -11.51 0.19
CA THR B 324 -7.25 -12.75 0.75
C THR B 324 -8.67 -12.51 1.22
N LEU B 325 -9.32 -13.56 1.71
CA LEU B 325 -10.65 -13.44 2.28
C LEU B 325 -10.71 -12.35 3.35
N LEU B 326 -9.61 -12.11 4.04
CA LEU B 326 -9.56 -11.12 5.11
C LEU B 326 -9.80 -9.67 4.61
N ASP B 327 -9.45 -9.40 3.36
CA ASP B 327 -9.66 -8.09 2.74
C ASP B 327 -11.07 -7.89 2.18
N TYR B 328 -11.84 -8.97 2.15
CA TYR B 328 -13.25 -8.91 1.79
C TYR B 328 -14.10 -8.50 2.99
N PHE B 329 -13.55 -8.60 4.20
CA PHE B 329 -14.28 -8.13 5.40
C PHE B 329 -14.14 -6.62 5.54
N PRO B 330 -15.08 -5.98 6.27
CA PRO B 330 -14.88 -4.62 6.72
C PRO B 330 -13.67 -4.53 7.69
N ASP B 331 -13.38 -3.30 8.14
CA ASP B 331 -12.21 -3.04 8.98
C ASP B 331 -12.51 -3.22 10.46
N ASP B 332 -13.78 -3.38 10.82
CA ASP B 332 -14.17 -3.67 12.21
C ASP B 332 -14.68 -5.12 12.34
N PHE B 333 -13.95 -6.06 11.75
CA PHE B 333 -14.33 -7.46 11.76
C PHE B 333 -13.63 -8.24 12.86
N LEU B 334 -14.32 -9.26 13.36
CA LEU B 334 -13.85 -10.08 14.45
C LEU B 334 -13.35 -11.43 13.93
N ILE B 335 -12.20 -11.85 14.44
CA ILE B 335 -11.68 -13.19 14.15
C ILE B 335 -11.79 -14.07 15.40
N ILE B 336 -12.39 -15.25 15.24
CA ILE B 336 -12.31 -16.32 16.25
C ILE B 336 -11.40 -17.41 15.71
N VAL B 337 -10.39 -17.80 16.50
CA VAL B 337 -9.51 -18.90 16.11
C VAL B 337 -9.78 -20.13 16.95
N ASP B 338 -10.47 -21.11 16.36
CA ASP B 338 -10.74 -22.36 17.05
C ASP B 338 -9.50 -23.26 17.08
N GLU B 339 -9.26 -23.85 18.26
CA GLU B 339 -8.08 -24.68 18.51
C GLU B 339 -6.81 -23.93 18.15
N SER B 340 -6.65 -22.77 18.78
CA SER B 340 -5.56 -21.85 18.48
C SER B 340 -4.16 -22.48 18.55
N HIS B 341 -3.99 -23.47 19.43
CA HIS B 341 -2.71 -24.12 19.63
C HIS B 341 -2.26 -24.94 18.41
N VAL B 342 -3.22 -25.37 17.61
CA VAL B 342 -2.97 -26.09 16.36
C VAL B 342 -3.17 -25.19 15.12
N THR B 343 -4.06 -24.21 15.22
CA THR B 343 -4.42 -23.38 14.08
C THR B 343 -3.35 -22.35 13.76
N LEU B 344 -2.79 -21.70 14.79
CA LEU B 344 -1.76 -20.68 14.56
C LEU B 344 -0.47 -21.28 13.99
N PRO B 345 0.07 -22.34 14.60
CA PRO B 345 1.26 -22.88 13.97
C PRO B 345 1.04 -23.25 12.50
N GLN B 346 -0.15 -23.75 12.18
CA GLN B 346 -0.49 -24.12 10.82
C GLN B 346 -0.47 -22.90 9.93
N LEU B 347 -1.01 -21.79 10.43
CA LEU B 347 -0.96 -20.51 9.71
C LEU B 347 0.48 -20.09 9.46
N ARG B 348 1.31 -20.19 10.49
CA ARG B 348 2.69 -19.70 10.43
C ARG B 348 3.50 -20.33 9.31
N GLY B 349 3.41 -21.65 9.14
CA GLY B 349 4.30 -22.36 8.21
C GLY B 349 3.82 -22.45 6.77
N MET B 350 2.68 -21.85 6.49
CA MET B 350 2.05 -22.00 5.19
C MET B 350 2.85 -21.32 4.08
N TYR B 351 3.30 -20.09 4.33
CA TYR B 351 4.12 -19.35 3.36
C TYR B 351 5.36 -20.14 2.94
N ASN B 352 6.30 -20.35 3.86
CA ASN B 352 7.55 -21.05 3.55
C ASN B 352 7.35 -22.40 2.90
N GLY B 353 6.29 -23.10 3.28
CA GLY B 353 5.90 -24.34 2.62
C GLY B 353 5.53 -24.12 1.15
N ASP B 354 4.67 -23.14 0.91
CA ASP B 354 4.16 -22.85 -0.44
C ASP B 354 5.21 -22.21 -1.34
N ARG B 355 6.00 -21.31 -0.77
CA ARG B 355 7.06 -20.64 -1.52
C ARG B 355 8.11 -21.67 -1.96
N ALA B 356 8.41 -22.62 -1.09
CA ALA B 356 9.36 -23.68 -1.39
C ALA B 356 8.91 -24.49 -2.59
N ARG B 357 7.71 -25.06 -2.49
CA ARG B 357 7.15 -25.90 -3.55
C ARG B 357 7.04 -25.19 -4.89
N LYS B 358 6.70 -23.90 -4.85
CA LYS B 358 6.51 -23.11 -6.06
C LYS B 358 7.85 -22.72 -6.69
N GLN B 359 8.83 -22.39 -5.85
CA GLN B 359 10.17 -22.02 -6.32
C GLN B 359 10.82 -23.10 -7.20
N VAL B 360 10.60 -24.37 -6.89
CA VAL B 360 11.18 -25.45 -7.69
C VAL B 360 10.47 -25.63 -9.03
N LEU B 361 9.23 -25.17 -9.12
CA LEU B 361 8.50 -25.13 -10.39
C LEU B 361 8.97 -23.93 -11.21
N VAL B 362 9.26 -22.83 -10.52
CA VAL B 362 9.90 -21.65 -11.13
C VAL B 362 11.32 -21.97 -11.64
N ASP B 363 12.01 -22.90 -10.98
CA ASP B 363 13.29 -23.43 -11.47
C ASP B 363 13.10 -24.22 -12.76
N HIS B 364 12.17 -25.17 -12.71
CA HIS B 364 11.84 -26.01 -13.85
C HIS B 364 11.12 -25.27 -14.97
N GLY B 365 10.78 -24.01 -14.74
CA GLY B 365 10.13 -23.17 -15.76
C GLY B 365 8.67 -23.51 -15.97
N PHE B 366 8.02 -24.00 -14.92
CA PHE B 366 6.58 -24.30 -14.98
C PHE B 366 5.75 -23.05 -14.71
N ARG B 367 6.38 -22.04 -14.13
CA ARG B 367 5.72 -20.75 -13.87
C ARG B 367 6.74 -19.61 -13.78
N LEU B 368 6.27 -18.38 -13.91
CA LEU B 368 7.12 -17.19 -13.80
C LEU B 368 7.43 -16.88 -12.33
N PRO B 369 8.43 -16.01 -12.10
CA PRO B 369 8.65 -15.40 -10.79
C PRO B 369 7.43 -14.66 -10.23
N SER B 370 6.53 -14.23 -11.12
CA SER B 370 5.27 -13.61 -10.71
C SER B 370 4.33 -14.62 -10.04
N ALA B 371 4.45 -15.90 -10.39
CA ALA B 371 3.63 -16.94 -9.75
C ALA B 371 3.85 -17.03 -8.24
N LEU B 372 5.08 -16.74 -7.79
CA LEU B 372 5.38 -16.69 -6.36
C LEU B 372 4.48 -15.70 -5.59
N ASP B 373 3.96 -14.68 -6.26
CA ASP B 373 3.08 -13.69 -5.62
C ASP B 373 1.62 -14.14 -5.49
N ASN B 374 1.31 -15.28 -6.13
CA ASN B 374 0.09 -16.04 -5.85
C ASN B 374 0.41 -17.01 -4.71
N ARG B 375 0.11 -16.60 -3.49
CA ARG B 375 0.62 -17.28 -2.31
C ARG B 375 -0.25 -17.01 -1.09
N PRO B 376 0.03 -17.72 0.02
CA PRO B 376 -0.56 -17.35 1.30
C PRO B 376 0.17 -16.19 1.96
N LEU B 377 -0.45 -15.63 2.99
CA LEU B 377 0.16 -14.56 3.77
C LEU B 377 1.21 -15.16 4.70
N THR B 378 2.31 -14.44 4.87
CA THR B 378 3.21 -14.72 5.96
C THR B 378 2.45 -14.42 7.23
N PHE B 379 2.89 -15.02 8.35
CA PHE B 379 2.24 -14.80 9.62
C PHE B 379 2.26 -13.32 10.02
N GLU B 380 3.31 -12.61 9.60
CA GLU B 380 3.45 -11.18 9.90
C GLU B 380 2.33 -10.39 9.21
N GLU B 381 2.17 -10.61 7.91
CA GLU B 381 1.07 -10.02 7.13
C GLU B 381 -0.31 -10.29 7.75
N PHE B 382 -0.51 -11.52 8.21
CA PHE B 382 -1.77 -11.91 8.86
C PHE B 382 -2.01 -11.11 10.15
N GLU B 383 -0.95 -10.87 10.91
CA GLU B 383 -1.01 -10.03 12.11
C GLU B 383 -1.50 -8.61 11.80
N GLN B 384 -1.00 -8.03 10.71
CA GLN B 384 -1.36 -6.67 10.30
C GLN B 384 -2.83 -6.51 9.92
N LYS B 385 -3.40 -7.53 9.29
CA LYS B 385 -4.81 -7.50 8.89
C LYS B 385 -5.78 -7.79 10.04
N ILE B 386 -5.26 -8.06 11.23
CA ILE B 386 -6.10 -8.27 12.39
C ILE B 386 -6.62 -6.96 12.95
N ASN B 387 -7.94 -6.88 13.08
CA ASN B 387 -8.57 -5.84 13.85
C ASN B 387 -8.65 -6.29 15.33
N GLN B 388 -9.57 -7.21 15.61
CA GLN B 388 -9.75 -7.77 16.95
C GLN B 388 -9.92 -9.29 16.87
N ILE B 389 -9.27 -10.02 17.79
CA ILE B 389 -9.17 -11.47 17.70
C ILE B 389 -9.38 -12.18 19.04
N ILE B 390 -10.14 -13.27 19.00
CA ILE B 390 -10.34 -14.13 20.14
C ILE B 390 -9.83 -15.54 19.82
N TYR B 391 -8.93 -16.03 20.68
CA TYR B 391 -8.34 -17.36 20.53
C TYR B 391 -9.11 -18.33 21.39
N VAL B 392 -9.60 -19.40 20.77
CA VAL B 392 -10.36 -20.43 21.48
C VAL B 392 -9.53 -21.72 21.52
N SER B 393 -9.19 -22.16 22.73
CA SER B 393 -8.46 -23.42 22.92
C SER B 393 -8.60 -23.92 24.36
N ALA B 394 -8.61 -25.24 24.53
CA ALA B 394 -8.48 -25.84 25.86
C ALA B 394 -7.03 -25.77 26.38
N THR B 395 -6.08 -25.67 25.46
CA THR B 395 -4.63 -25.67 25.79
C THR B 395 -3.91 -24.62 24.97
N PRO B 396 -4.19 -23.34 25.24
CA PRO B 396 -3.74 -22.25 24.36
C PRO B 396 -2.22 -22.08 24.31
N GLY B 397 -1.69 -22.03 23.10
CA GLY B 397 -0.25 -21.93 22.86
C GLY B 397 0.34 -20.61 23.33
N PRO B 398 1.68 -20.54 23.39
CA PRO B 398 2.40 -19.42 24.00
C PRO B 398 2.21 -18.09 23.27
N TYR B 399 1.97 -18.14 21.97
CA TYR B 399 1.66 -16.93 21.22
C TYR B 399 0.41 -16.27 21.80
N GLU B 400 -0.65 -17.05 21.97
CA GLU B 400 -1.93 -16.55 22.48
C GLU B 400 -1.80 -15.98 23.88
N LEU B 401 -1.02 -16.66 24.71
CA LEU B 401 -0.83 -16.25 26.10
C LEU B 401 0.04 -15.02 26.21
N GLU B 402 1.12 -14.97 25.41
CA GLU B 402 2.00 -13.82 25.40
C GLU B 402 1.26 -12.53 25.02
N HIS B 403 0.27 -12.64 24.13
CA HIS B 403 -0.43 -11.48 23.58
C HIS B 403 -1.71 -11.10 24.30
N SER B 404 -2.40 -12.08 24.86
CA SER B 404 -3.67 -11.83 25.52
C SER B 404 -3.38 -11.27 26.91
N PRO B 405 -4.26 -10.38 27.42
CA PRO B 405 -4.08 -9.82 28.77
C PRO B 405 -4.55 -10.77 29.87
N GLY B 406 -3.85 -11.87 30.09
CA GLY B 406 -4.36 -12.96 30.93
C GLY B 406 -5.35 -13.75 30.11
N VAL B 407 -6.13 -14.62 30.74
CA VAL B 407 -7.10 -15.45 30.00
C VAL B 407 -8.50 -15.42 30.62
N VAL B 408 -9.49 -15.74 29.79
CA VAL B 408 -10.85 -15.95 30.26
C VAL B 408 -11.06 -17.44 30.46
N GLU B 409 -11.09 -17.87 31.71
CA GLU B 409 -11.16 -19.29 32.03
C GLU B 409 -12.60 -19.78 32.04
N GLN B 410 -12.82 -20.95 31.44
CA GLN B 410 -14.15 -21.57 31.42
C GLN B 410 -14.05 -23.05 31.77
N ILE B 411 -14.38 -23.37 33.03
CA ILE B 411 -14.15 -24.69 33.61
C ILE B 411 -15.41 -25.56 33.74
N ILE B 412 -16.54 -24.96 34.07
CA ILE B 412 -17.75 -25.70 34.43
C ILE B 412 -18.58 -26.09 33.21
N ARG B 413 -18.95 -27.36 33.14
CA ARG B 413 -19.71 -27.91 32.01
C ARG B 413 -21.21 -27.79 32.29
N PRO B 414 -22.03 -27.84 31.22
CA PRO B 414 -23.50 -27.74 31.35
C PRO B 414 -24.11 -28.87 32.17
N THR B 415 -23.85 -30.11 31.78
CA THR B 415 -24.41 -31.29 32.48
C THR B 415 -23.53 -31.74 33.65
N GLY B 416 -22.74 -30.81 34.19
CA GLY B 416 -22.04 -31.01 35.46
C GLY B 416 -20.83 -31.93 35.42
N LEU B 417 -20.53 -32.50 34.26
CA LEU B 417 -19.50 -33.54 34.15
C LEU B 417 -18.15 -33.03 34.63
N LEU B 418 -17.41 -33.90 35.30
CA LEU B 418 -16.10 -33.57 35.85
C LEU B 418 -14.98 -33.92 34.86
N ASP B 419 -13.81 -33.34 35.10
CA ASP B 419 -12.57 -33.82 34.49
C ASP B 419 -12.24 -35.15 35.18
N PRO B 420 -11.60 -36.09 34.46
CA PRO B 420 -11.44 -37.44 34.97
C PRO B 420 -10.36 -37.56 36.02
N THR B 421 -10.30 -38.73 36.64
CA THR B 421 -9.22 -39.07 37.55
C THR B 421 -8.05 -39.59 36.73
N ILE B 422 -6.84 -39.40 37.24
CA ILE B 422 -5.65 -39.86 36.53
C ILE B 422 -4.80 -40.76 37.42
N ASP B 423 -4.51 -41.96 36.91
CA ASP B 423 -3.61 -42.92 37.58
C ASP B 423 -2.33 -43.14 36.77
N VAL B 424 -1.19 -43.05 37.45
CA VAL B 424 0.10 -43.42 36.86
C VAL B 424 0.44 -44.86 37.27
N ARG B 425 0.75 -45.70 36.30
CA ARG B 425 1.08 -47.09 36.60
C ARG B 425 2.35 -47.54 35.88
N PRO B 426 3.07 -48.50 36.49
CA PRO B 426 4.32 -48.95 35.87
C PRO B 426 4.09 -49.66 34.53
N THR B 427 5.14 -49.74 33.73
CA THR B 427 5.05 -50.34 32.39
C THR B 427 5.20 -51.88 32.40
N LYS B 428 5.62 -52.45 33.53
CA LYS B 428 5.72 -53.90 33.67
C LYS B 428 4.33 -54.51 33.77
N GLY B 429 4.05 -55.46 32.88
CA GLY B 429 2.76 -56.15 32.82
C GLY B 429 1.60 -55.22 32.49
N GLN B 430 1.90 -54.17 31.73
CA GLN B 430 0.94 -53.11 31.46
C GLN B 430 -0.18 -53.56 30.52
N ILE B 431 0.16 -54.37 29.53
CA ILE B 431 -0.84 -54.85 28.57
C ILE B 431 -1.83 -55.80 29.25
N ASP B 432 -1.31 -56.67 30.12
CA ASP B 432 -2.17 -57.55 30.90
C ASP B 432 -3.08 -56.72 31.79
N ASP B 433 -2.49 -55.77 32.49
CA ASP B 433 -3.25 -54.88 33.36
C ASP B 433 -4.39 -54.19 32.61
N LEU B 434 -4.03 -53.63 31.47
CA LEU B 434 -5.00 -52.92 30.63
C LEU B 434 -6.17 -53.82 30.27
N ILE B 435 -5.88 -54.96 29.65
CA ILE B 435 -6.91 -55.94 29.26
C ILE B 435 -7.93 -56.19 30.38
N GLY B 436 -7.44 -56.40 31.60
CA GLY B 436 -8.31 -56.57 32.75
C GLY B 436 -9.11 -55.33 33.05
N GLU B 437 -8.47 -54.17 32.92
CA GLU B 437 -9.12 -52.88 33.13
C GLU B 437 -10.18 -52.62 32.05
N ILE B 438 -9.95 -53.12 30.85
CA ILE B 438 -10.91 -53.00 29.74
C ILE B 438 -12.17 -53.82 29.99
N ARG B 439 -11.98 -55.10 30.31
CA ARG B 439 -13.11 -56.00 30.62
C ARG B 439 -14.04 -55.41 31.70
N GLU B 440 -13.46 -54.88 32.78
CA GLU B 440 -14.23 -54.18 33.80
C GLU B 440 -15.14 -53.11 33.17
N ARG B 441 -14.62 -52.39 32.18
CA ARG B 441 -15.39 -51.37 31.46
C ARG B 441 -16.36 -52.00 30.44
N VAL B 442 -15.95 -53.09 29.77
CA VAL B 442 -16.83 -53.82 28.84
C VAL B 442 -18.08 -54.36 29.57
N GLU B 443 -17.84 -55.00 30.71
CA GLU B 443 -18.89 -55.54 31.55
C GLU B 443 -19.70 -54.46 32.27
N ARG B 444 -19.26 -53.20 32.21
CA ARG B 444 -20.05 -52.07 32.69
C ARG B 444 -20.68 -51.29 31.53
N ASN B 445 -20.56 -51.83 30.32
CA ASN B 445 -20.99 -51.17 29.09
C ASN B 445 -20.39 -49.77 28.91
N GLU B 446 -19.06 -49.72 28.84
CA GLU B 446 -18.31 -48.48 28.66
C GLU B 446 -17.14 -48.72 27.71
N ARG B 447 -16.96 -47.82 26.74
CA ARG B 447 -15.88 -47.95 25.76
C ARG B 447 -14.54 -47.43 26.29
N THR B 448 -13.48 -47.82 25.59
CA THR B 448 -12.10 -47.48 25.97
C THR B 448 -11.34 -46.90 24.78
N LEU B 449 -10.37 -46.05 25.08
CA LEU B 449 -9.48 -45.49 24.07
C LEU B 449 -8.02 -45.68 24.48
N VAL B 450 -7.21 -46.13 23.53
CA VAL B 450 -5.80 -46.44 23.79
C VAL B 450 -4.89 -45.68 22.83
N THR B 451 -3.86 -45.02 23.36
CA THR B 451 -2.88 -44.34 22.52
C THR B 451 -1.49 -44.91 22.68
N THR B 452 -0.90 -45.30 21.56
CA THR B 452 0.49 -45.73 21.49
C THR B 452 1.25 -44.74 20.63
N LEU B 453 2.53 -45.00 20.36
CA LEU B 453 3.41 -44.01 19.73
C LEU B 453 3.53 -44.06 18.22
N THR B 454 3.18 -45.20 17.61
CA THR B 454 3.37 -45.39 16.17
C THR B 454 2.19 -46.11 15.53
N LYS B 455 2.10 -45.99 14.21
CA LYS B 455 1.10 -46.71 13.42
C LYS B 455 1.19 -48.23 13.59
N LYS B 456 2.41 -48.76 13.58
CA LYS B 456 2.63 -50.21 13.67
C LYS B 456 2.32 -50.74 15.07
N MET B 457 2.82 -50.06 16.11
CA MET B 457 2.55 -50.46 17.51
C MET B 457 1.05 -50.49 17.85
N ALA B 458 0.28 -49.65 17.18
CA ALA B 458 -1.16 -49.58 17.35
C ALA B 458 -1.86 -50.71 16.63
N GLU B 459 -1.44 -50.93 15.38
CA GLU B 459 -1.94 -52.03 14.56
C GLU B 459 -1.56 -53.40 15.15
N ASP B 460 -0.37 -53.49 15.75
CA ASP B 460 0.12 -54.71 16.39
C ASP B 460 -0.59 -55.00 17.72
N LEU B 461 -1.05 -53.97 18.41
CA LEU B 461 -1.79 -54.12 19.66
C LEU B 461 -3.23 -54.51 19.40
N THR B 462 -3.78 -54.01 18.30
CA THR B 462 -5.12 -54.37 17.85
C THR B 462 -5.17 -55.87 17.51
N ASP B 463 -4.11 -56.36 16.88
CA ASP B 463 -3.92 -57.79 16.65
C ASP B 463 -3.90 -58.60 17.96
N TYR B 464 -3.12 -58.15 18.94
CA TYR B 464 -2.96 -58.89 20.19
C TYR B 464 -4.22 -58.89 21.07
N LEU B 465 -4.87 -57.74 21.18
CA LEU B 465 -6.11 -57.64 21.94
C LEU B 465 -7.26 -58.43 21.32
N LYS B 466 -7.15 -58.70 20.01
CA LYS B 466 -8.09 -59.57 19.31
C LYS B 466 -7.92 -61.05 19.65
N GLU B 467 -6.67 -61.52 19.75
CA GLU B 467 -6.42 -62.91 20.10
C GLU B 467 -7.02 -63.18 21.48
N ALA B 468 -6.80 -62.27 22.42
CA ALA B 468 -7.61 -62.24 23.64
C ALA B 468 -9.05 -61.95 23.22
N GLY B 469 -9.99 -62.09 24.15
CA GLY B 469 -11.40 -61.93 23.78
C GLY B 469 -11.88 -60.50 23.78
N ILE B 470 -11.36 -59.66 22.89
CA ILE B 470 -11.76 -58.25 22.80
C ILE B 470 -11.93 -57.75 21.37
N LYS B 471 -13.05 -57.07 21.14
CA LYS B 471 -13.39 -56.51 19.83
C LYS B 471 -12.80 -55.11 19.74
N VAL B 472 -11.98 -54.88 18.71
CA VAL B 472 -11.18 -53.67 18.64
C VAL B 472 -10.88 -53.27 17.21
N ALA B 473 -10.97 -51.96 16.98
CA ALA B 473 -10.53 -51.37 15.74
C ALA B 473 -9.35 -50.48 16.04
N TYR B 474 -8.44 -50.36 15.09
CA TYR B 474 -7.42 -49.33 15.15
C TYR B 474 -7.83 -48.27 14.17
N LEU B 475 -7.42 -47.03 14.43
CA LEU B 475 -7.60 -45.96 13.46
C LEU B 475 -6.45 -44.96 13.47
N HIS B 476 -5.96 -44.66 12.27
CA HIS B 476 -4.90 -43.68 12.08
C HIS B 476 -4.96 -43.13 10.65
N SER B 477 -3.97 -42.32 10.27
CA SER B 477 -4.01 -41.57 9.02
C SER B 477 -4.05 -42.40 7.72
N GLU B 478 -3.71 -43.68 7.81
CA GLU B 478 -3.88 -44.62 6.68
C GLU B 478 -5.34 -44.74 6.23
N ILE B 479 -6.26 -44.67 7.19
CA ILE B 479 -7.68 -44.85 6.93
C ILE B 479 -8.30 -43.55 6.42
N LYS B 480 -8.92 -43.60 5.23
CA LYS B 480 -9.53 -42.41 4.63
C LYS B 480 -10.68 -41.88 5.50
N THR B 481 -11.02 -40.61 5.36
CA THR B 481 -11.97 -39.96 6.28
C THR B 481 -13.37 -40.61 6.28
N LEU B 482 -13.78 -41.22 5.17
CA LEU B 482 -15.07 -41.90 5.11
C LEU B 482 -15.07 -43.14 6.00
N GLU B 483 -14.08 -44.01 5.81
CA GLU B 483 -13.94 -45.21 6.64
C GLU B 483 -13.71 -44.83 8.10
N ARG B 484 -13.14 -43.66 8.33
CA ARG B 484 -12.90 -43.14 9.68
C ARG B 484 -14.19 -42.91 10.45
N ILE B 485 -15.13 -42.22 9.81
CA ILE B 485 -16.45 -41.91 10.39
C ILE B 485 -17.19 -43.16 10.85
N GLU B 486 -17.17 -44.21 10.02
CA GLU B 486 -17.90 -45.45 10.29
C GLU B 486 -17.34 -46.21 11.49
N ILE B 487 -16.00 -46.29 11.59
CA ILE B 487 -15.34 -46.95 12.71
C ILE B 487 -15.71 -46.26 14.03
N ILE B 488 -15.86 -44.94 14.00
CA ILE B 488 -16.28 -44.18 15.17
C ILE B 488 -17.70 -44.57 15.53
N ARG B 489 -18.60 -44.50 14.56
CA ARG B 489 -20.00 -44.90 14.73
C ARG B 489 -20.14 -46.29 15.35
N ASP B 490 -19.37 -47.24 14.83
CA ASP B 490 -19.45 -48.64 15.25
C ASP B 490 -18.88 -48.88 16.66
N LEU B 491 -17.97 -48.01 17.11
CA LEU B 491 -17.50 -48.03 18.50
C LEU B 491 -18.64 -47.65 19.44
N ARG B 492 -19.45 -46.69 19.02
CA ARG B 492 -20.56 -46.20 19.84
C ARG B 492 -21.65 -47.28 20.00
N LEU B 493 -21.89 -48.03 18.92
CA LEU B 493 -22.90 -49.09 18.90
C LEU B 493 -22.57 -50.22 19.89
N GLY B 494 -21.30 -50.62 19.91
CA GLY B 494 -20.86 -51.77 20.69
C GLY B 494 -20.23 -52.85 19.82
N LYS B 495 -20.30 -52.68 18.50
CA LYS B 495 -19.58 -53.53 17.55
C LYS B 495 -18.07 -53.56 17.87
N TYR B 496 -17.56 -52.43 18.35
CA TYR B 496 -16.22 -52.35 18.92
C TYR B 496 -16.34 -51.85 20.35
N ASP B 497 -15.55 -52.41 21.25
CA ASP B 497 -15.51 -51.92 22.63
C ASP B 497 -14.27 -51.08 22.93
N VAL B 498 -13.25 -51.18 22.07
CA VAL B 498 -12.00 -50.41 22.23
C VAL B 498 -11.56 -49.82 20.90
N LEU B 499 -10.92 -48.66 20.97
CA LEU B 499 -10.36 -48.00 19.80
C LEU B 499 -8.90 -47.65 20.07
N VAL B 500 -8.01 -48.02 19.16
CA VAL B 500 -6.57 -47.84 19.34
C VAL B 500 -6.01 -46.91 18.26
N GLY B 501 -5.36 -45.83 18.70
CA GLY B 501 -4.76 -44.88 17.78
C GLY B 501 -3.53 -44.22 18.39
N ILE B 502 -3.11 -43.11 17.78
CA ILE B 502 -1.90 -42.42 18.20
C ILE B 502 -2.21 -40.96 18.49
N ASN B 503 -2.64 -40.25 17.47
CA ASN B 503 -2.84 -38.82 17.60
C ASN B 503 -4.16 -38.37 16.96
N LEU B 504 -5.10 -39.29 16.77
CA LEU B 504 -6.43 -38.93 16.27
C LEU B 504 -7.43 -38.84 17.39
N LEU B 505 -7.08 -39.37 18.56
CA LEU B 505 -7.95 -39.33 19.72
C LEU B 505 -7.68 -38.03 20.46
N ARG B 506 -8.11 -36.93 19.85
CA ARG B 506 -7.84 -35.59 20.36
C ARG B 506 -9.00 -34.65 20.05
N GLU B 507 -8.74 -33.58 19.29
CA GLU B 507 -9.70 -32.52 19.08
C GLU B 507 -10.80 -32.95 18.12
N GLY B 508 -12.03 -32.54 18.42
CA GLY B 508 -13.20 -32.86 17.58
C GLY B 508 -13.72 -34.29 17.72
N LEU B 509 -13.16 -35.04 18.67
CA LEU B 509 -13.50 -36.44 18.87
C LEU B 509 -14.30 -36.53 20.16
N ASP B 510 -15.64 -36.51 20.03
CA ASP B 510 -16.54 -36.45 21.18
C ASP B 510 -17.43 -37.69 21.28
N ILE B 511 -16.97 -38.69 22.04
CA ILE B 511 -17.67 -39.96 22.21
C ILE B 511 -18.00 -40.16 23.70
N PRO B 512 -19.28 -39.99 24.07
CA PRO B 512 -19.69 -40.07 25.48
C PRO B 512 -19.74 -41.48 26.11
N GLU B 513 -19.71 -42.52 25.28
CA GLU B 513 -19.66 -43.91 25.77
C GLU B 513 -18.29 -44.27 26.37
N VAL B 514 -17.26 -43.50 25.99
CA VAL B 514 -15.91 -43.72 26.47
C VAL B 514 -15.79 -43.33 27.95
N SER B 515 -15.42 -44.29 28.79
CA SER B 515 -15.11 -44.01 30.20
C SER B 515 -13.61 -44.11 30.50
N LEU B 516 -12.88 -44.91 29.73
CA LEU B 516 -11.47 -45.12 29.99
C LEU B 516 -10.58 -44.62 28.85
N VAL B 517 -9.55 -43.89 29.22
CA VAL B 517 -8.47 -43.55 28.30
C VAL B 517 -7.19 -44.06 28.93
N ALA B 518 -6.46 -44.88 28.17
CA ALA B 518 -5.15 -45.39 28.58
C ALA B 518 -4.08 -44.82 27.67
N ILE B 519 -3.08 -44.21 28.28
CA ILE B 519 -1.98 -43.62 27.55
C ILE B 519 -0.73 -44.46 27.77
N LEU B 520 -0.36 -45.24 26.75
CA LEU B 520 0.87 -46.02 26.78
C LEU B 520 2.05 -45.14 26.45
N ASP B 521 3.16 -45.36 27.15
CA ASP B 521 4.36 -44.54 27.00
C ASP B 521 4.07 -43.06 27.29
N ALA B 522 3.48 -42.79 28.45
CA ALA B 522 3.17 -41.42 28.87
C ALA B 522 4.40 -40.55 29.11
N ASP B 523 5.53 -41.16 29.46
CA ASP B 523 6.77 -40.42 29.71
C ASP B 523 7.67 -40.23 28.48
N LYS B 524 7.24 -40.68 27.29
CA LYS B 524 8.06 -40.50 26.07
C LYS B 524 7.85 -39.13 25.48
N GLU B 525 8.65 -38.17 25.96
CA GLU B 525 8.49 -36.77 25.63
C GLU B 525 8.58 -36.43 24.14
N GLY B 526 7.84 -35.40 23.73
CA GLY B 526 7.72 -34.99 22.33
C GLY B 526 6.34 -34.46 22.03
N PHE B 527 6.00 -34.30 20.74
CA PHE B 527 4.69 -33.73 20.39
C PHE B 527 3.51 -34.65 20.72
N LEU B 528 3.77 -35.95 20.82
CA LEU B 528 2.71 -36.93 21.11
C LEU B 528 2.40 -36.99 22.59
N ARG B 529 3.34 -36.56 23.42
CA ARG B 529 3.18 -36.66 24.87
C ARG B 529 3.52 -35.35 25.57
N SER B 530 3.09 -34.23 25.00
CA SER B 530 3.28 -32.93 25.63
C SER B 530 2.11 -32.61 26.56
N GLU B 531 2.34 -31.73 27.51
CA GLU B 531 1.27 -31.17 28.34
C GLU B 531 0.02 -30.79 27.52
N ARG B 532 0.27 -30.24 26.35
CA ARG B 532 -0.78 -29.77 25.45
C ARG B 532 -1.59 -30.94 24.87
N SER B 533 -0.90 -31.98 24.42
CA SER B 533 -1.53 -33.13 23.78
C SER B 533 -2.05 -34.18 24.77
N LEU B 534 -1.40 -34.27 25.93
CA LEU B 534 -1.89 -35.11 27.02
C LEU B 534 -3.20 -34.58 27.57
N ILE B 535 -3.24 -33.30 27.89
CA ILE B 535 -4.50 -32.64 28.32
C ILE B 535 -5.61 -32.84 27.30
N GLN B 536 -5.25 -32.77 26.03
CA GLN B 536 -6.21 -32.97 24.96
C GLN B 536 -6.79 -34.40 24.95
N THR B 537 -5.92 -35.38 25.18
CA THR B 537 -6.31 -36.79 25.25
C THR B 537 -7.12 -37.05 26.52
N ILE B 538 -6.64 -36.54 27.65
CA ILE B 538 -7.36 -36.61 28.92
C ILE B 538 -8.79 -36.13 28.79
N GLY B 539 -8.98 -35.09 27.99
CA GLY B 539 -10.30 -34.54 27.72
C GLY B 539 -11.28 -35.45 26.98
N ARG B 540 -10.82 -36.57 26.45
CA ARG B 540 -11.74 -37.55 25.86
C ARG B 540 -12.51 -38.33 26.91
N ALA B 541 -11.99 -38.39 28.14
CA ALA B 541 -12.66 -39.09 29.23
C ALA B 541 -13.71 -38.22 29.91
N ALA B 542 -13.68 -36.92 29.65
CA ALA B 542 -14.48 -35.94 30.38
C ALA B 542 -15.93 -35.82 29.92
N ARG B 543 -16.34 -36.58 28.90
CA ARG B 543 -17.76 -36.62 28.51
C ARG B 543 -18.53 -37.75 29.21
N ASN B 544 -17.92 -38.34 30.22
CA ASN B 544 -18.50 -39.48 30.91
C ASN B 544 -18.36 -39.30 32.41
N ALA B 545 -19.42 -39.64 33.14
CA ALA B 545 -19.46 -39.47 34.60
C ALA B 545 -18.47 -40.38 35.30
N ASN B 546 -18.15 -41.51 34.69
CA ASN B 546 -17.16 -42.45 35.20
C ASN B 546 -15.82 -42.38 34.46
N GLY B 547 -15.50 -41.18 33.95
CA GLY B 547 -14.33 -41.00 33.12
C GLY B 547 -13.04 -41.19 33.89
N HIS B 548 -12.12 -41.97 33.32
CA HIS B 548 -10.87 -42.31 33.98
C HIS B 548 -9.70 -42.34 33.01
N VAL B 549 -8.54 -41.88 33.47
CA VAL B 549 -7.33 -41.86 32.66
C VAL B 549 -6.23 -42.66 33.35
N ILE B 550 -5.61 -43.57 32.62
CA ILE B 550 -4.44 -44.29 33.10
C ILE B 550 -3.23 -43.98 32.24
N MET B 551 -2.21 -43.41 32.88
CA MET B 551 -0.94 -43.14 32.20
C MET B 551 0.10 -44.19 32.58
N TYR B 552 0.48 -45.04 31.64
CA TYR B 552 1.47 -46.07 31.92
C TYR B 552 2.87 -45.50 31.72
N ALA B 553 3.62 -45.39 32.83
CA ALA B 553 4.95 -44.81 32.81
C ALA B 553 5.69 -45.09 34.10
N ASP B 554 7.01 -45.30 33.97
CA ASP B 554 7.88 -45.55 35.11
C ASP B 554 8.47 -44.29 35.70
N THR B 555 8.26 -43.15 35.02
CA THR B 555 8.63 -41.83 35.54
C THR B 555 7.51 -40.85 35.25
N ILE B 556 7.39 -39.84 36.11
CA ILE B 556 6.48 -38.72 35.89
C ILE B 556 7.28 -37.53 35.34
N THR B 557 7.14 -37.31 34.04
CA THR B 557 7.80 -36.18 33.39
C THR B 557 7.06 -34.86 33.66
N LYS B 558 7.72 -33.74 33.37
CA LYS B 558 7.17 -32.42 33.64
C LYS B 558 5.88 -32.15 32.86
N SER B 559 5.78 -32.67 31.65
CA SER B 559 4.53 -32.60 30.90
C SER B 559 3.39 -33.36 31.58
N MET B 560 3.71 -34.50 32.19
CA MET B 560 2.69 -35.30 32.86
C MET B 560 2.32 -34.59 34.15
N GLU B 561 3.34 -34.11 34.85
CA GLU B 561 3.15 -33.41 36.13
C GLU B 561 2.16 -32.25 35.96
N ILE B 562 2.38 -31.43 34.94
CA ILE B 562 1.49 -30.30 34.64
C ILE B 562 0.08 -30.74 34.25
N ALA B 563 -0.01 -31.74 33.38
CA ALA B 563 -1.30 -32.27 32.96
C ALA B 563 -2.11 -32.78 34.16
N ILE B 564 -1.47 -33.55 35.04
CA ILE B 564 -2.14 -34.12 36.21
C ILE B 564 -2.57 -32.99 37.15
N GLN B 565 -1.64 -32.07 37.42
CA GLN B 565 -1.89 -30.89 38.24
C GLN B 565 -3.11 -30.10 37.77
N GLU B 566 -3.17 -29.83 36.46
CA GLU B 566 -4.25 -29.04 35.87
C GLU B 566 -5.58 -29.78 35.80
N THR B 567 -5.53 -31.11 35.68
CA THR B 567 -6.74 -31.93 35.73
C THR B 567 -7.32 -31.95 37.15
N LYS B 568 -6.45 -32.13 38.14
CA LYS B 568 -6.87 -32.16 39.54
C LYS B 568 -7.61 -30.89 39.89
N ARG B 569 -6.98 -29.76 39.60
CA ARG B 569 -7.55 -28.45 39.85
C ARG B 569 -8.94 -28.31 39.23
N ARG B 570 -9.07 -28.74 37.98
CA ARG B 570 -10.36 -28.63 37.29
C ARG B 570 -11.44 -29.50 37.96
N ARG B 571 -11.08 -30.71 38.37
CA ARG B 571 -12.02 -31.62 39.02
C ARG B 571 -12.52 -31.02 40.34
N ALA B 572 -11.57 -30.61 41.17
CA ALA B 572 -11.85 -30.03 42.47
C ALA B 572 -12.84 -28.87 42.40
N ILE B 573 -12.54 -27.90 41.53
CA ILE B 573 -13.38 -26.73 41.33
C ILE B 573 -14.76 -27.11 40.81
N GLN B 574 -14.80 -28.04 39.86
CA GLN B 574 -16.06 -28.51 39.29
C GLN B 574 -16.90 -29.23 40.33
N GLU B 575 -16.25 -30.01 41.20
CA GLU B 575 -16.93 -30.77 42.23
C GLU B 575 -17.54 -29.86 43.29
N GLU B 576 -16.78 -28.85 43.73
CA GLU B 576 -17.26 -27.89 44.72
C GLU B 576 -18.44 -27.09 44.18
N TYR B 577 -18.39 -26.74 42.89
CA TYR B 577 -19.53 -26.09 42.24
C TYR B 577 -20.74 -27.03 42.19
N ASN B 578 -20.51 -28.31 41.85
CA ASN B 578 -21.58 -29.31 41.84
C ASN B 578 -22.18 -29.49 43.22
N ARG B 579 -21.32 -29.54 44.23
CA ARG B 579 -21.73 -29.65 45.63
C ARG B 579 -22.57 -28.44 46.06
N LYS B 580 -22.10 -27.24 45.73
CA LYS B 580 -22.74 -25.99 46.16
C LYS B 580 -24.07 -25.69 45.49
N HIS B 581 -24.35 -26.32 44.35
CA HIS B 581 -25.62 -26.15 43.62
C HIS B 581 -26.45 -27.42 43.53
N GLY B 582 -25.99 -28.50 44.16
CA GLY B 582 -26.70 -29.77 44.13
C GLY B 582 -26.86 -30.32 42.72
N ILE B 583 -25.73 -30.40 42.01
CA ILE B 583 -25.68 -30.99 40.67
C ILE B 583 -25.16 -32.43 40.77
N VAL B 584 -25.73 -33.32 39.97
CA VAL B 584 -25.22 -34.68 39.81
C VAL B 584 -24.68 -34.79 38.38
N PRO B 585 -23.40 -35.18 38.22
CA PRO B 585 -22.82 -35.38 36.88
C PRO B 585 -23.58 -36.43 36.08
N ARG B 586 -23.90 -36.11 34.83
CA ARG B 586 -24.63 -37.04 33.96
C ARG B 586 -24.04 -37.12 32.56
N THR B 587 -23.79 -38.34 32.11
CA THR B 587 -23.22 -38.58 30.79
C THR B 587 -24.24 -38.18 29.72
N VAL B 588 -23.74 -37.58 28.64
CA VAL B 588 -24.59 -36.89 27.65
C VAL B 588 -25.27 -37.83 26.65
N LYS B 589 -26.31 -37.29 26.01
CA LYS B 589 -27.08 -38.00 24.99
C LYS B 589 -26.67 -37.48 23.61
N LYS B 590 -26.52 -38.39 22.64
CA LYS B 590 -26.05 -38.01 21.31
C LYS B 590 -26.22 -39.19 20.33
N GLU B 591 -26.94 -38.94 19.24
CA GLU B 591 -27.22 -39.92 18.17
C GLU B 591 -26.29 -41.13 18.14
N GLY C 3 19.50 23.29 -18.17
CA GLY C 3 20.72 22.55 -17.71
C GLY C 3 21.05 21.37 -18.61
N ARG C 4 21.61 21.67 -19.78
CA ARG C 4 22.05 20.63 -20.71
C ARG C 4 23.49 20.21 -20.41
N PHE C 5 23.79 18.94 -20.72
CA PHE C 5 25.14 18.40 -20.55
C PHE C 5 26.04 19.00 -21.61
N GLN C 6 27.10 19.66 -21.18
CA GLN C 6 28.05 20.27 -22.10
C GLN C 6 29.32 19.45 -22.12
N LEU C 7 29.45 18.62 -23.13
CA LEU C 7 30.63 17.78 -23.32
C LEU C 7 31.80 18.64 -23.81
N VAL C 8 32.90 18.57 -23.07
CA VAL C 8 34.10 19.35 -23.36
C VAL C 8 35.30 18.40 -23.49
N ALA C 9 35.78 18.25 -24.72
CA ALA C 9 36.85 17.31 -25.01
C ALA C 9 37.78 17.87 -26.08
N PRO C 10 39.08 17.52 -26.01
CA PRO C 10 40.07 18.01 -26.98
C PRO C 10 39.93 17.40 -28.37
N TYR C 11 39.24 16.27 -28.46
CA TYR C 11 39.10 15.55 -29.74
C TYR C 11 37.63 15.24 -30.03
N GLU C 12 37.33 15.06 -31.31
CA GLU C 12 36.04 14.53 -31.75
C GLU C 12 36.11 13.00 -31.85
N PRO C 13 34.95 12.34 -31.91
CA PRO C 13 34.86 10.90 -32.16
C PRO C 13 35.73 10.40 -33.32
N GLN C 14 36.52 9.35 -33.06
CA GLN C 14 37.37 8.72 -34.09
C GLN C 14 37.13 7.22 -34.16
N GLY C 15 37.66 6.59 -35.20
CA GLY C 15 37.61 5.15 -35.37
C GLY C 15 36.22 4.68 -35.75
N ASP C 16 35.64 3.81 -34.92
CA ASP C 16 34.23 3.44 -35.06
C ASP C 16 33.40 3.87 -33.84
N GLN C 17 33.82 4.97 -33.21
CA GLN C 17 33.03 5.58 -32.15
C GLN C 17 31.77 6.27 -32.69
N PRO C 18 31.87 6.98 -33.84
CA PRO C 18 30.69 7.61 -34.41
C PRO C 18 29.52 6.66 -34.58
N GLN C 19 29.81 5.49 -35.14
CA GLN C 19 28.80 4.45 -35.34
C GLN C 19 28.17 3.98 -34.02
N ALA C 20 29.00 3.78 -33.00
CA ALA C 20 28.54 3.23 -31.73
C ALA C 20 27.66 4.24 -30.98
N ILE C 21 28.14 5.48 -30.94
CA ILE C 21 27.38 6.58 -30.37
C ILE C 21 26.00 6.68 -31.02
N ALA C 22 25.98 6.66 -32.34
CA ALA C 22 24.71 6.67 -33.09
C ALA C 22 23.82 5.49 -32.75
N LYS C 23 24.36 4.27 -32.87
CA LYS C 23 23.58 3.07 -32.61
C LYS C 23 22.96 3.06 -31.22
N LEU C 24 23.74 3.47 -30.23
CA LEU C 24 23.27 3.52 -28.84
C LEU C 24 22.24 4.61 -28.62
N VAL C 25 22.48 5.78 -29.19
CA VAL C 25 21.55 6.91 -29.07
C VAL C 25 20.26 6.65 -29.84
N ASP C 26 20.36 5.92 -30.95
CA ASP C 26 19.20 5.50 -31.72
C ASP C 26 18.35 4.56 -30.86
N GLY C 27 19.02 3.65 -30.16
CA GLY C 27 18.34 2.70 -29.28
C GLY C 27 17.63 3.35 -28.11
N LEU C 28 18.28 4.33 -27.49
CA LEU C 28 17.71 4.97 -26.32
C LEU C 28 16.42 5.66 -26.70
N ARG C 29 16.46 6.40 -27.79
CA ARG C 29 15.30 7.11 -28.31
C ARG C 29 14.17 6.19 -28.76
N ARG C 30 14.53 5.07 -29.40
CA ARG C 30 13.55 4.04 -29.79
C ARG C 30 12.85 3.40 -28.58
N GLY C 31 13.41 3.62 -27.38
CA GLY C 31 12.84 3.07 -26.16
C GLY C 31 13.31 1.66 -25.87
N VAL C 32 14.46 1.29 -26.43
CA VAL C 32 15.05 -0.02 -26.16
C VAL C 32 15.54 0.01 -24.73
N LYS C 33 15.23 -1.03 -23.97
CA LYS C 33 15.51 -1.07 -22.53
C LYS C 33 16.94 -1.49 -22.23
N HIS C 34 17.39 -2.57 -22.87
CA HIS C 34 18.72 -3.12 -22.67
C HIS C 34 19.56 -2.99 -23.93
N GLN C 35 20.77 -2.47 -23.80
CA GLN C 35 21.74 -2.48 -24.88
C GLN C 35 23.11 -2.83 -24.36
N THR C 36 23.98 -3.29 -25.27
CA THR C 36 25.33 -3.71 -24.91
C THR C 36 26.37 -3.09 -25.82
N LEU C 37 27.33 -2.40 -25.23
CA LEU C 37 28.50 -1.91 -25.95
C LEU C 37 29.65 -2.91 -25.79
N LEU C 38 29.86 -3.74 -26.81
CA LEU C 38 31.01 -4.63 -26.84
C LEU C 38 32.16 -3.84 -27.41
N GLY C 39 32.94 -3.23 -26.52
CA GLY C 39 34.12 -2.47 -26.94
C GLY C 39 35.43 -3.16 -26.60
N ALA C 40 36.34 -3.25 -27.56
CA ALA C 40 37.67 -3.74 -27.23
C ALA C 40 38.29 -2.79 -26.21
N THR C 41 39.18 -3.31 -25.38
CA THR C 41 39.94 -2.45 -24.49
C THR C 41 40.78 -1.50 -25.33
N GLY C 42 40.91 -0.26 -24.87
CA GLY C 42 41.68 0.76 -25.58
C GLY C 42 40.96 1.53 -26.67
N THR C 43 39.66 1.30 -26.82
CA THR C 43 38.88 1.99 -27.87
C THR C 43 38.29 3.33 -27.42
N GLY C 44 38.43 3.67 -26.15
CA GLY C 44 37.96 4.94 -25.63
C GLY C 44 36.50 4.89 -25.23
N LYS C 45 36.19 3.99 -24.33
CA LYS C 45 34.83 3.76 -23.89
C LYS C 45 34.19 4.88 -23.12
N THR C 46 34.88 5.42 -22.15
CA THR C 46 34.37 6.52 -21.35
C THR C 46 33.93 7.72 -22.20
N PHE C 47 34.69 8.00 -23.25
CA PHE C 47 34.36 9.08 -24.19
C PHE C 47 33.17 8.73 -25.08
N THR C 48 33.06 7.45 -25.43
CA THR C 48 31.90 6.97 -26.19
C THR C 48 30.62 7.14 -25.37
N ILE C 49 30.68 6.72 -24.11
CA ILE C 49 29.55 6.84 -23.21
C ILE C 49 29.21 8.31 -22.97
N SER C 50 30.23 9.12 -22.75
CA SER C 50 30.04 10.54 -22.53
C SER C 50 29.27 11.21 -23.67
N ASN C 51 29.57 10.80 -24.90
CA ASN C 51 28.86 11.29 -26.08
C ASN C 51 27.39 10.86 -26.06
N VAL C 52 27.14 9.58 -25.79
CA VAL C 52 25.76 9.08 -25.72
C VAL C 52 25.00 9.86 -24.67
N ILE C 53 25.62 10.04 -23.50
CA ILE C 53 24.98 10.74 -22.39
C ILE C 53 24.61 12.16 -22.78
N ALA C 54 25.54 12.86 -23.42
CA ALA C 54 25.31 14.26 -23.81
C ALA C 54 24.14 14.42 -24.78
N GLN C 55 24.08 13.54 -25.77
CA GLN C 55 23.07 13.66 -26.82
C GLN C 55 21.64 13.42 -26.34
N VAL C 56 21.46 12.61 -25.30
CA VAL C 56 20.11 12.25 -24.83
C VAL C 56 19.64 13.03 -23.60
N ASN C 57 20.57 13.54 -22.81
CA ASN C 57 20.26 14.41 -21.66
C ASN C 57 19.27 13.81 -20.68
N LYS C 58 19.73 12.77 -20.00
CA LYS C 58 19.00 12.18 -18.90
C LYS C 58 19.98 12.09 -17.75
N PRO C 59 19.50 12.28 -16.51
CA PRO C 59 20.38 12.02 -15.40
C PRO C 59 20.80 10.55 -15.44
N THR C 60 22.09 10.30 -15.21
CA THR C 60 22.67 8.96 -15.42
C THR C 60 23.38 8.41 -14.19
N LEU C 61 23.26 7.10 -14.01
CA LEU C 61 23.97 6.38 -12.96
C LEU C 61 24.91 5.39 -13.62
N VAL C 62 26.21 5.51 -13.33
CA VAL C 62 27.21 4.57 -13.84
C VAL C 62 27.65 3.69 -12.69
N ILE C 63 27.40 2.38 -12.80
CA ILE C 63 27.78 1.43 -11.75
C ILE C 63 29.06 0.68 -12.12
N ALA C 64 30.14 0.94 -11.38
CA ALA C 64 31.39 0.22 -11.51
C ALA C 64 31.50 -0.85 -10.43
N HIS C 65 32.43 -1.79 -10.60
CA HIS C 65 32.52 -2.97 -9.73
C HIS C 65 33.72 -2.93 -8.79
N ASN C 66 34.59 -1.94 -8.96
CA ASN C 66 35.67 -1.73 -8.01
C ASN C 66 35.99 -0.24 -7.94
N LYS C 67 36.47 0.20 -6.79
CA LYS C 67 36.67 1.63 -6.53
C LYS C 67 37.84 2.28 -7.28
N THR C 68 38.87 1.51 -7.60
CA THR C 68 39.94 2.01 -8.46
C THR C 68 39.38 2.41 -9.82
N LEU C 69 38.43 1.63 -10.33
CA LEU C 69 37.79 1.90 -11.62
C LEU C 69 36.79 3.05 -11.53
N ALA C 70 35.85 2.93 -10.60
CA ALA C 70 34.89 3.99 -10.31
C ALA C 70 35.58 5.35 -10.21
N GLY C 71 36.67 5.40 -9.45
CA GLY C 71 37.39 6.65 -9.22
C GLY C 71 37.98 7.25 -10.47
N GLN C 72 38.49 6.40 -11.37
CA GLN C 72 39.02 6.87 -12.64
C GLN C 72 37.90 7.39 -13.54
N LEU C 73 36.75 6.71 -13.53
CA LEU C 73 35.59 7.14 -14.30
C LEU C 73 35.10 8.52 -13.86
N TYR C 74 34.94 8.68 -12.56
CA TYR C 74 34.65 9.97 -11.95
C TYR C 74 35.57 11.06 -12.47
N SER C 75 36.87 10.83 -12.35
CA SER C 75 37.89 11.78 -12.81
C SER C 75 37.75 12.10 -14.29
N GLU C 76 37.79 11.06 -15.13
CA GLU C 76 37.57 11.21 -16.58
C GLU C 76 36.29 12.00 -16.89
N LEU C 77 35.18 11.61 -16.28
CA LEU C 77 33.88 12.27 -16.50
C LEU C 77 33.82 13.72 -16.02
N LYS C 78 34.45 14.01 -14.89
CA LYS C 78 34.61 15.42 -14.43
C LYS C 78 35.25 16.31 -15.50
N GLU C 79 36.29 15.79 -16.16
CA GLU C 79 36.97 16.50 -17.24
C GLU C 79 36.08 16.71 -18.45
N PHE C 80 35.27 15.71 -18.79
CA PHE C 80 34.38 15.80 -19.95
C PHE C 80 33.19 16.75 -19.72
N PHE C 81 32.68 16.79 -18.49
CA PHE C 81 31.54 17.63 -18.16
C PHE C 81 31.86 18.57 -16.98
N PRO C 82 32.68 19.61 -17.23
CA PRO C 82 33.09 20.52 -16.16
C PRO C 82 31.99 21.49 -15.71
N HIS C 83 31.07 21.82 -16.61
CA HIS C 83 29.92 22.69 -16.30
C HIS C 83 28.65 21.92 -15.90
N ASN C 84 28.80 20.67 -15.48
CA ASN C 84 27.69 19.82 -15.04
C ASN C 84 28.07 19.12 -13.75
N ALA C 85 27.08 18.47 -13.13
CA ALA C 85 27.28 17.88 -11.81
C ALA C 85 27.69 16.41 -11.89
N VAL C 86 29.00 16.17 -11.95
CA VAL C 86 29.52 14.81 -11.86
C VAL C 86 29.82 14.51 -10.39
N GLU C 87 29.37 13.34 -9.93
CA GLU C 87 29.36 12.98 -8.52
C GLU C 87 29.90 11.57 -8.29
N TYR C 88 30.11 11.23 -7.01
CA TYR C 88 30.77 9.98 -6.63
C TYR C 88 30.05 9.39 -5.42
N PHE C 89 29.55 8.16 -5.55
CA PHE C 89 28.78 7.51 -4.50
C PHE C 89 29.37 6.15 -4.15
N VAL C 90 30.31 6.12 -3.23
CA VAL C 90 31.01 4.90 -2.96
C VAL C 90 31.05 4.72 -1.46
N CYS C 91 31.64 3.63 -0.99
CA CYS C 91 31.98 3.53 0.41
C CYS C 91 33.47 3.67 0.54
N TYR C 92 33.97 3.62 1.75
CA TYR C 92 35.28 4.19 2.05
C TYR C 92 36.45 3.30 1.73
N TYR C 93 37.50 3.88 1.15
CA TYR C 93 38.73 3.17 0.80
C TYR C 93 39.96 4.07 0.69
N ASP C 94 41.13 3.46 0.57
CA ASP C 94 42.43 4.14 0.68
C ASP C 94 42.90 4.78 -0.65
N TYR C 95 42.54 6.05 -0.83
CA TYR C 95 42.97 6.84 -1.99
C TYR C 95 43.06 8.33 -1.63
N LYS C 114 40.72 13.99 5.96
CA LYS C 114 40.57 12.54 5.95
C LYS C 114 39.90 12.08 4.64
N ILE C 115 40.06 10.79 4.32
CA ILE C 115 39.50 10.22 3.10
C ILE C 115 38.02 9.86 3.32
N ASN C 116 37.72 9.21 4.44
CA ASN C 116 36.33 8.92 4.81
C ASN C 116 35.44 10.16 4.93
N ASP C 117 36.04 11.32 5.21
CA ASP C 117 35.32 12.58 5.22
C ASP C 117 34.96 13.01 3.79
N GLU C 118 35.94 12.86 2.89
CA GLU C 118 35.77 13.14 1.46
C GLU C 118 34.66 12.27 0.84
N ILE C 119 34.62 11.00 1.21
CA ILE C 119 33.61 10.07 0.69
C ILE C 119 32.20 10.55 1.03
N ASP C 120 31.92 10.72 2.32
CA ASP C 120 30.62 11.23 2.76
C ASP C 120 30.29 12.59 2.15
N LYS C 121 31.26 13.47 2.05
CA LYS C 121 31.06 14.76 1.40
C LYS C 121 30.44 14.56 0.02
N LEU C 122 30.96 13.56 -0.71
CA LEU C 122 30.52 13.28 -2.08
C LEU C 122 29.22 12.47 -2.14
N ARG C 123 29.00 11.62 -1.15
CA ARG C 123 27.72 10.90 -1.03
C ARG C 123 26.58 11.89 -0.90
N HIS C 124 26.71 12.80 0.06
CA HIS C 124 25.71 13.86 0.25
C HIS C 124 25.65 14.76 -0.96
N SER C 125 26.80 15.05 -1.55
CA SER C 125 26.85 15.89 -2.73
C SER C 125 26.08 15.24 -3.88
N ALA C 126 26.15 13.91 -3.95
CA ALA C 126 25.47 13.15 -5.00
C ALA C 126 23.95 13.20 -4.85
N THR C 127 23.47 12.81 -3.67
CA THR C 127 22.04 12.82 -3.37
C THR C 127 21.45 14.22 -3.46
N SER C 128 22.18 15.20 -2.93
CA SER C 128 21.71 16.59 -2.98
C SER C 128 21.59 17.09 -4.41
N ALA C 129 22.52 16.68 -5.26
CA ALA C 129 22.57 17.16 -6.65
C ALA C 129 21.38 16.70 -7.47
N LEU C 130 20.83 15.55 -7.09
CA LEU C 130 19.70 14.96 -7.81
C LEU C 130 18.45 15.81 -7.68
N PHE C 131 18.33 16.50 -6.55
CA PHE C 131 17.18 17.37 -6.30
C PHE C 131 17.42 18.78 -6.81
N GLU C 132 18.67 19.23 -6.75
CA GLU C 132 19.03 20.57 -7.25
C GLU C 132 18.90 20.73 -8.76
N ARG C 133 19.24 19.68 -9.53
CA ARG C 133 19.42 19.84 -10.97
C ARG C 133 19.23 18.54 -11.77
N ARG C 134 19.05 18.71 -13.08
CA ARG C 134 18.84 17.60 -14.02
C ARG C 134 20.12 17.09 -14.69
N ASP C 135 21.08 17.99 -14.89
CA ASP C 135 22.39 17.67 -15.47
C ASP C 135 23.31 16.97 -14.46
N VAL C 136 23.02 15.72 -14.18
CA VAL C 136 23.74 15.01 -13.13
C VAL C 136 24.18 13.62 -13.60
N ILE C 137 25.46 13.32 -13.38
CA ILE C 137 26.02 11.98 -13.58
C ILE C 137 26.60 11.55 -12.27
N ILE C 138 26.21 10.38 -11.78
CA ILE C 138 26.77 9.83 -10.56
C ILE C 138 27.48 8.52 -10.88
N VAL C 139 28.77 8.46 -10.57
CA VAL C 139 29.55 7.23 -10.65
C VAL C 139 29.47 6.57 -9.28
N ALA C 140 29.09 5.29 -9.25
CA ALA C 140 28.90 4.58 -7.98
C ALA C 140 29.35 3.15 -8.03
N SER C 141 29.46 2.54 -6.85
CA SER C 141 29.74 1.14 -6.71
C SER C 141 28.42 0.43 -6.41
N VAL C 142 28.48 -0.82 -5.95
CA VAL C 142 27.27 -1.55 -5.51
C VAL C 142 26.57 -0.94 -4.29
N SER C 143 27.20 0.05 -3.65
CA SER C 143 26.51 0.82 -2.62
C SER C 143 25.29 1.53 -3.21
N SER C 144 25.24 1.61 -4.55
CA SER C 144 24.08 2.13 -5.25
C SER C 144 22.77 1.39 -4.94
N ILE C 145 22.85 0.09 -4.63
CA ILE C 145 21.65 -0.70 -4.32
C ILE C 145 21.50 -1.04 -2.85
N TYR C 146 22.21 -0.32 -1.97
CA TYR C 146 22.08 -0.53 -0.53
C TYR C 146 21.00 0.36 0.06
N GLY C 147 20.43 -0.10 1.17
CA GLY C 147 19.39 0.62 1.89
C GLY C 147 19.77 2.06 2.18
N LEU C 148 18.80 2.95 1.96
CA LEU C 148 18.97 4.37 2.18
C LEU C 148 17.65 4.90 2.72
N GLY C 149 17.64 6.11 3.25
CA GLY C 149 16.40 6.70 3.76
C GLY C 149 15.54 7.21 2.62
N SER C 150 14.25 7.37 2.89
CA SER C 150 13.31 7.86 1.88
C SER C 150 13.82 9.13 1.20
N PRO C 151 13.92 9.11 -0.13
CA PRO C 151 14.24 10.36 -0.83
C PRO C 151 13.15 11.40 -0.72
N GLU C 152 11.91 10.95 -0.53
CA GLU C 152 10.75 11.82 -0.39
C GLU C 152 10.92 12.70 0.86
N GLU C 153 11.26 12.03 1.97
CA GLU C 153 11.58 12.70 3.23
C GLU C 153 12.72 13.71 3.06
N TYR C 154 13.86 13.22 2.56
CA TYR C 154 15.09 14.00 2.39
C TYR C 154 14.86 15.34 1.67
N ARG C 155 13.96 15.35 0.68
CA ARG C 155 13.73 16.56 -0.11
C ARG C 155 12.87 17.59 0.60
N GLU C 156 11.84 17.13 1.33
CA GLU C 156 10.88 18.04 1.97
C GLU C 156 11.46 18.67 3.24
N LEU C 157 12.42 17.99 3.85
CA LEU C 157 13.17 18.49 5.02
C LEU C 157 14.27 19.49 4.65
N VAL C 158 14.42 19.80 3.36
CA VAL C 158 15.36 20.82 2.93
C VAL C 158 14.97 22.16 3.55
N VAL C 159 15.79 22.60 4.50
CA VAL C 159 15.69 23.93 5.07
C VAL C 159 16.10 24.93 3.99
N SER C 160 15.10 25.65 3.46
CA SER C 160 15.31 26.68 2.44
C SER C 160 15.31 28.05 3.10
N LEU C 161 16.43 28.77 3.00
CA LEU C 161 16.57 30.07 3.67
C LEU C 161 16.56 31.23 2.67
N ARG C 162 16.12 32.38 3.15
CA ARG C 162 15.97 33.58 2.30
C ARG C 162 16.06 34.89 3.08
N VAL C 163 16.49 35.93 2.38
CA VAL C 163 16.48 37.30 2.92
C VAL C 163 15.04 37.84 2.90
N GLY C 164 14.53 38.19 4.08
CA GLY C 164 13.14 38.61 4.23
C GLY C 164 12.26 37.56 4.90
N MET C 165 12.79 36.35 5.07
CA MET C 165 12.09 35.30 5.81
C MET C 165 11.98 35.70 7.28
N GLU C 166 10.87 35.34 7.89
CA GLU C 166 10.59 35.67 9.29
C GLU C 166 10.62 34.42 10.16
N ILE C 167 11.69 34.28 10.94
CA ILE C 167 11.85 33.15 11.86
C ILE C 167 12.79 33.54 13.00
N GLU C 168 12.51 33.02 14.19
CA GLU C 168 13.35 33.25 15.36
C GLU C 168 14.68 32.50 15.19
N ARG C 169 15.71 32.98 15.87
CA ARG C 169 17.03 32.38 15.78
C ARG C 169 17.06 30.97 16.36
N ASN C 170 16.59 30.83 17.60
CA ASN C 170 16.63 29.54 18.31
C ASN C 170 15.69 28.46 17.73
N ALA C 171 14.79 28.87 16.84
CA ALA C 171 14.00 27.91 16.05
C ALA C 171 14.87 27.31 14.95
N LEU C 172 15.53 28.18 14.18
CA LEU C 172 16.46 27.75 13.13
C LEU C 172 17.52 26.80 13.66
N LEU C 173 17.94 26.99 14.90
CA LEU C 173 18.81 26.02 15.56
C LEU C 173 18.17 24.64 15.56
N ARG C 174 16.94 24.54 16.08
CA ARG C 174 16.25 23.25 16.16
C ARG C 174 15.83 22.68 14.81
N ARG C 175 15.62 23.55 13.83
CA ARG C 175 15.36 23.13 12.45
C ARG C 175 16.54 22.34 11.89
N LEU C 176 17.75 22.88 12.08
CA LEU C 176 18.98 22.25 11.60
C LEU C 176 19.34 20.99 12.36
N VAL C 177 19.12 21.00 13.68
CA VAL C 177 19.41 19.83 14.50
C VAL C 177 18.40 18.70 14.19
N ASP C 178 17.20 19.08 13.74
CA ASP C 178 16.21 18.11 13.26
C ASP C 178 16.62 17.38 11.98
N ILE C 179 17.50 18.01 11.20
CA ILE C 179 18.07 17.36 10.01
C ILE C 179 19.50 16.86 10.32
N GLN C 180 19.73 16.60 11.60
CA GLN C 180 20.94 15.97 12.14
C GLN C 180 22.27 16.70 11.86
N TYR C 181 22.22 18.04 11.83
CA TYR C 181 23.43 18.84 12.07
C TYR C 181 23.69 18.81 13.59
N ASP C 182 24.96 18.66 13.96
CA ASP C 182 25.36 18.67 15.37
C ASP C 182 25.82 20.06 15.79
N ARG C 183 25.60 20.39 17.06
CA ARG C 183 26.08 21.63 17.64
C ARG C 183 27.55 21.49 17.99
N ASN C 184 28.37 22.38 17.45
CA ASN C 184 29.75 22.55 17.89
C ASN C 184 30.28 23.90 17.41
N ASP C 185 30.90 24.64 18.32
CA ASP C 185 31.47 25.96 18.01
C ASP C 185 33.00 25.96 18.07
N ILE C 186 33.57 25.06 18.87
CA ILE C 186 35.02 24.90 18.97
C ILE C 186 35.58 24.42 17.62
N ASP C 187 35.02 23.31 17.12
CA ASP C 187 35.37 22.76 15.82
C ASP C 187 34.26 23.07 14.80
N PHE C 188 34.61 23.74 13.72
CA PHE C 188 33.65 24.10 12.67
C PHE C 188 33.95 23.24 11.44
N ARG C 189 33.69 21.95 11.58
CA ARG C 189 33.90 20.96 10.53
C ARG C 189 32.67 20.87 9.61
N ARG C 190 32.65 19.87 8.72
CA ARG C 190 31.53 19.66 7.81
C ARG C 190 30.29 19.15 8.56
N GLY C 191 29.12 19.63 8.16
CA GLY C 191 27.85 19.21 8.75
C GLY C 191 27.70 19.69 10.19
N THR C 192 27.91 20.99 10.38
CA THR C 192 27.79 21.60 11.70
C THR C 192 27.55 23.10 11.55
N PHE C 193 27.20 23.74 12.66
CA PHE C 193 26.94 25.19 12.66
C PHE C 193 27.49 25.86 13.91
N ARG C 194 27.99 27.08 13.73
CA ARG C 194 28.45 27.91 14.84
C ARG C 194 27.59 29.16 14.98
N VAL C 195 27.33 29.56 16.22
CA VAL C 195 26.50 30.72 16.54
C VAL C 195 27.24 31.67 17.47
N ARG C 196 27.12 32.96 17.21
CA ARG C 196 27.64 33.99 18.10
C ARG C 196 26.88 35.31 17.87
N GLY C 197 25.75 35.44 18.56
CA GLY C 197 24.90 36.62 18.46
C GLY C 197 23.86 36.50 17.35
N ASP C 198 23.86 37.48 16.44
CA ASP C 198 22.94 37.49 15.29
C ASP C 198 23.43 36.61 14.14
N VAL C 199 24.73 36.35 14.09
CA VAL C 199 25.33 35.61 12.97
C VAL C 199 25.37 34.09 13.25
N VAL C 200 24.75 33.34 12.34
CA VAL C 200 24.77 31.88 12.36
C VAL C 200 25.47 31.37 11.11
N GLU C 201 26.62 30.72 11.29
CA GLU C 201 27.35 30.11 10.18
C GLU C 201 27.09 28.61 10.16
N ILE C 202 26.87 28.07 8.97
CA ILE C 202 26.58 26.64 8.81
C ILE C 202 27.55 26.03 7.79
N PHE C 203 27.98 24.80 8.05
CA PHE C 203 28.80 24.04 7.10
C PHE C 203 27.98 22.91 6.47
N PRO C 204 27.48 23.11 5.24
CA PRO C 204 26.69 22.08 4.56
C PRO C 204 27.40 20.74 4.47
N ALA C 205 26.62 19.67 4.58
CA ALA C 205 27.16 18.30 4.51
C ALA C 205 27.70 17.95 3.12
N SER C 206 27.31 18.72 2.11
CA SER C 206 27.73 18.51 0.72
C SER C 206 28.84 19.46 0.24
N ARG C 207 29.67 19.95 1.17
CA ARG C 207 30.66 21.01 0.84
C ARG C 207 31.97 20.82 1.62
N ASP C 208 33.07 21.20 0.99
CA ASP C 208 34.43 21.02 1.55
C ASP C 208 34.91 22.25 2.33
N GLU C 209 34.90 23.39 1.65
CA GLU C 209 35.53 24.62 2.16
C GLU C 209 34.74 25.87 1.82
N HIS C 210 33.42 25.80 1.98
CA HIS C 210 32.51 26.93 1.72
C HIS C 210 31.31 26.87 2.66
N SER C 211 31.32 27.72 3.68
CA SER C 211 30.25 27.77 4.68
C SER C 211 29.19 28.82 4.33
N ILE C 212 28.08 28.77 5.07
CA ILE C 212 26.95 29.67 4.85
C ILE C 212 26.72 30.54 6.08
N ARG C 213 26.87 31.86 5.90
CA ARG C 213 26.69 32.82 6.99
C ARG C 213 25.33 33.49 6.87
N VAL C 214 24.49 33.26 7.88
CA VAL C 214 23.15 33.82 7.95
C VAL C 214 23.08 34.76 9.13
N GLU C 215 22.68 36.00 8.87
CA GLU C 215 22.64 37.05 9.89
C GLU C 215 21.20 37.46 10.20
N PHE C 216 20.92 37.60 11.49
CA PHE C 216 19.56 37.88 11.98
C PHE C 216 19.38 39.34 12.40
N PHE C 217 18.13 39.69 12.70
CA PHE C 217 17.76 40.97 13.32
C PHE C 217 16.41 40.83 14.04
N GLY C 218 16.46 40.31 15.26
CA GLY C 218 15.25 40.00 16.02
C GLY C 218 14.65 38.68 15.56
N ASP C 219 13.71 38.77 14.61
CA ASP C 219 13.07 37.60 14.00
C ASP C 219 13.02 37.75 12.48
N GLU C 220 14.18 38.00 11.86
CA GLU C 220 14.25 38.15 10.40
C GLU C 220 15.69 38.00 9.87
N ILE C 221 15.84 37.23 8.80
CA ILE C 221 17.14 37.03 8.16
C ILE C 221 17.48 38.24 7.29
N GLU C 222 18.48 39.00 7.70
CA GLU C 222 18.84 40.25 7.02
C GLU C 222 19.74 40.05 5.79
N ARG C 223 20.70 39.11 5.89
CA ARG C 223 21.58 38.81 4.75
C ARG C 223 22.17 37.39 4.82
N ILE C 224 22.46 36.84 3.65
CA ILE C 224 23.04 35.50 3.51
C ILE C 224 24.30 35.56 2.68
N ARG C 225 25.40 35.05 3.23
CA ARG C 225 26.71 35.11 2.58
C ARG C 225 27.28 33.72 2.34
N GLU C 226 28.15 33.62 1.34
CA GLU C 226 28.93 32.40 1.09
C GLU C 226 30.37 32.67 1.49
N VAL C 227 30.83 31.98 2.54
CA VAL C 227 32.11 32.27 3.18
C VAL C 227 33.06 31.07 3.14
N ASP C 228 34.34 31.34 2.91
CA ASP C 228 35.39 30.33 3.08
C ASP C 228 35.55 30.06 4.58
N ALA C 229 35.26 28.83 4.99
CA ALA C 229 35.20 28.47 6.40
C ALA C 229 36.52 28.70 7.15
N LEU C 230 37.63 28.36 6.50
CA LEU C 230 38.95 28.38 7.14
C LEU C 230 39.45 29.81 7.36
N THR C 231 39.57 30.56 6.27
CA THR C 231 40.15 31.91 6.30
C THR C 231 39.15 32.93 6.84
N GLY C 232 37.86 32.65 6.66
CA GLY C 232 36.81 33.62 6.98
C GLY C 232 36.78 34.73 5.95
N GLU C 233 36.75 34.34 4.68
CA GLU C 233 36.70 35.28 3.56
C GLU C 233 35.33 35.24 2.91
N VAL C 234 34.68 36.40 2.82
CA VAL C 234 33.34 36.51 2.24
C VAL C 234 33.44 36.41 0.71
N LEU C 235 32.97 35.29 0.16
CA LEU C 235 33.11 35.00 -1.27
C LEU C 235 31.94 35.49 -2.13
N GLY C 236 30.85 35.93 -1.48
CA GLY C 236 29.71 36.49 -2.22
C GLY C 236 28.44 36.68 -1.41
N GLU C 237 27.56 37.52 -1.95
CA GLU C 237 26.21 37.73 -1.41
C GLU C 237 25.25 36.82 -2.14
N ARG C 238 24.26 36.28 -1.43
CA ARG C 238 23.21 35.48 -2.06
C ARG C 238 21.82 35.72 -1.46
N GLU C 239 20.80 35.52 -2.29
CA GLU C 239 19.42 35.86 -1.97
C GLU C 239 18.71 34.72 -1.24
N HIS C 240 18.83 33.52 -1.80
CA HIS C 240 18.33 32.32 -1.14
C HIS C 240 19.37 31.20 -1.20
N VAL C 241 19.25 30.23 -0.30
CA VAL C 241 20.13 29.09 -0.27
C VAL C 241 19.42 27.90 0.40
N ALA C 242 19.56 26.72 -0.20
CA ALA C 242 18.90 25.51 0.28
C ALA C 242 19.86 24.61 1.06
N ILE C 243 19.46 24.18 2.25
CA ILE C 243 20.28 23.34 3.13
C ILE C 243 19.72 21.93 3.27
N PHE C 244 20.40 20.97 2.66
CA PHE C 244 19.98 19.58 2.71
C PHE C 244 20.44 18.91 3.99
N PRO C 245 19.77 17.82 4.39
CA PRO C 245 20.14 17.08 5.59
C PRO C 245 21.58 16.59 5.62
N ALA C 246 22.08 16.41 6.84
CA ALA C 246 23.42 15.87 7.08
C ALA C 246 23.34 14.37 7.37
N SER C 247 22.23 13.76 6.96
CA SER C 247 22.07 12.32 7.03
C SER C 247 21.08 11.87 5.96
N HIS C 248 21.30 10.69 5.39
CA HIS C 248 20.36 10.12 4.43
C HIS C 248 19.19 9.44 5.10
N PHE C 249 19.37 9.06 6.37
CA PHE C 249 18.30 8.40 7.15
C PHE C 249 17.55 9.36 8.06
N VAL C 250 17.25 10.56 7.56
CA VAL C 250 16.65 11.60 8.38
C VAL C 250 15.11 11.52 8.37
N THR C 251 14.52 11.90 9.50
CA THR C 251 13.07 11.91 9.67
C THR C 251 12.60 13.13 10.46
N ARG C 252 11.33 13.48 10.25
CA ARG C 252 10.68 14.55 11.03
C ARG C 252 10.62 14.21 12.50
N GLU C 253 10.46 15.26 13.32
CA GLU C 253 10.20 15.14 14.75
C GLU C 253 9.04 14.17 14.98
N GLU C 254 7.91 14.49 14.35
CA GLU C 254 6.67 13.70 14.48
C GLU C 254 6.86 12.25 14.10
N LYS C 255 7.47 12.03 12.94
CA LYS C 255 7.70 10.69 12.40
C LYS C 255 8.68 9.87 13.24
N MET C 256 9.60 10.55 13.91
CA MET C 256 10.55 9.89 14.79
C MET C 256 9.92 9.41 16.10
N ARG C 257 9.09 10.27 16.71
CA ARG C 257 8.35 9.90 17.93
C ARG C 257 7.66 8.54 17.79
N LEU C 258 6.95 8.36 16.68
CA LEU C 258 6.27 7.09 16.39
C LEU C 258 7.31 6.00 16.11
N ALA C 259 8.33 6.33 15.32
CA ALA C 259 9.40 5.40 15.03
C ALA C 259 10.00 4.81 16.30
N ILE C 260 10.30 5.69 17.26
CA ILE C 260 10.82 5.26 18.57
C ILE C 260 9.84 4.35 19.30
N GLN C 261 8.55 4.70 19.29
CA GLN C 261 7.52 3.88 19.92
C GLN C 261 7.47 2.49 19.33
N ASN C 262 7.53 2.43 17.99
CA ASN C 262 7.52 1.15 17.27
C ASN C 262 8.80 0.34 17.48
N ILE C 263 9.94 1.02 17.49
CA ILE C 263 11.21 0.36 17.80
C ILE C 263 11.17 -0.18 19.23
N GLU C 264 10.66 0.63 20.17
CA GLU C 264 10.52 0.23 21.55
C GLU C 264 9.58 -0.97 21.70
N GLN C 265 8.45 -0.91 20.98
CA GLN C 265 7.48 -2.00 20.97
C GLN C 265 8.07 -3.29 20.42
N GLU C 266 8.84 -3.20 19.34
CA GLU C 266 9.49 -4.36 18.76
C GLU C 266 10.60 -4.90 19.68
N LEU C 267 11.30 -3.99 20.37
CA LEU C 267 12.34 -4.38 21.32
C LEU C 267 11.79 -5.24 22.44
N GLU C 268 10.69 -4.79 23.05
CA GLU C 268 10.02 -5.54 24.11
C GLU C 268 9.54 -6.91 23.63
N GLU C 269 8.98 -6.92 22.42
CA GLU C 269 8.50 -8.16 21.79
C GLU C 269 9.66 -9.16 21.59
N ARG C 270 10.74 -8.68 21.00
CA ARG C 270 11.92 -9.50 20.71
C ARG C 270 12.62 -10.02 21.97
N LEU C 271 12.84 -9.14 22.95
CA LEU C 271 13.46 -9.54 24.22
C LEU C 271 12.69 -10.68 24.87
N ALA C 272 11.37 -10.59 24.83
CA ALA C 272 10.48 -11.65 25.32
C ALA C 272 10.74 -12.97 24.61
N GLU C 273 10.80 -12.92 23.28
CA GLU C 273 11.13 -14.11 22.47
C GLU C 273 12.43 -14.76 22.95
N LEU C 274 13.46 -13.95 23.14
CA LEU C 274 14.79 -14.44 23.51
C LEU C 274 14.85 -15.02 24.91
N ARG C 275 14.26 -14.33 25.88
CA ARG C 275 14.29 -14.77 27.28
C ARG C 275 13.58 -16.11 27.47
N ALA C 276 12.44 -16.27 26.80
CA ALA C 276 11.74 -17.55 26.77
C ALA C 276 12.59 -18.63 26.12
N GLN C 277 13.32 -18.27 25.06
CA GLN C 277 14.24 -19.18 24.37
C GLN C 277 15.48 -19.57 25.20
N GLY C 278 15.76 -18.80 26.25
CA GLY C 278 16.97 -18.98 27.04
C GLY C 278 18.07 -18.10 26.49
N LYS C 279 19.31 -18.38 26.91
CA LYS C 279 20.48 -17.58 26.53
C LYS C 279 20.28 -16.09 26.89
N LEU C 280 20.61 -15.77 28.14
CA LEU C 280 20.42 -14.42 28.68
C LEU C 280 21.39 -13.39 28.11
N LEU C 281 22.55 -13.85 27.64
CA LEU C 281 23.57 -12.97 27.04
C LEU C 281 23.04 -12.22 25.82
N GLU C 282 22.17 -12.87 25.06
CA GLU C 282 21.58 -12.31 23.85
C GLU C 282 20.69 -11.10 24.15
N ALA C 283 19.78 -11.28 25.09
CA ALA C 283 18.84 -10.22 25.48
C ALA C 283 19.54 -9.00 26.10
N GLN C 284 20.60 -9.23 26.86
CA GLN C 284 21.41 -8.13 27.44
C GLN C 284 22.10 -7.29 26.36
N ARG C 285 22.76 -7.97 25.42
CA ARG C 285 23.35 -7.30 24.26
C ARG C 285 22.33 -6.40 23.59
N LEU C 286 21.21 -7.01 23.20
CA LEU C 286 20.16 -6.33 22.44
C LEU C 286 19.55 -5.16 23.20
N GLU C 287 19.22 -5.41 24.47
CA GLU C 287 18.70 -4.39 25.38
C GLU C 287 19.60 -3.15 25.41
N GLN C 288 20.86 -3.35 25.81
CA GLN C 288 21.81 -2.25 25.97
C GLN C 288 22.02 -1.50 24.65
N ARG C 289 22.15 -2.24 23.57
CA ARG C 289 22.37 -1.70 22.26
C ARG C 289 21.21 -0.87 21.80
N THR C 290 20.01 -1.42 21.94
CA THR C 290 18.81 -0.72 21.50
C THR C 290 18.50 0.48 22.40
N ARG C 291 18.48 0.26 23.72
CA ARG C 291 18.30 1.33 24.70
C ARG C 291 19.26 2.50 24.46
N TYR C 292 20.49 2.18 24.12
CA TYR C 292 21.51 3.20 23.83
C TYR C 292 21.16 3.99 22.57
N ASP C 293 20.75 3.26 21.52
CA ASP C 293 20.30 3.91 20.29
C ASP C 293 19.06 4.77 20.52
N LEU C 294 18.10 4.23 21.26
CA LEU C 294 16.87 4.96 21.59
C LEU C 294 17.19 6.26 22.35
N GLU C 295 18.08 6.16 23.33
CA GLU C 295 18.52 7.33 24.10
C GLU C 295 19.20 8.38 23.22
N MET C 296 19.94 7.92 22.21
CA MET C 296 20.59 8.82 21.25
C MET C 296 19.57 9.58 20.42
N MET C 297 18.48 8.92 20.06
CA MET C 297 17.36 9.54 19.36
C MET C 297 16.54 10.40 20.31
N SER C 303 22.70 8.96 15.58
CA SER C 303 23.19 7.69 16.13
C SER C 303 24.39 7.16 15.31
N SER C 304 24.59 5.84 15.26
CA SER C 304 25.79 5.23 14.67
C SER C 304 25.46 4.17 13.62
N GLY C 305 24.81 3.09 14.06
CA GLY C 305 24.28 2.06 13.16
C GLY C 305 22.79 2.25 12.95
N ILE C 306 22.38 3.52 12.80
CA ILE C 306 20.97 3.88 12.63
C ILE C 306 20.32 3.17 11.46
N GLU C 307 21.12 2.91 10.43
CA GLU C 307 20.73 2.17 9.22
C GLU C 307 19.79 0.98 9.49
N ASN C 308 20.04 0.27 10.61
CA ASN C 308 19.27 -0.93 10.98
C ASN C 308 17.85 -0.67 11.50
N TYR C 309 17.46 0.60 11.57
CA TYR C 309 16.11 0.99 11.96
C TYR C 309 15.42 1.80 10.85
N SER C 310 15.96 1.74 9.64
CA SER C 310 15.45 2.55 8.52
C SER C 310 14.03 2.14 8.09
N ARG C 311 13.65 0.89 8.38
CA ARG C 311 12.28 0.45 8.16
C ARG C 311 11.34 1.14 9.16
N HIS C 312 11.73 1.18 10.42
CA HIS C 312 10.96 1.88 11.47
C HIS C 312 10.90 3.39 11.27
N LEU C 313 11.99 3.97 10.79
CA LEU C 313 12.06 5.41 10.57
C LEU C 313 11.14 5.88 9.43
N ALA C 314 11.06 5.09 8.35
CA ALA C 314 10.13 5.40 7.27
C ALA C 314 8.70 5.03 7.66
N LEU C 315 8.58 4.15 8.66
CA LEU C 315 7.28 3.62 9.12
C LEU C 315 6.65 2.84 8.00
N ARG C 316 7.35 1.80 7.56
CA ARG C 316 6.90 0.96 6.47
C ARG C 316 6.72 -0.47 6.96
N PRO C 317 5.89 -1.26 6.25
CA PRO C 317 5.64 -2.65 6.66
C PRO C 317 6.90 -3.52 6.66
N PRO C 318 6.91 -4.58 7.48
CA PRO C 318 7.99 -5.57 7.38
C PRO C 318 8.13 -6.17 5.98
N GLY C 319 9.35 -6.49 5.60
CA GLY C 319 9.65 -7.04 4.27
C GLY C 319 9.63 -6.02 3.15
N SER C 320 9.58 -4.73 3.48
CA SER C 320 9.56 -3.68 2.46
C SER C 320 10.86 -3.68 1.66
N THR C 321 10.73 -3.47 0.37
CA THR C 321 11.87 -3.21 -0.49
C THR C 321 12.50 -1.88 -0.07
N PRO C 322 13.80 -1.88 0.24
CA PRO C 322 14.38 -0.65 0.77
C PRO C 322 14.42 0.47 -0.28
N TYR C 323 14.59 1.69 0.20
CA TYR C 323 14.87 2.82 -0.67
C TYR C 323 16.36 2.84 -0.91
N THR C 324 16.76 3.18 -2.13
CA THR C 324 18.18 3.22 -2.50
C THR C 324 18.41 4.41 -3.41
N LEU C 325 19.66 4.62 -3.81
CA LEU C 325 20.02 5.76 -4.65
C LEU C 325 19.24 5.79 -5.96
N LEU C 326 18.86 4.62 -6.46
CA LEU C 326 18.01 4.51 -7.65
C LEU C 326 16.69 5.29 -7.54
N ASP C 327 16.14 5.37 -6.32
CA ASP C 327 14.87 6.06 -6.07
C ASP C 327 15.02 7.58 -5.95
N TYR C 328 16.25 8.06 -5.79
CA TYR C 328 16.51 9.50 -5.76
C TYR C 328 16.49 10.09 -7.17
N PHE C 329 16.65 9.24 -8.19
CA PHE C 329 16.59 9.67 -9.59
C PHE C 329 15.14 9.88 -10.07
N PRO C 330 14.96 10.69 -11.13
CA PRO C 330 13.67 10.69 -11.84
C PRO C 330 13.43 9.36 -12.55
N ASP C 331 12.24 9.16 -13.09
CA ASP C 331 11.89 7.88 -13.71
C ASP C 331 12.52 7.69 -15.08
N ASP C 332 12.84 8.79 -15.76
CA ASP C 332 13.53 8.74 -17.06
C ASP C 332 15.05 8.82 -16.86
N PHE C 333 15.60 7.87 -16.10
CA PHE C 333 17.03 7.86 -15.84
C PHE C 333 17.70 6.74 -16.62
N LEU C 334 19.00 6.91 -16.84
CA LEU C 334 19.81 5.98 -17.59
C LEU C 334 20.82 5.35 -16.65
N ILE C 335 21.04 4.05 -16.78
CA ILE C 335 22.06 3.34 -16.02
C ILE C 335 23.10 2.84 -17.00
N ILE C 336 24.38 3.08 -16.69
CA ILE C 336 25.51 2.50 -17.41
C ILE C 336 26.21 1.52 -16.48
N VAL C 337 26.47 0.31 -16.94
CA VAL C 337 27.14 -0.69 -16.12
C VAL C 337 28.51 -0.99 -16.70
N ASP C 338 29.55 -0.35 -16.14
CA ASP C 338 30.94 -0.61 -16.54
C ASP C 338 31.38 -2.01 -16.11
N GLU C 339 32.16 -2.68 -16.96
CA GLU C 339 32.58 -4.07 -16.74
C GLU C 339 31.42 -4.93 -16.27
N SER C 340 30.36 -4.99 -17.09
CA SER C 340 29.11 -5.66 -16.72
C SER C 340 29.23 -7.15 -16.46
N HIS C 341 30.22 -7.79 -17.07
CA HIS C 341 30.47 -9.23 -16.87
C HIS C 341 30.91 -9.60 -15.45
N VAL C 342 31.51 -8.65 -14.74
CA VAL C 342 31.87 -8.86 -13.33
C VAL C 342 31.03 -7.99 -12.37
N THR C 343 30.48 -6.88 -12.86
CA THR C 343 29.62 -6.00 -12.06
C THR C 343 28.22 -6.60 -11.77
N LEU C 344 27.60 -7.20 -12.77
CA LEU C 344 26.25 -7.76 -12.59
C LEU C 344 26.21 -8.97 -11.64
N PRO C 345 27.12 -9.94 -11.81
CA PRO C 345 27.14 -11.01 -10.82
C PRO C 345 27.31 -10.50 -9.38
N GLN C 346 28.08 -9.42 -9.20
CA GLN C 346 28.32 -8.83 -7.89
C GLN C 346 27.02 -8.24 -7.32
N LEU C 347 26.25 -7.56 -8.15
CA LEU C 347 24.91 -7.11 -7.79
C LEU C 347 23.98 -8.29 -7.48
N ARG C 348 24.07 -9.33 -8.28
CA ARG C 348 23.20 -10.50 -8.14
C ARG C 348 23.38 -11.20 -6.78
N GLY C 349 24.62 -11.30 -6.33
CA GLY C 349 24.96 -12.06 -5.12
C GLY C 349 24.92 -11.28 -3.83
N MET C 350 24.78 -9.96 -3.93
CA MET C 350 24.85 -9.10 -2.76
C MET C 350 23.80 -9.48 -1.71
N TYR C 351 22.52 -9.48 -2.09
CA TYR C 351 21.42 -9.76 -1.16
C TYR C 351 21.66 -11.00 -0.29
N ASN C 352 21.96 -12.13 -0.91
CA ASN C 352 22.16 -13.38 -0.17
C ASN C 352 23.25 -13.26 0.88
N GLY C 353 24.43 -12.80 0.46
CA GLY C 353 25.56 -12.62 1.37
C GLY C 353 25.20 -11.77 2.59
N ASP C 354 24.56 -10.64 2.33
CA ASP C 354 24.13 -9.70 3.36
C ASP C 354 23.04 -10.30 4.26
N ARG C 355 22.18 -11.14 3.68
CA ARG C 355 21.11 -11.79 4.44
C ARG C 355 21.63 -12.89 5.36
N ALA C 356 22.60 -13.67 4.90
CA ALA C 356 23.18 -14.73 5.71
C ALA C 356 23.95 -14.18 6.89
N ARG C 357 24.69 -13.09 6.65
CA ARG C 357 25.44 -12.42 7.71
C ARG C 357 24.51 -11.81 8.76
N LYS C 358 23.53 -11.06 8.28
CA LYS C 358 22.58 -10.36 9.16
C LYS C 358 21.67 -11.32 9.92
N GLN C 359 21.45 -12.52 9.38
CA GLN C 359 20.68 -13.54 10.08
C GLN C 359 21.37 -13.97 11.38
N VAL C 360 22.70 -14.06 11.34
CA VAL C 360 23.49 -14.42 12.52
C VAL C 360 23.42 -13.33 13.60
N LEU C 361 23.49 -12.06 13.19
CA LEU C 361 23.42 -10.93 14.13
C LEU C 361 22.07 -10.82 14.87
N VAL C 362 20.98 -11.26 14.25
CA VAL C 362 19.68 -11.30 14.88
C VAL C 362 19.62 -12.45 15.89
N ASP C 363 20.25 -13.57 15.53
CA ASP C 363 20.24 -14.77 16.36
C ASP C 363 21.12 -14.65 17.61
N HIS C 364 22.10 -13.74 17.58
CA HIS C 364 22.99 -13.49 18.73
C HIS C 364 22.65 -12.22 19.49
N GLY C 365 21.49 -11.63 19.21
CA GLY C 365 21.05 -10.43 19.91
C GLY C 365 21.79 -9.14 19.58
N PHE C 366 22.66 -9.18 18.57
CA PHE C 366 23.32 -7.96 18.11
C PHE C 366 22.28 -7.01 17.50
N ARG C 367 21.34 -7.54 16.71
CA ARG C 367 20.30 -6.67 16.13
C ARG C 367 18.91 -7.28 16.20
N LEU C 368 17.92 -6.44 15.93
CA LEU C 368 16.53 -6.85 15.82
C LEU C 368 16.23 -7.46 14.45
N PRO C 369 15.21 -8.32 14.35
CA PRO C 369 14.66 -8.77 13.06
C PRO C 369 14.45 -7.63 12.04
N SER C 370 13.97 -6.48 12.49
CA SER C 370 13.78 -5.33 11.60
C SER C 370 15.07 -4.74 11.04
N ALA C 371 16.22 -5.24 11.49
CA ALA C 371 17.51 -4.91 10.88
C ALA C 371 17.69 -5.60 9.51
N LEU C 372 17.07 -6.77 9.32
CA LEU C 372 17.06 -7.44 8.00
C LEU C 372 16.53 -6.54 6.87
N ASP C 373 15.63 -5.61 7.21
CA ASP C 373 15.12 -4.65 6.22
C ASP C 373 16.14 -3.58 5.84
N ASN C 374 17.23 -3.48 6.61
CA ASN C 374 18.44 -2.78 6.16
C ASN C 374 19.24 -3.77 5.35
N ARG C 375 19.06 -3.72 4.03
CA ARG C 375 19.68 -4.67 3.13
C ARG C 375 19.88 -4.04 1.78
N PRO C 376 20.71 -4.68 0.94
CA PRO C 376 20.74 -4.32 -0.46
C PRO C 376 19.57 -4.97 -1.19
N LEU C 377 19.36 -4.54 -2.43
CA LEU C 377 18.30 -5.10 -3.26
C LEU C 377 18.63 -6.50 -3.73
N THR C 378 17.60 -7.29 -3.97
CA THR C 378 17.74 -8.51 -4.77
C THR C 378 17.94 -8.08 -6.20
N PHE C 379 18.44 -8.98 -7.03
CA PHE C 379 18.62 -8.66 -8.43
C PHE C 379 17.29 -8.36 -9.11
N GLU C 380 16.24 -9.09 -8.73
CA GLU C 380 14.91 -8.89 -9.32
C GLU C 380 14.36 -7.51 -8.94
N GLU C 381 14.63 -7.10 -7.71
CA GLU C 381 14.27 -5.74 -7.27
C GLU C 381 15.07 -4.69 -8.02
N PHE C 382 16.34 -4.96 -8.29
CA PHE C 382 17.16 -4.06 -9.10
C PHE C 382 16.62 -3.91 -10.51
N GLU C 383 16.27 -5.03 -11.14
CA GLU C 383 15.72 -5.03 -12.49
C GLU C 383 14.48 -4.14 -12.61
N GLN C 384 13.56 -4.29 -11.67
CA GLN C 384 12.31 -3.50 -11.64
C GLN C 384 12.52 -1.99 -11.60
N LYS C 385 13.70 -1.57 -11.13
CA LYS C 385 14.03 -0.15 -11.06
C LYS C 385 14.76 0.37 -12.29
N ILE C 386 15.16 -0.54 -13.19
CA ILE C 386 15.73 -0.15 -14.50
C ILE C 386 14.67 0.54 -15.37
N ASN C 387 14.95 1.74 -15.82
CA ASN C 387 14.20 2.36 -16.89
C ASN C 387 14.86 1.93 -18.21
N GLN C 388 16.10 2.40 -18.42
CA GLN C 388 16.89 2.02 -19.59
C GLN C 388 18.34 1.84 -19.15
N ILE C 389 19.01 0.86 -19.75
CA ILE C 389 20.33 0.45 -19.30
C ILE C 389 21.25 0.08 -20.47
N ILE C 390 22.52 0.47 -20.36
CA ILE C 390 23.56 0.11 -21.32
C ILE C 390 24.68 -0.62 -20.61
N TYR C 391 24.94 -1.87 -20.99
CA TYR C 391 26.02 -2.64 -20.42
C TYR C 391 27.26 -2.40 -21.24
N VAL C 392 28.39 -2.27 -20.56
CA VAL C 392 29.66 -1.98 -21.20
C VAL C 392 30.70 -3.00 -20.74
N SER C 393 31.33 -3.65 -21.71
CA SER C 393 32.29 -4.71 -21.45
C SER C 393 33.02 -5.11 -22.71
N ALA C 394 34.30 -5.39 -22.58
CA ALA C 394 35.08 -6.06 -23.63
C ALA C 394 34.70 -7.53 -23.76
N THR C 395 34.15 -8.11 -22.70
CA THR C 395 33.77 -9.51 -22.67
C THR C 395 32.42 -9.67 -21.94
N PRO C 396 31.33 -9.19 -22.55
CA PRO C 396 30.00 -9.25 -21.92
C PRO C 396 29.53 -10.66 -21.55
N GLY C 397 28.76 -10.75 -20.47
CA GLY C 397 28.23 -12.02 -19.97
C GLY C 397 26.93 -12.39 -20.65
N PRO C 398 26.43 -13.60 -20.35
CA PRO C 398 25.21 -14.12 -20.99
C PRO C 398 23.99 -13.25 -20.75
N TYR C 399 23.86 -12.73 -19.54
CA TYR C 399 22.72 -11.90 -19.18
C TYR C 399 22.57 -10.72 -20.15
N GLU C 400 23.70 -10.06 -20.41
CA GLU C 400 23.70 -8.85 -21.23
C GLU C 400 23.34 -9.22 -22.65
N LEU C 401 23.99 -10.26 -23.14
CA LEU C 401 23.78 -10.69 -24.51
C LEU C 401 22.34 -11.16 -24.73
N GLU C 402 21.76 -11.87 -23.76
CA GLU C 402 20.41 -12.40 -23.94
C GLU C 402 19.35 -11.31 -23.95
N HIS C 403 19.54 -10.31 -23.11
CA HIS C 403 18.56 -9.23 -22.95
C HIS C 403 18.68 -8.13 -24.02
N SER C 404 19.82 -8.05 -24.70
CA SER C 404 20.07 -6.98 -25.66
C SER C 404 19.74 -7.45 -27.09
N PRO C 405 19.38 -6.50 -27.99
CA PRO C 405 19.18 -6.81 -29.40
C PRO C 405 20.49 -6.80 -30.17
N GLY C 406 21.27 -7.84 -30.05
CA GLY C 406 22.61 -7.83 -30.62
C GLY C 406 23.47 -6.86 -29.84
N VAL C 407 24.63 -6.54 -30.38
CA VAL C 407 25.60 -5.73 -29.67
C VAL C 407 26.03 -4.57 -30.53
N VAL C 408 26.51 -3.52 -29.89
CA VAL C 408 27.15 -2.42 -30.57
C VAL C 408 28.63 -2.69 -30.43
N GLU C 409 29.28 -2.96 -31.56
CA GLU C 409 30.67 -3.40 -31.54
C GLU C 409 31.59 -2.23 -31.77
N GLN C 410 32.61 -2.12 -30.93
CA GLN C 410 33.59 -1.05 -31.01
C GLN C 410 35.00 -1.65 -31.00
N ILE C 411 35.59 -1.72 -32.18
CA ILE C 411 36.84 -2.44 -32.44
C ILE C 411 38.05 -1.53 -32.63
N ILE C 412 37.86 -0.41 -33.31
CA ILE C 412 38.97 0.41 -33.73
C ILE C 412 39.38 1.36 -32.63
N ARG C 413 40.69 1.43 -32.42
CA ARG C 413 41.30 2.33 -31.46
C ARG C 413 41.67 3.64 -32.14
N PRO C 414 41.57 4.77 -31.41
CA PRO C 414 41.99 6.07 -31.97
C PRO C 414 43.43 6.11 -32.48
N THR C 415 44.32 5.35 -31.85
CA THR C 415 45.74 5.32 -32.20
C THR C 415 46.09 4.32 -33.28
N GLY C 416 45.13 3.45 -33.62
CA GLY C 416 45.35 2.39 -34.60
C GLY C 416 46.06 1.16 -34.05
N LEU C 417 46.35 1.14 -32.75
CA LEU C 417 46.99 -0.01 -32.11
C LEU C 417 46.23 -1.30 -32.37
N LEU C 418 46.97 -2.33 -32.77
CA LEU C 418 46.37 -3.63 -33.09
C LEU C 418 46.25 -4.51 -31.85
N ASP C 419 45.20 -5.33 -31.84
CA ASP C 419 45.13 -6.48 -30.94
C ASP C 419 46.37 -7.35 -31.18
N PRO C 420 46.99 -7.85 -30.11
CA PRO C 420 48.28 -8.50 -30.23
C PRO C 420 48.22 -9.85 -30.97
N THR C 421 49.40 -10.35 -31.31
CA THR C 421 49.54 -11.70 -31.86
C THR C 421 49.61 -12.67 -30.70
N ILE C 422 49.35 -13.95 -30.96
CA ILE C 422 49.39 -14.97 -29.92
C ILE C 422 50.06 -16.24 -30.41
N ASP C 423 51.12 -16.67 -29.72
CA ASP C 423 51.75 -17.97 -29.97
C ASP C 423 51.34 -18.93 -28.85
N VAL C 424 51.09 -20.19 -29.19
CA VAL C 424 50.99 -21.24 -28.18
C VAL C 424 52.32 -21.99 -28.18
N ARG C 425 52.89 -22.20 -27.00
CA ARG C 425 54.17 -22.87 -26.86
C ARG C 425 54.06 -24.01 -25.84
N PRO C 426 54.90 -25.04 -25.99
CA PRO C 426 54.89 -26.15 -25.04
C PRO C 426 55.32 -25.76 -23.62
N THR C 427 54.82 -26.51 -22.64
CA THR C 427 55.16 -26.29 -21.24
C THR C 427 56.57 -26.77 -20.88
N LYS C 428 57.14 -27.67 -21.68
CA LYS C 428 58.48 -28.18 -21.44
C LYS C 428 59.51 -27.08 -21.70
N GLY C 429 60.35 -26.81 -20.71
CA GLY C 429 61.31 -25.72 -20.77
C GLY C 429 60.65 -24.36 -20.97
N GLN C 430 59.48 -24.20 -20.37
CA GLN C 430 58.66 -23.00 -20.55
C GLN C 430 59.30 -21.79 -19.88
N ILE C 431 59.97 -22.03 -18.76
CA ILE C 431 60.53 -20.94 -17.97
C ILE C 431 61.84 -20.44 -18.59
N ASP C 432 62.70 -21.36 -19.01
CA ASP C 432 63.95 -20.98 -19.70
C ASP C 432 63.62 -20.22 -20.96
N ASP C 433 62.59 -20.67 -21.66
CA ASP C 433 62.08 -19.97 -22.84
C ASP C 433 61.59 -18.56 -22.46
N LEU C 434 60.68 -18.51 -21.49
CA LEU C 434 60.13 -17.26 -20.99
C LEU C 434 61.23 -16.27 -20.56
N ILE C 435 62.26 -16.79 -19.89
CA ILE C 435 63.38 -15.97 -19.43
C ILE C 435 64.13 -15.35 -20.61
N GLY C 436 64.42 -16.17 -21.61
CA GLY C 436 65.06 -15.70 -22.84
C GLY C 436 64.24 -14.61 -23.52
N GLU C 437 62.94 -14.83 -23.56
CA GLU C 437 62.00 -13.88 -24.15
C GLU C 437 61.91 -12.58 -23.35
N ILE C 438 62.06 -12.67 -22.02
CA ILE C 438 62.12 -11.49 -21.15
C ILE C 438 63.42 -10.70 -21.30
N ARG C 439 64.56 -11.40 -21.32
CA ARG C 439 65.86 -10.73 -21.49
C ARG C 439 65.95 -9.98 -22.82
N GLU C 440 65.29 -10.50 -23.85
CA GLU C 440 65.21 -9.85 -25.15
C GLU C 440 64.40 -8.55 -25.07
N ARG C 441 63.38 -8.56 -24.23
CA ARG C 441 62.54 -7.39 -24.00
C ARG C 441 63.23 -6.28 -23.22
N VAL C 442 64.07 -6.65 -22.24
CA VAL C 442 64.86 -5.67 -21.49
C VAL C 442 65.72 -4.83 -22.44
N GLU C 443 66.32 -5.49 -23.43
CA GLU C 443 67.14 -4.81 -24.44
C GLU C 443 66.36 -3.81 -25.29
N ARG C 444 65.06 -3.99 -25.42
CA ARG C 444 64.20 -3.05 -26.15
C ARG C 444 63.47 -2.06 -25.24
N ASN C 445 63.77 -2.11 -23.95
CA ASN C 445 63.13 -1.25 -22.95
C ASN C 445 61.61 -1.48 -22.92
N GLU C 446 61.23 -2.76 -22.84
CA GLU C 446 59.82 -3.18 -22.86
C GLU C 446 59.52 -4.11 -21.68
N ARG C 447 58.32 -3.99 -21.12
CA ARG C 447 57.96 -4.74 -19.91
C ARG C 447 57.18 -6.01 -20.22
N THR C 448 57.10 -6.88 -19.21
CA THR C 448 56.41 -8.16 -19.33
C THR C 448 55.49 -8.37 -18.15
N LEU C 449 54.32 -8.92 -18.43
CA LEU C 449 53.42 -9.39 -17.39
C LEU C 449 53.32 -10.90 -17.51
N VAL C 450 53.48 -11.60 -16.39
CA VAL C 450 53.31 -13.05 -16.35
C VAL C 450 52.11 -13.39 -15.47
N THR C 451 51.38 -14.42 -15.85
CA THR C 451 50.23 -14.89 -15.10
C THR C 451 50.42 -16.36 -14.80
N THR C 452 50.25 -16.72 -13.53
CA THR C 452 50.23 -18.12 -13.11
C THR C 452 48.93 -18.32 -12.34
N LEU C 453 48.76 -19.43 -11.63
CA LEU C 453 47.44 -19.81 -11.09
C LEU C 453 47.23 -19.57 -9.60
N THR C 454 48.32 -19.41 -8.84
CA THR C 454 48.24 -19.20 -7.40
C THR C 454 49.22 -18.15 -6.94
N LYS C 455 49.01 -17.65 -5.72
CA LYS C 455 49.90 -16.68 -5.08
C LYS C 455 51.25 -17.31 -4.76
N LYS C 456 51.21 -18.55 -4.29
CA LYS C 456 52.42 -19.32 -3.98
C LYS C 456 53.29 -19.42 -5.23
N MET C 457 52.70 -19.86 -6.34
CA MET C 457 53.43 -20.00 -7.62
C MET C 457 54.05 -18.68 -8.08
N ALA C 458 53.29 -17.61 -7.99
CA ALA C 458 53.76 -16.28 -8.35
C ALA C 458 54.95 -15.84 -7.51
N GLU C 459 54.83 -16.01 -6.19
CA GLU C 459 55.92 -15.65 -5.27
C GLU C 459 57.16 -16.53 -5.45
N ASP C 460 56.94 -17.81 -5.75
CA ASP C 460 58.04 -18.74 -6.03
C ASP C 460 58.74 -18.38 -7.35
N LEU C 461 57.94 -18.18 -8.40
CA LEU C 461 58.47 -17.83 -9.71
C LEU C 461 59.19 -16.49 -9.65
N THR C 462 58.65 -15.57 -8.87
CA THR C 462 59.29 -14.27 -8.64
C THR C 462 60.66 -14.44 -7.97
N ASP C 463 60.77 -15.34 -6.99
CA ASP C 463 62.05 -15.63 -6.35
C ASP C 463 63.06 -16.20 -7.35
N TYR C 464 62.63 -17.19 -8.10
CA TYR C 464 63.48 -17.83 -9.12
C TYR C 464 63.98 -16.83 -10.14
N LEU C 465 63.10 -15.94 -10.59
CA LEU C 465 63.45 -14.97 -11.64
C LEU C 465 64.42 -13.89 -11.15
N LYS C 466 64.35 -13.54 -9.86
CA LYS C 466 65.37 -12.71 -9.25
C LYS C 466 66.73 -13.40 -9.37
N GLU C 467 66.76 -14.68 -8.98
CA GLU C 467 67.96 -15.52 -9.09
C GLU C 467 68.61 -15.46 -10.48
N ALA C 468 67.79 -15.39 -11.52
CA ALA C 468 68.28 -15.29 -12.90
C ALA C 468 68.80 -13.88 -13.26
N GLY C 469 68.77 -12.96 -12.30
CA GLY C 469 69.30 -11.62 -12.50
C GLY C 469 68.34 -10.71 -13.22
N ILE C 470 67.04 -11.01 -13.10
CA ILE C 470 65.98 -10.22 -13.70
C ILE C 470 65.32 -9.39 -12.61
N LYS C 471 64.99 -8.15 -12.93
CA LYS C 471 64.29 -7.30 -11.98
C LYS C 471 62.80 -7.57 -12.02
N VAL C 472 62.29 -8.19 -10.96
CA VAL C 472 60.91 -8.65 -10.89
C VAL C 472 60.25 -8.25 -9.60
N ALA C 473 58.92 -8.09 -9.67
CA ALA C 473 58.06 -8.06 -8.48
C ALA C 473 56.89 -8.97 -8.68
N TYR C 474 56.25 -9.31 -7.58
CA TYR C 474 55.04 -10.12 -7.59
C TYR C 474 53.91 -9.22 -7.12
N LEU C 475 52.69 -9.51 -7.57
CA LEU C 475 51.57 -8.59 -7.41
C LEU C 475 50.25 -9.34 -7.33
N HIS C 476 49.63 -9.34 -6.16
CA HIS C 476 48.33 -9.98 -5.96
C HIS C 476 47.58 -9.47 -4.71
N SER C 477 46.38 -10.01 -4.49
CA SER C 477 45.41 -9.46 -3.52
C SER C 477 45.90 -9.25 -2.08
N GLU C 478 46.83 -10.08 -1.61
CA GLU C 478 47.41 -9.91 -0.26
C GLU C 478 48.08 -8.55 -0.11
N ILE C 479 48.75 -8.09 -1.16
CA ILE C 479 49.28 -6.74 -1.19
C ILE C 479 48.13 -5.74 -1.12
N LYS C 480 48.18 -4.84 -0.14
CA LYS C 480 47.15 -3.82 0.04
C LYS C 480 47.12 -2.85 -1.14
N THR C 481 45.91 -2.38 -1.47
CA THR C 481 45.66 -1.65 -2.72
C THR C 481 46.55 -0.41 -2.93
N LEU C 482 47.03 0.19 -1.83
CA LEU C 482 47.92 1.35 -1.91
C LEU C 482 49.32 1.00 -2.45
N GLU C 483 49.86 -0.13 -2.00
CA GLU C 483 51.19 -0.56 -2.42
C GLU C 483 51.19 -0.99 -3.90
N ARG C 484 50.06 -1.50 -4.36
CA ARG C 484 49.91 -1.87 -5.78
C ARG C 484 50.15 -0.67 -6.70
N ILE C 485 49.47 0.42 -6.42
CA ILE C 485 49.60 1.62 -7.22
C ILE C 485 51.09 1.96 -7.39
N GLU C 486 51.86 1.81 -6.32
CA GLU C 486 53.30 2.06 -6.33
C GLU C 486 54.04 1.05 -7.19
N ILE C 487 53.71 -0.22 -6.99
CA ILE C 487 54.38 -1.31 -7.71
C ILE C 487 54.13 -1.18 -9.22
N ILE C 488 52.91 -0.83 -9.60
CA ILE C 488 52.58 -0.60 -11.00
C ILE C 488 53.41 0.58 -11.52
N ARG C 489 53.47 1.65 -10.74
CA ARG C 489 54.30 2.82 -11.04
C ARG C 489 55.77 2.42 -11.23
N ASP C 490 56.25 1.55 -10.35
CA ASP C 490 57.65 1.07 -10.41
C ASP C 490 57.93 0.29 -11.71
N LEU C 491 56.96 -0.49 -12.16
CA LEU C 491 57.06 -1.19 -13.45
C LEU C 491 57.15 -0.22 -14.62
N ARG C 492 56.38 0.86 -14.56
CA ARG C 492 56.38 1.86 -15.63
C ARG C 492 57.70 2.64 -15.69
N LEU C 493 58.18 3.06 -14.52
CA LEU C 493 59.43 3.81 -14.39
C LEU C 493 60.68 3.01 -14.77
N GLY C 494 60.62 1.69 -14.57
CA GLY C 494 61.73 0.81 -14.95
C GLY C 494 62.52 0.26 -13.78
N LYS C 495 62.01 0.46 -12.56
CA LYS C 495 62.57 -0.21 -11.40
C LYS C 495 62.39 -1.72 -11.57
N TYR C 496 61.20 -2.13 -12.00
CA TYR C 496 60.91 -3.52 -12.34
C TYR C 496 60.83 -3.71 -13.86
N ASP C 497 61.23 -4.89 -14.32
CA ASP C 497 61.15 -5.25 -15.74
C ASP C 497 59.99 -6.20 -16.05
N VAL C 498 59.61 -7.02 -15.07
CA VAL C 498 58.55 -8.00 -15.22
C VAL C 498 57.67 -7.95 -13.99
N LEU C 499 56.40 -8.30 -14.16
CA LEU C 499 55.44 -8.32 -13.06
C LEU C 499 54.59 -9.58 -13.11
N VAL C 500 54.73 -10.42 -12.08
CA VAL C 500 54.01 -11.68 -12.02
C VAL C 500 52.72 -11.48 -11.24
N GLY C 501 51.64 -12.11 -11.73
CA GLY C 501 50.34 -12.03 -11.07
C GLY C 501 49.49 -13.27 -11.30
N ILE C 502 48.23 -13.17 -10.93
CA ILE C 502 47.27 -14.25 -11.10
C ILE C 502 46.01 -13.70 -11.77
N ASN C 503 45.32 -12.80 -11.09
CA ASN C 503 44.05 -12.29 -11.55
C ASN C 503 43.87 -10.78 -11.38
N LEU C 504 44.97 -10.04 -11.39
CA LEU C 504 44.93 -8.58 -11.41
C LEU C 504 45.27 -8.03 -12.77
N LEU C 505 45.92 -8.84 -13.58
CA LEU C 505 46.38 -8.38 -14.88
C LEU C 505 45.18 -8.45 -15.81
N ARG C 506 44.28 -7.51 -15.58
CA ARG C 506 42.87 -7.66 -15.92
C ARG C 506 42.26 -6.30 -16.26
N GLU C 507 40.93 -6.27 -16.30
CA GLU C 507 40.14 -5.05 -16.38
C GLU C 507 40.84 -3.84 -15.76
N GLY C 508 41.15 -2.84 -16.58
CA GLY C 508 41.60 -1.54 -16.10
C GLY C 508 43.08 -1.39 -15.78
N LEU C 509 43.89 -2.41 -16.05
CA LEU C 509 45.34 -2.30 -15.91
C LEU C 509 45.93 -1.90 -17.26
N ASP C 510 46.25 -0.62 -17.38
CA ASP C 510 46.57 -0.05 -18.68
C ASP C 510 47.98 0.50 -18.69
N ILE C 511 48.94 -0.35 -19.07
CA ILE C 511 50.38 -0.02 -19.05
C ILE C 511 50.98 -0.12 -20.46
N PRO C 512 51.25 1.03 -21.10
CA PRO C 512 51.82 1.03 -22.47
C PRO C 512 53.24 0.47 -22.61
N GLU C 513 54.01 0.47 -21.51
CA GLU C 513 55.37 -0.06 -21.53
C GLU C 513 55.39 -1.57 -21.74
N VAL C 514 54.37 -2.26 -21.24
CA VAL C 514 54.22 -3.71 -21.42
C VAL C 514 54.07 -4.06 -22.90
N SER C 515 54.90 -4.99 -23.38
CA SER C 515 54.81 -5.47 -24.77
C SER C 515 54.78 -6.99 -24.90
N LEU C 516 54.70 -7.69 -23.76
CA LEU C 516 54.59 -9.14 -23.75
C LEU C 516 53.75 -9.56 -22.56
N VAL C 517 52.80 -10.44 -22.81
CA VAL C 517 51.99 -11.04 -21.76
C VAL C 517 52.16 -12.53 -21.89
N ALA C 518 52.61 -13.17 -20.82
CA ALA C 518 52.83 -14.61 -20.79
C ALA C 518 51.78 -15.24 -19.89
N ILE C 519 51.03 -16.19 -20.43
CA ILE C 519 50.00 -16.91 -19.69
C ILE C 519 50.51 -18.31 -19.40
N LEU C 520 50.93 -18.55 -18.16
CA LEU C 520 51.35 -19.89 -17.72
C LEU C 520 50.11 -20.68 -17.36
N ASP C 521 50.18 -22.00 -17.55
CA ASP C 521 49.03 -22.89 -17.35
C ASP C 521 47.80 -22.39 -18.10
N ALA C 522 47.99 -22.04 -19.37
CA ALA C 522 46.95 -21.42 -20.18
C ALA C 522 45.75 -22.33 -20.44
N ASP C 523 45.96 -23.64 -20.40
CA ASP C 523 44.88 -24.61 -20.66
C ASP C 523 44.23 -25.21 -19.40
N LYS C 524 44.56 -24.70 -18.21
CA LYS C 524 43.92 -25.14 -16.97
C LYS C 524 42.57 -24.44 -16.78
N GLU C 525 41.52 -25.03 -17.33
CA GLU C 525 40.22 -24.37 -17.41
C GLU C 525 39.59 -24.11 -16.03
N GLY C 526 38.87 -23.00 -15.94
CA GLY C 526 38.33 -22.48 -14.69
C GLY C 526 38.05 -21.00 -14.85
N PHE C 527 37.78 -20.29 -13.76
CA PHE C 527 37.51 -18.85 -13.84
C PHE C 527 38.75 -17.99 -14.12
N LEU C 528 39.93 -18.59 -13.97
CA LEU C 528 41.19 -17.89 -14.28
C LEU C 528 41.62 -18.03 -15.74
N ARG C 529 41.14 -19.08 -16.42
CA ARG C 529 41.55 -19.39 -17.79
C ARG C 529 40.35 -19.67 -18.71
N SER C 530 39.32 -18.84 -18.58
CA SER C 530 38.15 -18.94 -19.44
C SER C 530 38.23 -17.95 -20.60
N GLU C 531 37.34 -18.11 -21.57
CA GLU C 531 37.20 -17.19 -22.69
C GLU C 531 37.24 -15.74 -22.21
N ARG C 532 36.39 -15.44 -21.24
CA ARG C 532 36.22 -14.09 -20.68
C ARG C 532 37.55 -13.61 -20.08
N SER C 533 38.11 -14.42 -19.19
CA SER C 533 39.33 -14.06 -18.47
C SER C 533 40.59 -14.00 -19.35
N LEU C 534 40.64 -14.83 -20.38
CA LEU C 534 41.78 -14.83 -21.32
C LEU C 534 41.81 -13.59 -22.20
N ILE C 535 40.68 -13.24 -22.80
CA ILE C 535 40.57 -12.02 -23.61
C ILE C 535 40.91 -10.77 -22.79
N GLN C 536 40.60 -10.80 -21.51
CA GLN C 536 40.90 -9.68 -20.62
C GLN C 536 42.41 -9.58 -20.34
N THR C 537 43.05 -10.71 -20.13
CA THR C 537 44.51 -10.78 -19.99
C THR C 537 45.24 -10.37 -21.28
N ILE C 538 44.73 -10.85 -22.42
CA ILE C 538 45.32 -10.57 -23.73
C ILE C 538 45.35 -9.06 -24.01
N GLY C 539 44.30 -8.37 -23.62
CA GLY C 539 44.18 -6.92 -23.77
C GLY C 539 45.23 -6.06 -23.08
N ARG C 540 45.99 -6.61 -22.13
CA ARG C 540 47.11 -5.86 -21.54
C ARG C 540 48.22 -5.62 -22.56
N ALA C 541 48.36 -6.52 -23.53
CA ALA C 541 49.33 -6.34 -24.61
C ALA C 541 48.85 -5.42 -25.72
N ALA C 542 47.56 -5.08 -25.71
CA ALA C 542 46.95 -4.26 -26.78
C ALA C 542 47.34 -2.78 -26.76
N ARG C 543 48.08 -2.33 -25.74
CA ARG C 543 48.48 -0.92 -25.64
C ARG C 543 49.84 -0.65 -26.25
N ASN C 544 50.55 -1.69 -26.66
CA ASN C 544 51.87 -1.54 -27.24
C ASN C 544 51.88 -2.08 -28.66
N ALA C 545 52.54 -1.33 -29.56
CA ALA C 545 52.53 -1.64 -30.99
C ALA C 545 53.24 -2.96 -31.33
N ASN C 546 54.14 -3.41 -30.45
CA ASN C 546 54.78 -4.72 -30.59
C ASN C 546 54.24 -5.73 -29.59
N GLY C 547 53.02 -5.50 -29.13
CA GLY C 547 52.41 -6.30 -28.08
C GLY C 547 52.12 -7.71 -28.54
N HIS C 548 52.53 -8.67 -27.71
CA HIS C 548 52.51 -10.08 -28.06
C HIS C 548 52.07 -10.90 -26.83
N VAL C 549 51.30 -11.95 -27.06
CA VAL C 549 50.89 -12.87 -25.99
C VAL C 549 51.45 -14.26 -26.26
N ILE C 550 51.97 -14.88 -25.22
CA ILE C 550 52.40 -16.26 -25.27
C ILE C 550 51.53 -17.05 -24.34
N MET C 551 50.99 -18.16 -24.82
CA MET C 551 50.20 -19.05 -23.99
C MET C 551 50.90 -20.39 -23.88
N TYR C 552 51.33 -20.73 -22.66
CA TYR C 552 52.02 -21.97 -22.41
C TYR C 552 51.03 -23.09 -22.13
N ALA C 553 50.89 -24.00 -23.08
CA ALA C 553 49.96 -25.11 -22.95
C ALA C 553 50.31 -26.23 -23.93
N ASP C 554 50.01 -27.46 -23.54
CA ASP C 554 50.24 -28.63 -24.40
C ASP C 554 48.96 -29.03 -25.11
N THR C 555 47.90 -28.25 -24.91
CA THR C 555 46.63 -28.43 -25.60
C THR C 555 46.03 -27.05 -25.86
N ILE C 556 45.19 -26.97 -26.87
CA ILE C 556 44.41 -25.76 -27.15
C ILE C 556 42.97 -26.04 -26.75
N THR C 557 42.59 -25.48 -25.61
CA THR C 557 41.32 -25.77 -24.99
C THR C 557 40.24 -24.87 -25.61
N LYS C 558 38.97 -25.13 -25.31
CA LYS C 558 37.84 -24.40 -25.91
C LYS C 558 37.91 -22.88 -25.71
N SER C 559 38.18 -22.47 -24.48
CA SER C 559 38.38 -21.07 -24.13
C SER C 559 39.50 -20.43 -24.93
N MET C 560 40.64 -21.10 -24.95
CA MET C 560 41.81 -20.64 -25.67
C MET C 560 41.48 -20.46 -27.14
N GLU C 561 40.79 -21.45 -27.70
CA GLU C 561 40.44 -21.49 -29.13
C GLU C 561 39.61 -20.26 -29.48
N ILE C 562 38.62 -19.97 -28.65
CA ILE C 562 37.77 -18.79 -28.85
C ILE C 562 38.56 -17.51 -28.58
N ALA C 563 39.35 -17.51 -27.52
CA ALA C 563 40.18 -16.36 -27.21
C ALA C 563 41.05 -15.98 -28.40
N ILE C 564 41.82 -16.95 -28.88
CA ILE C 564 42.74 -16.76 -30.01
C ILE C 564 42.00 -16.33 -31.28
N GLN C 565 40.89 -17.00 -31.57
CA GLN C 565 40.10 -16.73 -32.77
C GLN C 565 39.56 -15.30 -32.79
N GLU C 566 39.01 -14.86 -31.66
CA GLU C 566 38.46 -13.51 -31.57
C GLU C 566 39.55 -12.43 -31.61
N THR C 567 40.75 -12.75 -31.12
CA THR C 567 41.89 -11.84 -31.21
C THR C 567 42.39 -11.70 -32.67
N LYS C 568 42.45 -12.83 -33.38
CA LYS C 568 42.81 -12.84 -34.80
C LYS C 568 41.82 -12.00 -35.58
N ARG C 569 40.53 -12.24 -35.36
CA ARG C 569 39.48 -11.53 -36.09
C ARG C 569 39.59 -10.02 -35.91
N ARG C 570 39.82 -9.62 -34.67
CA ARG C 570 39.82 -8.21 -34.30
C ARG C 570 41.07 -7.53 -34.86
N ARG C 571 42.21 -8.20 -34.77
CA ARG C 571 43.46 -7.72 -35.36
C ARG C 571 43.31 -7.46 -36.87
N ALA C 572 42.77 -8.43 -37.59
CA ALA C 572 42.63 -8.33 -39.04
C ALA C 572 41.76 -7.15 -39.41
N ILE C 573 40.64 -6.98 -38.71
CA ILE C 573 39.77 -5.83 -38.97
C ILE C 573 40.49 -4.52 -38.65
N GLN C 574 41.24 -4.50 -37.56
CA GLN C 574 42.03 -3.31 -37.20
C GLN C 574 43.11 -3.01 -38.23
N GLU C 575 43.78 -4.06 -38.73
CA GLU C 575 44.79 -3.92 -39.80
C GLU C 575 44.21 -3.34 -41.09
N GLU C 576 43.01 -3.79 -41.44
CA GLU C 576 42.32 -3.31 -42.64
C GLU C 576 41.91 -1.84 -42.52
N TYR C 577 41.50 -1.43 -41.33
CA TYR C 577 41.17 -0.03 -41.10
C TYR C 577 42.41 0.82 -41.32
N ASN C 578 43.52 0.39 -40.73
CA ASN C 578 44.79 1.10 -40.88
C ASN C 578 45.28 1.17 -42.32
N ARG C 579 45.09 0.11 -43.08
CA ARG C 579 45.46 0.07 -44.49
C ARG C 579 44.65 1.09 -45.31
N LYS C 580 43.36 1.18 -45.04
CA LYS C 580 42.49 2.12 -45.75
C LYS C 580 42.73 3.58 -45.37
N HIS C 581 43.02 3.84 -44.10
CA HIS C 581 43.19 5.21 -43.60
C HIS C 581 44.68 5.59 -43.39
N GLY C 582 45.58 4.64 -43.68
CA GLY C 582 47.02 4.92 -43.75
C GLY C 582 47.69 5.17 -42.41
N ILE C 583 47.68 4.16 -41.55
CA ILE C 583 48.18 4.29 -40.15
C ILE C 583 49.15 3.16 -39.75
N VAL C 584 50.18 3.51 -38.97
CA VAL C 584 51.14 2.53 -38.39
C VAL C 584 51.45 2.91 -36.92
N PRO C 585 50.63 2.42 -35.96
CA PRO C 585 50.64 2.84 -34.56
C PRO C 585 51.94 3.51 -34.08
#